data_8P3S
#
_entry.id   8P3S
#
_cell.length_a   1.00
_cell.length_b   1.00
_cell.length_c   1.00
_cell.angle_alpha   90.00
_cell.angle_beta   90.00
_cell.angle_gamma   90.00
#
_symmetry.space_group_name_H-M   'P 1'
#
loop_
_entity.id
_entity.type
_entity.pdbx_description
1 polymer 'Glutamate receptor 2'
2 polymer 'Voltage-dependent calcium channel gamma-2 subunit'
3 non-polymer 'PALMITIC ACID'
4 non-polymer '(2R)-2,3-dihydroxypropyl (9Z)-octadec-9-enoate'
5 non-polymer '(2S)-3-(hexadecanoyloxy)-2-[(9Z)-octadec-9-enoyloxy]propyl 2-(trimethylammonio)ethyl phosphate'
6 water water
#
loop_
_entity_poly.entity_id
_entity_poly.type
_entity_poly.pdbx_seq_one_letter_code
_entity_poly.pdbx_strand_id
1 'polypeptide(L)'
;MQKIMHISVLLSPVLWGLIFGVSSNSIQIGGLFPRGADQEYSAFRVGMVQFSTSEFRLTPHIDNLEVANSFAVTNAFCSQ
FSRGVYAIFGFYDKKSVNTITSFCGTLHVSFITPSFPTDGTHPFVIQMRPDLKGALLSLIEYYQWDKFAYLYDSDRGLST
LQAVLDSAAEKKWQVTAINVGNINNDKKDETYRSLFQDLELKKERRVILDCERDKVNDIVDQVITIGKHVKGYHYIIANL
GFTDGDLLKIQFGGANVSGFQIVDYDDSLVSKFIERWSTLEEKEYPGAHTATIKYTSALTYDAVQVMTEAFRNLRKQRIE
ISRRGNAGDCLANPAVPWGQGVEIERALKQVQVEGLSGNIKFDQNGKRINYTINIMELKTNGPRKIGYWSEVDKMVVTLT
ELPSGNDTSGLENKTVVVTTILESPYVMMKKNHEMLEGNERYEGYCVDLAAEIAKHCGFKYKLTIVGDGKYGARDADTKI
WNGMVGELVYGKADIAIAPLTITLVREEVIDFSKPFMSLGISIMIKKPQKSKPGVFSFLDPLAYEIWMCIVFAYIGVSVV
LFLVSRFSPYEWHTEEFEDGRETQSSESTNEFGIFNSLWFSLGAFMRQGCDISPRSLSGRIVGGVWWFFTLIIISSYTAN
LAAFLTVERMVSPIESAEDLSKQTEIAYGTLDSGSTKEFFRRSKIAVFDKMWTYMRSAEPSVFVRTTAEGVARVRKSKGK
YAYLLESTMNEYIEQRKPCDTMKVGGNLDSKGYGIATPKGSSLRTPVNLAVLKLSEQGVLDKLKNKWWYDKGECGAKDSG
SKEKTSALSLSNVAGVFYILVGGLGLAMLVALIEFCYKSRAEAKRMKVAKNPQNINPSSSQNSQNFATYKEGYNVYGIES
VKI
;
A,B,C,D
2 'polypeptide(L)'
;MGLFDRGVQMLLTTVGAFAAFSLMTIAVGTDYWLYSRGVCKTKSVSENETSKKNEEVMTHSGLWRTCCLEGNFKGLCKQI
DHFPEDADYEADTAEYFLRAVRASSIFPILSVILLFMGGLCIAASEFYKTRHNIILSAGIFFVSAGLSNIIGIIVYISAN
AGDPSKSDSKKNSYSYGWSFYFGALSFIIAEMVGVLAVHMFIDRHKQLRATARATDYLQASAITRIPSYRYRYQRRSRSS
SRSTEPSHSRDASPVGVKGFNTLPSTEISMYTLSRDPLKAATTPTATYNSDRDNSFLQVHNCIQKDSKDSLHANTANRRT
TPV
;
E,F,G,H
#
loop_
_chem_comp.id
_chem_comp.type
_chem_comp.name
_chem_comp.formula
OLC non-polymer '(2R)-2,3-dihydroxypropyl (9Z)-octadec-9-enoate' 'C21 H40 O4'
PLM non-polymer 'PALMITIC ACID' 'C16 H32 O2'
POV non-polymer '(2S)-3-(hexadecanoyloxy)-2-[(9Z)-octadec-9-enoyloxy]propyl 2-(trimethylammonio)ethyl phosphate' 'C42 H82 N O8 P'
#
# COMPACT_ATOMS: atom_id res chain seq x y z
N LYS A 414 -58.32 26.58 30.89
CA LYS A 414 -57.63 26.87 32.17
C LYS A 414 -56.29 26.12 32.21
N THR A 415 -56.34 24.80 32.39
CA THR A 415 -55.08 24.01 32.49
C THR A 415 -54.42 23.96 31.11
N VAL A 416 -53.16 24.38 31.06
CA VAL A 416 -52.43 24.42 29.77
C VAL A 416 -51.99 23.00 29.39
N VAL A 417 -52.39 22.55 28.20
CA VAL A 417 -51.98 21.21 27.73
C VAL A 417 -50.60 21.34 27.07
N VAL A 418 -49.61 20.65 27.64
CA VAL A 418 -48.22 20.75 27.11
C VAL A 418 -47.93 19.54 26.26
N THR A 419 -47.55 19.76 25.00
CA THR A 419 -47.13 18.61 24.17
C THR A 419 -45.61 18.49 24.30
N THR A 420 -45.14 17.26 24.49
CA THR A 420 -43.68 17.06 24.59
C THR A 420 -43.33 15.70 23.99
N ILE A 421 -42.06 15.31 24.06
CA ILE A 421 -41.66 14.04 23.40
C ILE A 421 -40.77 13.22 24.34
N LEU A 422 -40.96 11.90 24.32
CA LEU A 422 -40.10 11.03 25.16
C LEU A 422 -38.74 10.98 24.48
N GLU A 423 -37.86 11.90 24.88
CA GLU A 423 -36.52 11.98 24.28
C GLU A 423 -35.56 12.21 25.44
N SER A 424 -34.64 11.29 25.67
CA SER A 424 -33.75 11.46 26.85
C SER A 424 -32.68 12.51 26.54
N PRO A 425 -32.24 13.33 27.53
CA PRO A 425 -32.77 13.32 28.91
C PRO A 425 -33.81 14.43 29.14
N TYR A 426 -34.48 14.85 28.08
CA TYR A 426 -35.45 15.96 28.20
C TYR A 426 -36.72 15.50 28.91
N VAL A 427 -37.28 14.38 28.46
CA VAL A 427 -38.50 13.81 29.11
C VAL A 427 -38.35 12.29 29.14
N MET A 428 -38.47 11.72 30.32
CA MET A 428 -38.29 10.25 30.45
C MET A 428 -39.33 9.73 31.44
N MET A 429 -39.67 8.45 31.33
CA MET A 429 -40.63 7.87 32.30
C MET A 429 -39.88 7.66 33.62
N LYS A 430 -40.44 8.14 34.73
CA LYS A 430 -39.81 7.87 36.05
C LYS A 430 -39.79 6.37 36.31
N LYS A 431 -38.76 5.87 36.99
CA LYS A 431 -38.64 4.42 37.23
C LYS A 431 -39.94 3.89 37.87
N ASN A 432 -40.58 4.69 38.72
CA ASN A 432 -41.80 4.23 39.42
C ASN A 432 -43.02 4.98 38.90
N HIS A 433 -43.05 5.29 37.60
CA HIS A 433 -44.13 6.13 37.04
C HIS A 433 -45.52 5.50 37.26
N GLU A 434 -45.60 4.16 37.23
CA GLU A 434 -46.91 3.48 37.39
C GLU A 434 -47.51 3.82 38.76
N MET A 435 -46.68 4.26 39.70
CA MET A 435 -47.17 4.56 41.07
C MET A 435 -47.41 6.06 41.23
N LEU A 436 -47.13 6.85 40.19
CA LEU A 436 -47.26 8.33 40.30
C LEU A 436 -48.37 8.85 39.37
N GLU A 437 -48.78 10.10 39.56
CA GLU A 437 -49.94 10.61 38.78
C GLU A 437 -49.58 11.82 37.92
N GLY A 438 -50.23 11.95 36.76
CA GLY A 438 -50.04 13.12 35.89
C GLY A 438 -48.60 13.54 35.59
N ASN A 439 -48.27 14.79 35.87
CA ASN A 439 -46.93 15.33 35.53
C ASN A 439 -45.85 14.62 36.34
N GLU A 440 -46.21 13.98 37.44
CA GLU A 440 -45.20 13.36 38.33
C GLU A 440 -44.68 12.05 37.74
N ARG A 441 -45.29 11.58 36.65
CA ARG A 441 -44.85 10.32 36.02
C ARG A 441 -43.59 10.56 35.19
N TYR A 442 -43.25 11.82 34.92
CA TYR A 442 -42.10 12.08 34.02
C TYR A 442 -40.97 12.81 34.73
N GLU A 443 -39.77 12.73 34.15
CA GLU A 443 -38.63 13.50 34.72
C GLU A 443 -37.70 13.89 33.57
N GLY A 444 -36.90 14.93 33.79
CA GLY A 444 -35.97 15.31 32.73
C GLY A 444 -35.73 16.81 32.69
N TYR A 445 -34.83 17.21 31.81
CA TYR A 445 -34.50 18.64 31.66
C TYR A 445 -35.78 19.43 31.37
N CYS A 446 -36.57 18.96 30.39
CA CYS A 446 -37.79 19.71 29.97
C CYS A 446 -38.90 19.58 31.01
N VAL A 447 -38.88 18.52 31.81
CA VAL A 447 -39.89 18.39 32.89
C VAL A 447 -39.55 19.46 33.93
N ASP A 448 -38.26 19.61 34.24
CA ASP A 448 -37.83 20.63 35.21
C ASP A 448 -38.13 22.02 34.65
N LEU A 449 -37.87 22.19 33.35
CA LEU A 449 -38.11 23.52 32.73
C LEU A 449 -39.61 23.83 32.66
N ALA A 450 -40.44 22.82 32.37
CA ALA A 450 -41.92 23.03 32.26
C ALA A 450 -42.47 23.55 33.59
N ALA A 451 -42.04 22.92 34.68
CA ALA A 451 -42.54 23.35 36.02
C ALA A 451 -42.16 24.81 36.23
N GLU A 452 -40.95 25.19 35.83
CA GLU A 452 -40.49 26.57 36.07
C GLU A 452 -41.18 27.57 35.14
N ILE A 453 -41.31 27.23 33.86
CA ILE A 453 -42.05 28.11 32.91
C ILE A 453 -43.46 28.33 33.47
N ALA A 454 -44.10 27.26 33.93
CA ALA A 454 -45.49 27.37 34.41
C ALA A 454 -45.57 28.28 35.65
N LYS A 455 -44.64 28.14 36.59
CA LYS A 455 -44.64 28.99 37.80
C LYS A 455 -44.44 30.45 37.41
N HIS A 456 -43.48 30.72 36.53
CA HIS A 456 -43.16 32.13 36.18
C HIS A 456 -44.22 32.75 35.25
N CYS A 457 -45.02 31.92 34.61
CA CYS A 457 -46.08 32.47 33.73
C CYS A 457 -47.41 32.38 34.45
N GLY A 458 -47.45 31.69 35.59
CA GLY A 458 -48.67 31.63 36.40
C GLY A 458 -49.76 30.77 35.78
N PHE A 459 -49.39 29.59 35.28
CA PHE A 459 -50.49 28.73 34.76
C PHE A 459 -50.35 27.28 35.24
N LYS A 460 -51.48 26.58 35.24
CA LYS A 460 -51.44 25.15 35.60
C LYS A 460 -51.28 24.41 34.29
N TYR A 461 -50.68 23.23 34.31
CA TYR A 461 -50.42 22.58 33.01
C TYR A 461 -50.52 21.07 33.12
N LYS A 462 -50.61 20.43 31.96
CA LYS A 462 -50.69 18.96 31.92
C LYS A 462 -49.72 18.49 30.83
N LEU A 463 -48.72 17.71 31.24
CA LEU A 463 -47.75 17.18 30.25
C LEU A 463 -48.42 16.06 29.45
N THR A 464 -48.28 16.10 28.12
CA THR A 464 -48.82 15.00 27.29
C THR A 464 -47.75 14.64 26.26
N ILE A 465 -47.56 13.34 26.05
CA ILE A 465 -46.54 12.89 25.06
C ILE A 465 -47.17 12.95 23.67
N VAL A 466 -46.51 13.61 22.74
CA VAL A 466 -47.04 13.71 21.35
C VAL A 466 -47.42 12.32 20.84
N GLY A 467 -48.65 12.17 20.35
CA GLY A 467 -49.15 10.85 19.92
C GLY A 467 -48.31 10.13 18.88
N ASP A 468 -47.82 10.84 17.87
CA ASP A 468 -47.09 10.14 16.77
C ASP A 468 -45.60 10.07 17.09
N GLY A 469 -45.19 10.61 18.23
CA GLY A 469 -43.77 10.54 18.64
C GLY A 469 -42.82 11.27 17.71
N LYS A 470 -43.32 12.26 16.98
CA LYS A 470 -42.47 13.02 16.03
C LYS A 470 -42.29 14.47 16.47
N TYR A 471 -41.28 15.13 15.92
CA TYR A 471 -41.01 16.54 16.28
C TYR A 471 -41.95 17.45 15.50
N GLY A 472 -42.02 17.26 14.19
CA GLY A 472 -42.93 18.10 13.41
C GLY A 472 -42.41 18.40 12.02
N ALA A 473 -43.14 17.93 11.02
CA ALA A 473 -42.77 18.23 9.63
C ALA A 473 -44.06 18.36 8.84
N ARG A 474 -44.01 19.12 7.77
CA ARG A 474 -45.22 19.27 6.92
C ARG A 474 -45.12 18.22 5.83
N ASP A 475 -46.12 17.34 5.78
CA ASP A 475 -46.09 16.24 4.80
C ASP A 475 -46.09 16.84 3.40
N ALA A 476 -45.07 16.53 2.61
CA ALA A 476 -45.07 16.99 1.22
C ALA A 476 -46.08 16.09 0.50
N ASP A 477 -47.29 16.61 0.28
CA ASP A 477 -48.34 15.76 -0.33
C ASP A 477 -49.66 16.13 0.34
N THR A 478 -49.84 15.69 1.58
CA THR A 478 -51.09 16.00 2.33
C THR A 478 -50.97 17.40 2.93
N LYS A 479 -49.75 17.94 2.99
CA LYS A 479 -49.49 19.31 3.55
C LYS A 479 -49.90 19.43 5.01
N ILE A 480 -50.18 18.29 5.64
CA ILE A 480 -50.56 18.27 7.08
C ILE A 480 -49.29 18.28 7.94
N TRP A 481 -49.34 19.03 9.03
CA TRP A 481 -48.20 19.08 9.98
C TRP A 481 -48.35 17.93 10.97
N ASN A 482 -47.27 17.19 11.17
CA ASN A 482 -47.33 16.08 12.15
C ASN A 482 -46.54 16.48 13.40
N GLY A 483 -46.39 15.53 14.32
CA GLY A 483 -45.55 15.75 15.51
C GLY A 483 -46.05 16.85 16.44
N MET A 484 -45.14 17.38 17.24
CA MET A 484 -45.53 18.42 18.23
C MET A 484 -45.99 19.68 17.50
N VAL A 485 -45.38 19.96 16.36
CA VAL A 485 -45.77 21.18 15.60
C VAL A 485 -47.23 21.03 15.19
N GLY A 486 -47.61 19.84 14.71
CA GLY A 486 -49.01 19.61 14.32
C GLY A 486 -49.95 19.80 15.49
N GLU A 487 -49.57 19.29 16.66
CA GLU A 487 -50.46 19.39 17.84
C GLU A 487 -50.75 20.87 18.13
N LEU A 488 -49.78 21.74 17.88
CA LEU A 488 -49.98 23.18 18.17
C LEU A 488 -50.78 23.80 17.03
N VAL A 489 -50.44 23.44 15.80
CA VAL A 489 -51.11 24.04 14.60
C VAL A 489 -52.60 23.70 14.61
N TYR A 490 -52.94 22.46 14.98
CA TYR A 490 -54.37 22.04 14.93
C TYR A 490 -55.02 22.25 16.31
N GLY A 491 -54.31 22.87 17.25
CA GLY A 491 -54.90 23.21 18.55
C GLY A 491 -55.13 22.03 19.49
N LYS A 492 -54.36 20.95 19.32
CA LYS A 492 -54.48 19.81 20.26
C LYS A 492 -53.67 20.11 21.51
N ALA A 493 -52.70 21.03 21.39
CA ALA A 493 -51.88 21.40 22.56
C ALA A 493 -51.73 22.92 22.62
N ASP A 494 -51.50 23.45 23.83
CA ASP A 494 -51.40 24.93 23.99
C ASP A 494 -49.94 25.39 23.98
N ILE A 495 -49.02 24.46 24.15
CA ILE A 495 -47.59 24.85 24.23
C ILE A 495 -46.76 23.58 24.06
N ALA A 496 -45.56 23.71 23.50
CA ALA A 496 -44.66 22.55 23.37
C ALA A 496 -43.40 22.91 24.16
N ILE A 497 -43.05 22.06 25.13
CA ILE A 497 -41.81 22.28 25.90
C ILE A 497 -40.96 21.04 25.62
N ALA A 498 -40.09 21.15 24.61
CA ALA A 498 -39.30 19.98 24.18
C ALA A 498 -38.04 20.43 23.45
N PRO A 499 -37.13 19.53 23.07
CA PRO A 499 -35.97 19.90 22.25
C PRO A 499 -36.46 20.17 20.83
N LEU A 500 -37.37 21.15 20.70
CA LEU A 500 -37.94 21.48 19.36
C LEU A 500 -37.11 22.59 18.72
N THR A 501 -36.51 22.28 17.59
CA THR A 501 -35.61 23.23 16.92
C THR A 501 -36.35 24.40 16.26
N ILE A 502 -35.86 25.61 16.52
CA ILE A 502 -36.44 26.82 15.88
C ILE A 502 -36.01 26.78 14.42
N THR A 503 -36.97 26.62 13.51
CA THR A 503 -36.63 26.63 12.07
C THR A 503 -37.54 27.61 11.35
N LEU A 504 -37.10 28.08 10.18
CA LEU A 504 -37.92 29.04 9.39
C LEU A 504 -39.28 28.41 9.07
N VAL A 505 -39.31 27.20 8.53
CA VAL A 505 -40.59 26.60 8.10
C VAL A 505 -41.55 26.45 9.29
N ARG A 506 -41.01 26.26 10.49
CA ARG A 506 -41.91 26.05 11.64
C ARG A 506 -42.36 27.42 12.15
N GLU A 507 -41.42 28.37 12.14
CA GLU A 507 -41.75 29.71 12.67
C GLU A 507 -42.85 30.35 11.80
N GLU A 508 -43.00 29.86 10.58
CA GLU A 508 -44.05 30.42 9.68
C GLU A 508 -45.42 29.98 10.18
N VAL A 509 -45.50 28.88 10.93
CA VAL A 509 -46.86 28.36 11.32
C VAL A 509 -47.05 28.35 12.84
N ILE A 510 -45.96 28.46 13.61
CA ILE A 510 -46.09 28.50 15.10
C ILE A 510 -45.13 29.56 15.65
N ASP A 511 -45.33 29.93 16.91
CA ASP A 511 -44.44 30.92 17.55
C ASP A 511 -43.41 30.21 18.42
N PHE A 512 -42.19 30.76 18.47
CA PHE A 512 -41.15 30.18 19.33
C PHE A 512 -40.59 31.24 20.27
N SER A 513 -40.28 30.84 21.49
CA SER A 513 -39.63 31.77 22.43
C SER A 513 -38.19 31.92 21.94
N LYS A 514 -37.43 32.79 22.60
CA LYS A 514 -35.99 32.88 22.26
C LYS A 514 -35.41 31.53 22.65
N PRO A 515 -34.24 31.12 22.15
CA PRO A 515 -33.72 29.80 22.48
C PRO A 515 -33.43 29.53 23.96
N PHE A 516 -33.78 28.33 24.42
CA PHE A 516 -33.43 27.97 25.82
C PHE A 516 -32.19 27.07 25.77
N MET A 517 -31.78 26.69 24.55
CA MET A 517 -30.59 25.81 24.39
C MET A 517 -30.00 26.08 23.01
N SER A 518 -28.68 26.21 22.92
CA SER A 518 -28.00 26.43 21.62
C SER A 518 -27.42 25.09 21.16
N LEU A 519 -27.47 24.81 19.86
CA LEU A 519 -26.97 23.48 19.38
C LEU A 519 -26.69 23.48 17.87
N GLY A 520 -26.30 22.31 17.37
CA GLY A 520 -26.06 22.16 15.92
C GLY A 520 -26.04 20.71 15.53
N ILE A 521 -26.23 20.42 14.25
CA ILE A 521 -26.15 19.02 13.76
C ILE A 521 -24.72 18.54 13.99
N SER A 522 -24.60 17.28 14.38
CA SER A 522 -23.25 16.72 14.64
C SER A 522 -23.19 15.28 14.16
N ILE A 523 -21.99 14.72 14.15
CA ILE A 523 -21.81 13.32 13.70
C ILE A 523 -21.58 12.41 14.91
N MET A 524 -22.36 11.34 14.99
CA MET A 524 -22.14 10.36 16.08
C MET A 524 -21.55 9.11 15.43
N ILE A 525 -20.41 8.64 15.94
CA ILE A 525 -19.82 7.38 15.41
C ILE A 525 -19.61 6.39 16.54
N LYS A 526 -19.53 5.12 16.17
CA LYS A 526 -19.18 4.09 17.17
C LYS A 526 -17.67 4.30 17.38
N LYS A 527 -17.21 4.25 18.62
CA LYS A 527 -15.78 4.57 18.88
C LYS A 527 -14.85 3.66 18.10
N PRO A 528 -13.57 3.88 18.18
CA PRO A 528 -12.81 2.90 17.46
C PRO A 528 -12.55 1.55 18.16
N GLN A 529 -12.51 1.52 19.49
CA GLN A 529 -12.40 0.22 20.22
C GLN A 529 -11.12 -0.52 19.82
N LYS A 530 -9.97 0.00 20.26
CA LYS A 530 -8.68 -0.67 19.96
C LYS A 530 -8.80 -2.19 20.14
N SER A 531 -8.32 -2.94 19.15
CA SER A 531 -8.39 -4.42 19.23
C SER A 531 -7.20 -4.94 20.02
N LYS A 532 -7.41 -6.00 20.80
CA LYS A 532 -6.28 -6.64 21.50
C LYS A 532 -5.86 -7.84 20.67
N PRO A 533 -4.62 -7.91 20.16
CA PRO A 533 -4.19 -9.02 19.35
C PRO A 533 -4.19 -10.34 20.13
N GLY A 534 -4.51 -11.42 19.43
CA GLY A 534 -4.52 -12.74 20.09
C GLY A 534 -3.11 -13.16 20.43
N VAL A 535 -2.99 -14.15 21.29
CA VAL A 535 -1.66 -14.61 21.71
C VAL A 535 -0.99 -15.30 20.52
N PHE A 536 -1.68 -16.22 19.88
CA PHE A 536 -1.10 -16.94 18.74
C PHE A 536 -1.53 -16.26 17.45
N SER A 537 -1.28 -14.97 17.39
CA SER A 537 -1.69 -14.17 16.22
C SER A 537 -0.58 -14.19 15.17
N PHE A 538 0.57 -14.77 15.51
CA PHE A 538 1.66 -14.83 14.53
C PHE A 538 1.36 -15.89 13.49
N LEU A 539 0.33 -16.69 13.73
CA LEU A 539 -0.09 -17.69 12.73
C LEU A 539 -1.10 -17.13 11.74
N ASP A 540 -1.47 -15.87 11.88
CA ASP A 540 -2.58 -15.32 11.05
C ASP A 540 -2.22 -15.22 9.57
N PRO A 541 -1.00 -14.83 9.17
CA PRO A 541 -0.75 -14.71 7.74
C PRO A 541 -1.10 -15.94 6.89
N LEU A 542 -1.04 -17.14 7.46
CA LEU A 542 -1.41 -18.37 6.71
C LEU A 542 -2.65 -18.99 7.31
N ALA A 543 -3.50 -19.54 6.47
CA ALA A 543 -4.75 -20.16 6.96
C ALA A 543 -4.42 -21.35 7.81
N TYR A 544 -5.42 -21.86 8.52
CA TYR A 544 -5.18 -22.98 9.45
C TYR A 544 -4.86 -24.22 8.66
N GLU A 545 -5.49 -24.39 7.50
CA GLU A 545 -5.24 -25.61 6.69
C GLU A 545 -3.80 -25.61 6.16
N ILE A 546 -3.22 -24.45 5.91
CA ILE A 546 -1.81 -24.44 5.45
C ILE A 546 -0.90 -24.94 6.57
N TRP A 547 -1.15 -24.55 7.81
CA TRP A 547 -0.33 -25.04 8.93
C TRP A 547 -0.52 -26.55 9.10
N MET A 548 -1.75 -27.01 9.04
CA MET A 548 -2.02 -28.45 9.20
C MET A 548 -1.26 -29.20 8.10
N CYS A 549 -1.33 -28.72 6.88
CA CYS A 549 -0.71 -29.50 5.79
C CYS A 549 0.80 -29.35 5.82
N ILE A 550 1.32 -28.27 6.39
CA ILE A 550 2.78 -28.14 6.57
C ILE A 550 3.24 -29.23 7.55
N VAL A 551 2.47 -29.47 8.59
CA VAL A 551 2.85 -30.51 9.57
C VAL A 551 2.80 -31.90 8.91
N PHE A 552 1.75 -32.18 8.17
CA PHE A 552 1.68 -33.48 7.49
C PHE A 552 2.80 -33.64 6.47
N ALA A 553 3.11 -32.60 5.73
CA ALA A 553 4.20 -32.66 4.74
C ALA A 553 5.53 -32.87 5.45
N TYR A 554 5.72 -32.29 6.62
CA TYR A 554 6.97 -32.49 7.37
C TYR A 554 7.11 -33.95 7.77
N ILE A 555 6.05 -34.56 8.26
CA ILE A 555 6.10 -35.98 8.65
C ILE A 555 6.40 -36.81 7.40
N GLY A 556 5.73 -36.53 6.30
CA GLY A 556 5.94 -37.32 5.09
C GLY A 556 7.37 -37.22 4.59
N VAL A 557 7.90 -36.00 4.55
CA VAL A 557 9.26 -35.81 4.00
C VAL A 557 10.26 -36.52 4.89
N SER A 558 10.11 -36.38 6.20
CA SER A 558 11.05 -37.04 7.13
C SER A 558 10.98 -38.54 6.93
N VAL A 559 9.80 -39.11 6.79
CA VAL A 559 9.71 -40.60 6.68
C VAL A 559 10.33 -41.03 5.35
N VAL A 560 10.05 -40.31 4.27
CA VAL A 560 10.55 -40.78 2.96
C VAL A 560 12.07 -40.57 2.91
N LEU A 561 12.57 -39.54 3.54
CA LEU A 561 14.06 -39.36 3.54
C LEU A 561 14.69 -40.47 4.36
N PHE A 562 14.08 -40.85 5.46
CA PHE A 562 14.61 -41.99 6.25
C PHE A 562 14.55 -43.26 5.39
N LEU A 563 13.47 -43.49 4.68
CA LEU A 563 13.33 -44.72 3.88
C LEU A 563 14.36 -44.76 2.76
N VAL A 564 14.37 -43.80 1.86
CA VAL A 564 15.26 -43.90 0.67
C VAL A 564 16.72 -43.90 1.09
N SER A 565 17.04 -43.21 2.16
CA SER A 565 18.46 -43.08 2.55
C SER A 565 18.94 -44.28 3.36
N ARG A 566 18.05 -45.19 3.73
CA ARG A 566 18.47 -46.19 4.74
C ARG A 566 17.99 -47.61 4.52
N PHE A 567 17.14 -47.91 3.53
CA PHE A 567 16.63 -49.29 3.50
C PHE A 567 17.55 -50.24 2.76
N SER A 568 18.13 -49.80 1.65
CA SER A 568 18.86 -50.73 0.77
C SER A 568 20.07 -51.31 1.49
N PRO A 569 20.24 -52.64 1.55
CA PRO A 569 21.39 -53.22 2.22
C PRO A 569 22.72 -52.81 1.59
N TYR A 570 22.69 -52.32 0.35
CA TYR A 570 23.93 -52.02 -0.38
C TYR A 570 24.50 -50.66 0.00
N GLU A 571 23.79 -49.90 0.83
CA GLU A 571 24.33 -48.60 1.31
C GLU A 571 25.09 -48.79 2.63
N TRP A 572 25.05 -49.98 3.22
CA TRP A 572 25.87 -50.24 4.43
C TRP A 572 27.27 -50.68 4.00
N ASN A 590 25.57 -39.16 11.87
CA ASN A 590 26.13 -38.66 10.58
C ASN A 590 25.29 -39.17 9.40
N GLU A 591 24.36 -40.07 9.66
CA GLU A 591 23.58 -40.68 8.57
C GLU A 591 22.11 -40.50 8.90
N PHE A 592 21.26 -40.57 7.88
CA PHE A 592 19.85 -40.22 8.07
C PHE A 592 19.02 -41.36 8.63
N GLY A 593 19.02 -41.49 9.94
CA GLY A 593 18.05 -42.40 10.56
C GLY A 593 16.75 -41.64 10.74
N ILE A 594 15.81 -42.18 11.48
CA ILE A 594 14.51 -41.47 11.57
C ILE A 594 14.67 -40.16 12.34
N PHE A 595 15.42 -40.17 13.44
N PHE A 595 15.46 -40.17 13.41
CA PHE A 595 15.56 -38.94 14.25
CA PHE A 595 15.55 -38.95 14.24
C PHE A 595 16.37 -37.90 13.49
C PHE A 595 16.42 -37.90 13.55
N ASN A 596 17.42 -38.34 12.80
CA ASN A 596 18.25 -37.38 12.06
C ASN A 596 17.48 -36.89 10.84
N SER A 597 16.63 -37.72 10.25
CA SER A 597 15.79 -37.28 9.13
C SER A 597 14.84 -36.18 9.62
N LEU A 598 14.23 -36.39 10.77
CA LEU A 598 13.31 -35.36 11.31
C LEU A 598 14.08 -34.08 11.62
N TRP A 599 15.26 -34.17 12.19
CA TRP A 599 16.02 -32.95 12.52
C TRP A 599 16.38 -32.21 11.23
N PHE A 600 16.74 -32.95 10.18
CA PHE A 600 17.16 -32.29 8.93
C PHE A 600 15.97 -31.56 8.36
N SER A 601 14.80 -32.19 8.37
CA SER A 601 13.61 -31.57 7.80
C SER A 601 13.25 -30.31 8.59
N LEU A 602 13.28 -30.39 9.90
CA LEU A 602 12.91 -29.23 10.73
C LEU A 602 13.90 -28.11 10.46
N GLY A 603 15.17 -28.41 10.43
CA GLY A 603 16.14 -27.34 10.23
C GLY A 603 16.03 -26.73 8.85
N ALA A 604 15.68 -27.54 7.87
CA ALA A 604 15.53 -27.01 6.51
C ALA A 604 14.32 -26.08 6.44
N PHE A 605 13.30 -26.35 7.22
CA PHE A 605 12.10 -25.50 7.19
C PHE A 605 12.41 -24.15 7.81
N MET A 606 13.16 -24.10 8.90
CA MET A 606 13.46 -22.82 9.55
C MET A 606 14.62 -22.11 8.84
N ARG A 607 15.05 -22.60 7.69
CA ARG A 607 16.20 -22.02 6.94
C ARG A 607 17.41 -21.95 7.86
N GLN A 608 17.55 -22.93 8.74
CA GLN A 608 18.64 -22.82 9.73
C GLN A 608 19.77 -23.78 9.42
N GLY A 609 20.12 -23.88 8.15
CA GLY A 609 21.33 -24.62 7.79
C GLY A 609 21.32 -26.07 8.21
N CYS A 610 22.29 -26.81 7.70
CA CYS A 610 22.31 -28.26 7.96
C CYS A 610 23.65 -28.68 8.51
N ASP A 611 23.61 -29.57 9.48
CA ASP A 611 24.87 -30.17 9.96
C ASP A 611 25.22 -31.35 9.05
N ILE A 612 24.28 -31.74 8.17
CA ILE A 612 24.56 -32.85 7.24
C ILE A 612 23.48 -32.82 6.16
N SER A 613 23.83 -33.22 4.95
CA SER A 613 22.84 -33.21 3.85
C SER A 613 22.86 -34.54 3.12
N PRO A 614 21.79 -34.92 2.40
CA PRO A 614 21.77 -36.20 1.76
C PRO A 614 22.88 -36.29 0.70
N ARG A 615 23.30 -37.52 0.41
CA ARG A 615 24.39 -37.70 -0.58
C ARG A 615 23.93 -38.54 -1.77
N SER A 616 22.81 -39.23 -1.65
CA SER A 616 22.37 -40.12 -2.75
C SER A 616 21.44 -39.36 -3.68
N LEU A 617 21.16 -39.92 -4.83
CA LEU A 617 20.25 -39.23 -5.77
C LEU A 617 18.87 -39.13 -5.14
N SER A 618 18.40 -40.17 -4.48
CA SER A 618 17.04 -40.15 -3.91
C SER A 618 16.98 -39.18 -2.74
N GLY A 619 17.95 -39.24 -1.85
CA GLY A 619 17.97 -38.29 -0.75
C GLY A 619 18.03 -36.88 -1.25
N ARG A 620 18.79 -36.65 -2.31
CA ARG A 620 18.95 -35.27 -2.83
C ARG A 620 17.68 -34.81 -3.52
N ILE A 621 16.93 -35.70 -4.16
CA ILE A 621 15.62 -35.30 -4.73
C ILE A 621 14.70 -34.86 -3.60
N VAL A 622 14.63 -35.63 -2.53
CA VAL A 622 13.73 -35.31 -1.41
C VAL A 622 14.18 -33.99 -0.78
N GLY A 623 15.47 -33.82 -0.60
CA GLY A 623 15.98 -32.59 0.02
C GLY A 623 15.69 -31.39 -0.84
N GLY A 624 15.89 -31.51 -2.14
CA GLY A 624 15.70 -30.35 -3.03
C GLY A 624 14.25 -29.95 -3.06
N VAL A 625 13.37 -30.92 -3.14
CA VAL A 625 11.93 -30.60 -3.19
C VAL A 625 11.48 -29.99 -1.87
N TRP A 626 11.98 -30.48 -0.74
CA TRP A 626 11.60 -29.89 0.54
C TRP A 626 12.17 -28.48 0.66
N TRP A 627 13.34 -28.24 0.12
CA TRP A 627 13.93 -26.88 0.14
C TRP A 627 13.07 -25.93 -0.69
N PHE A 628 12.60 -26.36 -1.85
CA PHE A 628 11.71 -25.51 -2.66
C PHE A 628 10.44 -25.22 -1.88
N PHE A 629 9.85 -26.23 -1.27
CA PHE A 629 8.59 -26.03 -0.55
C PHE A 629 8.80 -25.02 0.55
N THR A 630 9.90 -25.17 1.27
CA THR A 630 10.20 -24.25 2.38
C THR A 630 10.37 -22.82 1.86
N LEU A 631 11.05 -22.65 0.75
CA LEU A 631 11.33 -21.29 0.25
C LEU A 631 10.02 -20.60 -0.08
N ILE A 632 9.14 -21.27 -0.80
CA ILE A 632 7.87 -20.67 -1.21
C ILE A 632 7.05 -20.37 0.03
N ILE A 633 6.96 -21.29 0.98
CA ILE A 633 6.05 -21.09 2.13
C ILE A 633 6.55 -19.94 3.00
N ILE A 634 7.85 -19.84 3.24
CA ILE A 634 8.31 -18.78 4.16
C ILE A 634 8.26 -17.42 3.46
N SER A 635 8.55 -17.38 2.17
CA SER A 635 8.42 -16.12 1.42
C SER A 635 6.96 -15.68 1.47
N SER A 636 6.04 -16.60 1.35
CA SER A 636 4.62 -16.24 1.30
C SER A 636 4.16 -15.79 2.67
N TYR A 637 4.71 -16.35 3.72
CA TYR A 637 4.35 -15.90 5.08
C TYR A 637 4.77 -14.45 5.28
N THR A 638 6.00 -14.13 4.92
CA THR A 638 6.48 -12.75 5.08
C THR A 638 5.70 -11.80 4.19
N ALA A 639 5.40 -12.19 2.97
CA ALA A 639 4.70 -11.29 2.04
C ALA A 639 3.29 -11.02 2.56
N ASN A 640 2.60 -12.03 3.05
CA ASN A 640 1.23 -11.82 3.51
C ASN A 640 1.22 -11.05 4.83
N LEU A 641 2.20 -11.24 5.68
CA LEU A 641 2.25 -10.40 6.89
C LEU A 641 2.48 -8.95 6.49
N ALA A 642 3.31 -8.69 5.51
CA ALA A 642 3.55 -7.31 5.06
C ALA A 642 2.27 -6.74 4.49
N ALA A 643 1.51 -7.56 3.78
CA ALA A 643 0.23 -7.09 3.21
C ALA A 643 -0.72 -6.72 4.34
N PHE A 644 -0.82 -7.58 5.35
N PHE A 644 -0.79 -7.55 5.37
CA PHE A 644 -1.69 -7.29 6.50
CA PHE A 644 -1.68 -7.26 6.51
C PHE A 644 -1.31 -5.95 7.12
C PHE A 644 -1.30 -5.92 7.14
N LEU A 645 -0.03 -5.75 7.42
CA LEU A 645 0.36 -4.51 8.12
C LEU A 645 0.21 -3.30 7.20
N THR A 646 0.52 -3.45 5.92
CA THR A 646 0.47 -2.26 5.03
C THR A 646 -0.97 -1.85 4.83
N VAL A 647 -1.85 -2.80 4.67
CA VAL A 647 -3.26 -2.48 4.42
C VAL A 647 -3.87 -1.89 5.67
N GLU A 648 -3.53 -2.45 6.81
CA GLU A 648 -4.07 -1.94 8.09
C GLU A 648 -3.47 -0.59 8.41
N ARG A 649 -2.42 -0.18 7.72
CA ARG A 649 -1.76 1.10 8.05
C ARG A 649 -2.32 2.22 7.20
N MET A 650 -2.92 1.91 6.05
CA MET A 650 -3.44 2.98 5.18
C MET A 650 -4.93 3.16 5.42
N VAL A 651 -5.48 2.53 6.45
CA VAL A 651 -6.90 2.76 6.80
C VAL A 651 -6.99 4.17 7.41
N SER A 652 -8.18 4.77 7.39
CA SER A 652 -8.40 6.13 7.92
C SER A 652 -9.85 6.18 8.44
N PRO A 653 -10.16 6.91 9.53
CA PRO A 653 -11.50 6.90 10.10
C PRO A 653 -12.42 8.01 9.56
N ILE A 654 -13.34 8.50 10.40
CA ILE A 654 -14.20 9.65 10.00
C ILE A 654 -13.88 10.82 10.93
N GLU A 655 -13.69 12.01 10.35
CA GLU A 655 -13.37 13.20 11.17
C GLU A 655 -14.30 14.37 10.78
N SER A 656 -15.09 14.22 9.72
CA SER A 656 -15.93 15.36 9.30
C SER A 656 -17.08 14.95 8.37
N ALA A 657 -17.94 15.91 8.05
CA ALA A 657 -19.02 15.63 7.09
C ALA A 657 -18.40 15.47 5.69
N GLU A 658 -17.32 16.21 5.41
CA GLU A 658 -16.62 16.04 4.12
C GLU A 658 -16.16 14.59 4.01
N ASP A 659 -15.65 14.06 5.12
CA ASP A 659 -15.17 12.66 5.13
C ASP A 659 -16.33 11.72 4.78
N LEU A 660 -17.48 11.91 5.44
CA LEU A 660 -18.63 11.02 5.18
C LEU A 660 -19.02 11.13 3.70
N SER A 661 -19.02 12.34 3.16
CA SER A 661 -19.47 12.56 1.76
C SER A 661 -18.55 11.87 0.75
N LYS A 662 -17.24 11.86 1.02
CA LYS A 662 -16.28 11.31 0.03
C LYS A 662 -16.19 9.78 0.12
N GLN A 663 -16.94 9.13 1.02
CA GLN A 663 -16.77 7.66 1.11
C GLN A 663 -18.14 6.95 1.07
N THR A 664 -18.12 5.61 1.05
CA THR A 664 -19.40 4.88 0.95
C THR A 664 -19.42 3.63 1.84
N GLU A 665 -18.28 3.24 2.41
CA GLU A 665 -18.22 2.04 3.27
C GLU A 665 -19.07 2.28 4.51
N ILE A 666 -19.01 3.50 5.05
CA ILE A 666 -19.78 3.86 6.27
C ILE A 666 -21.09 4.52 5.85
N ALA A 667 -22.22 3.88 6.18
CA ALA A 667 -23.54 4.46 5.88
C ALA A 667 -23.84 5.56 6.90
N TYR A 668 -24.72 6.48 6.55
CA TYR A 668 -25.08 7.55 7.51
C TYR A 668 -26.46 8.10 7.20
N GLY A 669 -27.18 8.45 8.26
CA GLY A 669 -28.54 8.96 8.05
C GLY A 669 -29.01 9.88 9.18
N THR A 670 -30.29 10.21 9.17
CA THR A 670 -30.83 11.17 10.16
C THR A 670 -32.17 10.66 10.70
N LEU A 671 -32.76 11.39 11.64
CA LEU A 671 -34.12 11.03 12.12
C LEU A 671 -35.02 11.13 10.89
N ASP A 672 -35.89 10.15 10.67
CA ASP A 672 -36.75 10.10 9.46
C ASP A 672 -37.64 11.33 9.34
N SER A 673 -37.97 11.94 10.48
CA SER A 673 -38.81 13.15 10.47
C SER A 673 -38.20 14.15 11.44
N GLY A 674 -37.68 15.26 10.94
CA GLY A 674 -36.99 16.18 11.86
C GLY A 674 -36.33 17.35 11.18
N SER A 675 -35.81 18.28 11.98
CA SER A 675 -35.15 19.48 11.43
C SER A 675 -33.80 19.12 10.81
N THR A 676 -33.21 18.02 11.25
CA THR A 676 -31.92 17.59 10.67
C THR A 676 -32.18 17.13 9.24
N LYS A 677 -33.19 16.27 9.03
CA LYS A 677 -33.47 15.75 7.68
C LYS A 677 -33.76 16.93 6.76
N GLU A 678 -34.45 17.94 7.27
CA GLU A 678 -34.82 19.11 6.44
C GLU A 678 -33.57 19.94 6.15
N PHE A 679 -32.66 20.04 7.11
CA PHE A 679 -31.41 20.79 6.86
C PHE A 679 -30.75 20.24 5.60
N PHE A 680 -30.71 18.91 5.48
CA PHE A 680 -29.99 18.28 4.33
C PHE A 680 -30.82 18.37 3.06
N ARG A 681 -32.12 18.14 3.15
CA ARG A 681 -33.01 18.17 1.96
C ARG A 681 -32.99 19.55 1.28
N ARG A 682 -32.58 20.58 2.02
CA ARG A 682 -32.65 21.95 1.45
C ARG A 682 -31.27 22.59 1.37
N SER A 683 -30.23 21.91 1.83
CA SER A 683 -28.89 22.57 1.84
C SER A 683 -28.49 22.93 0.41
N LYS A 684 -27.89 24.09 0.24
CA LYS A 684 -27.38 24.48 -1.09
C LYS A 684 -25.87 24.39 -1.00
N ILE A 685 -25.37 23.88 0.14
CA ILE A 685 -23.91 23.72 0.34
C ILE A 685 -23.49 22.41 -0.35
N ALA A 686 -22.43 22.42 -1.15
CA ALA A 686 -22.03 21.23 -1.94
C ALA A 686 -21.89 19.94 -1.11
N VAL A 687 -21.13 19.96 -0.02
CA VAL A 687 -20.89 18.71 0.76
C VAL A 687 -22.22 18.19 1.31
N PHE A 688 -23.07 19.08 1.81
CA PHE A 688 -24.34 18.61 2.40
C PHE A 688 -25.31 18.15 1.30
N ASP A 689 -25.29 18.82 0.14
CA ASP A 689 -26.16 18.39 -0.97
C ASP A 689 -25.73 17.01 -1.44
N LYS A 690 -24.42 16.77 -1.45
CA LYS A 690 -23.90 15.44 -1.86
C LYS A 690 -24.37 14.41 -0.84
N MET A 691 -24.33 14.78 0.44
CA MET A 691 -24.74 13.83 1.52
C MET A 691 -26.24 13.56 1.38
N TRP A 692 -27.03 14.58 1.05
CA TRP A 692 -28.50 14.41 0.93
C TRP A 692 -28.79 13.49 -0.27
N THR A 693 -28.11 13.76 -1.38
CA THR A 693 -28.29 12.95 -2.60
C THR A 693 -28.09 11.47 -2.25
N TYR A 694 -27.04 11.20 -1.47
CA TYR A 694 -26.76 9.81 -1.06
C TYR A 694 -27.85 9.32 -0.09
N MET A 695 -28.06 10.04 1.01
CA MET A 695 -29.00 9.55 2.04
C MET A 695 -30.41 9.30 1.49
N ARG A 696 -30.91 10.19 0.64
CA ARG A 696 -32.32 10.03 0.18
C ARG A 696 -32.45 8.80 -0.73
N SER A 697 -31.34 8.30 -1.28
CA SER A 697 -31.45 7.15 -2.23
C SER A 697 -30.82 5.88 -1.64
N ALA A 698 -30.23 5.98 -0.46
CA ALA A 698 -29.54 4.81 0.13
C ALA A 698 -30.54 3.69 0.42
N GLU A 699 -30.14 2.45 0.15
CA GLU A 699 -31.01 1.29 0.45
C GLU A 699 -30.15 0.24 1.15
N PRO A 700 -30.59 -0.36 2.27
CA PRO A 700 -31.84 0.01 2.94
C PRO A 700 -31.83 1.46 3.45
N SER A 701 -33.01 1.96 3.84
CA SER A 701 -33.11 3.35 4.31
C SER A 701 -32.10 3.66 5.42
N VAL A 702 -31.50 4.83 5.35
CA VAL A 702 -30.54 5.24 6.40
C VAL A 702 -31.29 6.08 7.44
N PHE A 703 -32.58 6.29 7.23
CA PHE A 703 -33.36 7.13 8.17
C PHE A 703 -33.93 6.25 9.29
N VAL A 704 -34.14 6.85 10.45
CA VAL A 704 -34.64 6.08 11.62
C VAL A 704 -35.89 6.75 12.19
N ARG A 705 -36.74 5.98 12.86
CA ARG A 705 -38.02 6.53 13.40
C ARG A 705 -37.77 7.35 14.67
N THR A 706 -36.81 6.93 15.48
CA THR A 706 -36.55 7.66 16.75
C THR A 706 -35.05 7.82 16.97
N THR A 707 -34.68 8.75 17.83
CA THR A 707 -33.25 8.96 18.15
C THR A 707 -32.67 7.65 18.68
N ALA A 708 -33.39 6.98 19.58
CA ALA A 708 -32.89 5.74 20.19
C ALA A 708 -32.57 4.73 19.09
N GLU A 709 -33.38 4.71 18.04
CA GLU A 709 -33.17 3.76 16.93
C GLU A 709 -31.85 4.09 16.24
N GLY A 710 -31.58 5.37 16.03
CA GLY A 710 -30.32 5.77 15.38
C GLY A 710 -29.15 5.41 16.27
N VAL A 711 -29.28 5.64 17.58
CA VAL A 711 -28.18 5.33 18.52
C VAL A 711 -27.91 3.83 18.51
N ALA A 712 -28.96 3.02 18.54
CA ALA A 712 -28.78 1.55 18.54
C ALA A 712 -28.18 1.09 17.22
N ARG A 713 -28.60 1.70 16.10
CA ARG A 713 -28.03 1.33 14.78
C ARG A 713 -26.54 1.65 14.78
N VAL A 714 -26.16 2.79 15.33
CA VAL A 714 -24.72 3.09 15.42
C VAL A 714 -24.07 2.02 16.28
N ARG A 715 -24.64 1.75 17.46
CA ARG A 715 -24.00 0.81 18.41
C ARG A 715 -23.89 -0.61 17.84
N LYS A 716 -24.81 -1.01 16.96
CA LYS A 716 -24.79 -2.43 16.49
C LYS A 716 -24.13 -2.54 15.12
N SER A 717 -23.77 -1.42 14.49
CA SER A 717 -23.25 -1.51 13.10
C SER A 717 -21.72 -1.57 13.03
N LYS A 718 -21.05 -1.70 14.18
CA LYS A 718 -19.58 -1.86 14.21
C LYS A 718 -18.88 -0.72 13.46
N GLY A 719 -19.48 0.46 13.43
CA GLY A 719 -18.79 1.61 12.81
C GLY A 719 -19.11 1.72 11.34
N LYS A 720 -20.02 0.88 10.83
CA LYS A 720 -20.43 0.95 9.41
C LYS A 720 -21.66 1.86 9.29
N TYR A 721 -22.09 2.45 10.41
CA TYR A 721 -23.23 3.40 10.36
C TYR A 721 -22.91 4.60 11.27
N ALA A 722 -22.95 5.80 10.68
CA ALA A 722 -22.73 7.02 11.48
C ALA A 722 -24.09 7.71 11.56
N TYR A 723 -24.34 8.44 12.64
CA TYR A 723 -25.69 9.03 12.77
C TYR A 723 -25.57 10.55 12.86
N LEU A 724 -26.36 11.24 12.06
CA LEU A 724 -26.36 12.72 12.12
C LEU A 724 -27.49 13.14 13.07
N LEU A 725 -27.09 13.79 14.17
CA LEU A 725 -28.12 14.22 15.16
C LEU A 725 -27.65 15.47 15.87
N GLU A 726 -28.55 16.06 16.65
CA GLU A 726 -28.19 17.34 17.27
C GLU A 726 -27.11 17.13 18.32
N SER A 727 -26.17 18.08 18.37
CA SER A 727 -25.02 17.99 19.31
C SER A 727 -25.50 17.68 20.74
N THR A 728 -26.63 18.25 21.14
CA THR A 728 -27.16 18.05 22.50
C THR A 728 -27.41 16.55 22.77
N MET A 729 -28.11 15.89 21.85
CA MET A 729 -28.39 14.44 22.05
C MET A 729 -27.06 13.69 21.97
N ASN A 730 -26.21 14.05 21.01
CA ASN A 730 -24.90 13.38 20.82
C ASN A 730 -24.11 13.46 22.12
N GLU A 731 -24.00 14.66 22.69
CA GLU A 731 -23.22 14.88 23.95
C GLU A 731 -23.82 14.08 25.10
N TYR A 732 -25.14 13.99 25.12
CA TYR A 732 -25.79 13.24 26.22
C TYR A 732 -25.45 11.75 26.10
N ILE A 733 -25.65 11.18 24.90
CA ILE A 733 -25.42 9.73 24.67
C ILE A 733 -23.93 9.41 24.89
N GLU A 734 -23.06 10.37 24.58
CA GLU A 734 -21.60 10.14 24.77
C GLU A 734 -21.32 9.92 26.25
N GLN A 735 -22.20 10.41 27.13
CA GLN A 735 -21.96 10.26 28.59
C GLN A 735 -22.81 9.11 29.14
N ARG A 736 -23.30 8.24 28.26
CA ARG A 736 -24.15 7.12 28.71
C ARG A 736 -23.50 5.77 28.41
N LYS A 737 -23.63 4.84 29.34
CA LYS A 737 -23.08 3.47 29.10
C LYS A 737 -23.81 2.84 27.91
N PRO A 738 -23.19 1.93 27.14
CA PRO A 738 -21.79 1.49 27.34
C PRO A 738 -20.65 2.42 26.89
N CYS A 739 -20.89 3.73 26.75
CA CYS A 739 -19.80 4.67 26.44
C CYS A 739 -19.11 4.27 25.14
N ASP A 740 -19.87 3.79 24.16
CA ASP A 740 -19.24 3.27 22.92
C ASP A 740 -19.48 4.23 21.75
N THR A 741 -20.07 5.39 22.00
CA THR A 741 -20.29 6.32 20.88
C THR A 741 -19.50 7.60 21.10
N MET A 742 -19.33 8.37 20.03
CA MET A 742 -18.48 9.56 20.17
C MET A 742 -18.87 10.62 19.14
N LYS A 743 -18.83 11.87 19.57
CA LYS A 743 -19.17 13.00 18.68
C LYS A 743 -17.87 13.37 17.96
N VAL A 744 -17.91 13.45 16.63
CA VAL A 744 -16.66 13.74 15.85
C VAL A 744 -16.83 14.97 14.96
N GLY A 745 -15.79 15.80 14.87
CA GLY A 745 -15.88 17.02 14.07
C GLY A 745 -16.63 18.15 14.76
N GLY A 746 -16.77 19.27 14.06
CA GLY A 746 -17.52 20.39 14.65
C GLY A 746 -18.99 20.26 14.32
N ASN A 747 -19.78 21.23 14.76
CA ASN A 747 -21.22 21.20 14.40
C ASN A 747 -21.36 21.65 12.95
N LEU A 748 -22.33 21.07 12.24
CA LEU A 748 -22.54 21.40 10.80
C LEU A 748 -23.30 22.73 10.70
N ASP A 749 -24.04 23.10 11.76
CA ASP A 749 -24.76 24.39 11.74
C ASP A 749 -24.91 24.93 13.16
N SER A 750 -25.60 26.06 13.29
CA SER A 750 -25.82 26.68 14.61
C SER A 750 -27.30 27.03 14.73
N LYS A 751 -27.96 26.56 15.78
CA LYS A 751 -29.39 26.95 15.94
C LYS A 751 -29.80 26.78 17.40
N GLY A 752 -31.11 26.81 17.65
CA GLY A 752 -31.53 26.75 19.06
C GLY A 752 -32.87 26.05 19.23
N TYR A 753 -33.13 25.60 20.45
CA TYR A 753 -34.43 24.99 20.75
C TYR A 753 -35.29 26.11 21.36
N GLY A 754 -36.56 26.14 21.04
CA GLY A 754 -37.43 27.18 21.60
C GLY A 754 -38.71 26.60 22.15
N ILE A 755 -39.33 27.28 23.11
CA ILE A 755 -40.66 26.85 23.61
C ILE A 755 -41.65 27.31 22.55
N ALA A 756 -42.49 26.41 22.07
CA ALA A 756 -43.40 26.78 20.96
C ALA A 756 -44.84 26.93 21.43
N THR A 757 -45.53 27.88 20.83
CA THR A 757 -46.96 28.09 21.15
C THR A 757 -47.70 28.26 19.82
N PRO A 758 -49.03 28.01 19.77
CA PRO A 758 -49.79 28.24 18.54
C PRO A 758 -49.62 29.68 18.09
N LYS A 759 -49.55 29.88 16.78
CA LYS A 759 -49.45 31.26 16.25
C LYS A 759 -50.52 32.12 16.93
N GLY A 760 -50.08 33.24 17.51
CA GLY A 760 -51.05 34.17 18.12
C GLY A 760 -51.46 33.75 19.52
N SER A 761 -50.69 32.87 20.17
CA SER A 761 -51.14 32.38 21.51
C SER A 761 -50.96 33.48 22.55
N SER A 762 -51.87 33.51 23.52
CA SER A 762 -51.80 34.55 24.59
C SER A 762 -50.58 34.30 25.46
N LEU A 763 -50.10 33.05 25.51
CA LEU A 763 -48.97 32.68 26.39
C LEU A 763 -47.62 33.11 25.79
N ARG A 764 -47.62 33.50 24.52
CA ARG A 764 -46.31 33.77 23.85
C ARG A 764 -45.43 34.75 24.61
N THR A 765 -45.97 35.88 25.05
CA THR A 765 -45.10 36.94 25.66
C THR A 765 -44.56 36.50 27.02
N PRO A 766 -45.41 36.05 27.97
CA PRO A 766 -44.94 35.64 29.29
C PRO A 766 -43.91 34.50 29.19
N VAL A 767 -44.13 33.54 28.27
CA VAL A 767 -43.19 32.38 28.19
C VAL A 767 -41.86 32.82 27.57
N ASN A 768 -41.90 33.77 26.63
CA ASN A 768 -40.63 34.30 26.07
C ASN A 768 -39.85 35.00 27.18
N LEU A 769 -40.54 35.79 27.99
CA LEU A 769 -39.87 36.51 29.09
C LEU A 769 -39.37 35.53 30.15
N ALA A 770 -40.11 34.46 30.44
CA ALA A 770 -39.70 33.48 31.48
C ALA A 770 -38.42 32.78 31.04
N VAL A 771 -38.34 32.39 29.77
CA VAL A 771 -37.13 31.71 29.22
C VAL A 771 -35.92 32.63 29.40
N LEU A 772 -36.10 33.91 29.10
CA LEU A 772 -35.00 34.89 29.28
C LEU A 772 -34.66 35.03 30.78
N LYS A 773 -35.67 35.05 31.67
CA LYS A 773 -35.42 35.11 33.13
C LYS A 773 -34.66 33.85 33.57
N LEU A 774 -35.07 32.67 33.11
CA LEU A 774 -34.41 31.39 33.49
C LEU A 774 -33.00 31.37 32.88
N SER A 775 -32.84 31.89 31.66
CA SER A 775 -31.49 32.06 31.07
C SER A 775 -30.66 32.95 32.00
N GLU A 776 -31.11 34.18 32.24
CA GLU A 776 -30.30 35.14 33.04
C GLU A 776 -30.05 34.65 34.46
N GLN A 777 -30.92 33.82 35.03
CA GLN A 777 -30.64 33.43 36.45
C GLN A 777 -29.80 32.17 36.49
N GLY A 778 -29.33 31.72 35.34
CA GLY A 778 -28.44 30.54 35.33
C GLY A 778 -29.17 29.21 35.42
N VAL A 779 -30.50 29.21 35.42
CA VAL A 779 -31.27 27.96 35.59
C VAL A 779 -31.01 27.01 34.41
N LEU A 780 -30.92 27.56 33.21
CA LEU A 780 -30.77 26.69 32.02
C LEU A 780 -29.42 25.98 32.06
N ASP A 781 -28.37 26.66 32.55
CA ASP A 781 -27.03 26.04 32.61
C ASP A 781 -27.03 24.96 33.69
N LYS A 782 -27.66 25.24 34.84
CA LYS A 782 -27.74 24.23 35.92
C LYS A 782 -28.46 22.98 35.42
N LEU A 783 -29.57 23.17 34.70
CA LEU A 783 -30.39 22.02 34.26
C LEU A 783 -29.64 21.21 33.19
N LYS A 784 -28.86 21.88 32.33
CA LYS A 784 -28.13 21.06 31.33
C LYS A 784 -27.06 20.25 32.08
N ASN A 785 -26.37 20.92 33.00
CA ASN A 785 -25.33 20.19 33.77
C ASN A 785 -25.97 19.05 34.57
N LYS A 786 -27.11 19.32 35.18
CA LYS A 786 -27.78 18.30 36.01
C LYS A 786 -28.05 17.06 35.17
N TRP A 787 -28.65 17.25 34.00
CA TRP A 787 -29.11 16.08 33.18
C TRP A 787 -28.06 15.57 32.18
N TRP A 788 -26.98 16.31 31.93
CA TRP A 788 -25.97 15.72 31.00
C TRP A 788 -24.76 15.21 31.78
N TYR A 789 -24.17 16.08 32.61
CA TYR A 789 -22.84 15.78 33.20
C TYR A 789 -22.88 15.33 34.67
N ASP A 790 -23.77 15.85 35.51
CA ASP A 790 -23.75 15.41 36.93
C ASP A 790 -23.94 13.89 36.99
N LYS A 791 -24.78 13.33 36.12
CA LYS A 791 -25.01 11.85 36.10
C LYS A 791 -24.32 11.20 34.88
N GLY A 792 -23.16 11.72 34.45
CA GLY A 792 -22.40 11.09 33.34
C GLY A 792 -21.78 9.74 33.71
N GLU A 793 -21.95 8.72 32.86
CA GLU A 793 -21.44 7.36 33.17
C GLU A 793 -20.12 7.05 32.45
N CYS A 794 -19.58 8.03 31.74
CA CYS A 794 -18.29 7.85 31.01
C CYS A 794 -17.34 8.97 31.45
N THR A 805 0.29 3.29 17.96
CA THR A 805 1.68 3.48 17.48
C THR A 805 1.89 2.69 16.20
N SER A 806 3.02 2.90 15.54
CA SER A 806 3.26 2.26 14.23
C SER A 806 4.10 0.99 14.40
N ALA A 807 5.06 1.02 15.32
CA ALA A 807 5.91 -0.16 15.56
C ALA A 807 5.07 -1.34 15.99
N LEU A 808 5.71 -2.49 16.01
CA LEU A 808 5.01 -3.74 16.36
C LEU A 808 5.19 -3.96 17.85
N SER A 809 4.10 -4.26 18.54
CA SER A 809 4.15 -4.33 20.01
C SER A 809 4.41 -5.75 20.49
N LEU A 810 4.83 -5.86 21.73
CA LEU A 810 5.13 -7.20 22.29
C LEU A 810 3.89 -8.06 22.29
N SER A 811 2.72 -7.47 22.28
CA SER A 811 1.47 -8.25 22.32
C SER A 811 1.30 -9.00 21.00
N ASN A 812 1.73 -8.40 19.91
CA ASN A 812 1.58 -9.04 18.59
C ASN A 812 2.42 -10.29 18.48
N VAL A 813 3.41 -10.48 19.36
CA VAL A 813 4.33 -11.64 19.19
C VAL A 813 4.47 -12.38 20.51
N ALA A 814 3.72 -12.01 21.54
CA ALA A 814 3.91 -12.63 22.86
C ALA A 814 3.80 -14.13 22.77
N GLY A 815 2.96 -14.64 21.88
CA GLY A 815 2.77 -16.09 21.81
C GLY A 815 4.07 -16.81 21.49
N VAL A 816 4.89 -16.21 20.66
CA VAL A 816 6.13 -16.89 20.24
C VAL A 816 7.07 -16.92 21.44
N PHE A 817 7.03 -15.93 22.30
CA PHE A 817 7.84 -15.94 23.53
C PHE A 817 7.34 -17.04 24.48
N TYR A 818 6.03 -17.18 24.59
CA TYR A 818 5.49 -18.23 25.47
C TYR A 818 5.93 -19.60 24.97
N ILE A 819 5.86 -19.82 23.66
CA ILE A 819 6.29 -21.11 23.09
C ILE A 819 7.78 -21.31 23.37
N LEU A 820 8.59 -20.28 23.21
CA LEU A 820 10.04 -20.42 23.42
C LEU A 820 10.31 -20.84 24.85
N VAL A 821 9.72 -20.17 25.82
CA VAL A 821 10.05 -20.48 27.23
C VAL A 821 9.46 -21.83 27.60
N GLY A 822 8.31 -22.16 27.06
CA GLY A 822 7.78 -23.50 27.33
C GLY A 822 8.68 -24.58 26.77
N GLY A 823 9.25 -24.32 25.60
CA GLY A 823 10.18 -25.30 25.00
C GLY A 823 11.45 -25.42 25.81
N LEU A 824 11.95 -24.34 26.36
CA LEU A 824 13.15 -24.40 27.20
C LEU A 824 12.84 -25.23 28.46
N GLY A 825 11.69 -25.02 29.05
CA GLY A 825 11.32 -25.83 30.21
C GLY A 825 11.19 -27.31 29.87
N LEU A 826 10.55 -27.61 28.76
CA LEU A 826 10.40 -29.02 28.33
C LEU A 826 11.79 -29.62 28.09
N ALA A 827 12.69 -28.87 27.49
CA ALA A 827 14.04 -29.40 27.22
C ALA A 827 14.75 -29.73 28.53
N MET A 828 14.60 -28.86 29.52
CA MET A 828 15.26 -29.10 30.81
C MET A 828 14.63 -30.34 31.46
N LEU A 829 13.32 -30.47 31.37
CA LEU A 829 12.67 -31.68 31.94
C LEU A 829 13.19 -32.93 31.25
N VAL A 830 13.30 -32.94 29.94
CA VAL A 830 13.73 -34.15 29.22
C VAL A 830 15.17 -34.48 29.61
N ALA A 831 16.03 -33.47 29.69
CA ALA A 831 17.43 -33.73 30.04
C ALA A 831 17.50 -34.33 31.44
N LEU A 832 16.73 -33.81 32.37
CA LEU A 832 16.82 -34.30 33.76
C LEU A 832 16.22 -35.69 33.84
N ILE A 833 15.20 -35.98 33.06
CA ILE A 833 14.61 -37.34 33.07
C ILE A 833 15.66 -38.33 32.59
N GLU A 834 16.36 -38.01 31.53
CA GLU A 834 17.37 -38.93 30.99
C GLU A 834 18.51 -39.09 31.99
N PHE A 835 18.92 -38.01 32.63
CA PHE A 835 20.01 -38.08 33.62
C PHE A 835 19.59 -38.95 34.80
N CYS A 836 18.37 -38.79 35.28
CA CYS A 836 17.88 -39.61 36.41
C CYS A 836 17.81 -41.08 35.96
N TYR A 837 17.36 -41.33 34.75
CA TYR A 837 17.29 -42.71 34.23
C TYR A 837 18.69 -43.32 34.24
N LYS A 838 19.66 -42.62 33.67
CA LYS A 838 21.03 -43.19 33.58
C LYS A 838 21.59 -43.36 34.99
N SER A 839 21.38 -42.38 35.87
CA SER A 839 21.94 -42.45 37.23
C SER A 839 21.30 -43.60 38.01
N ARG A 840 20.09 -43.99 37.64
CA ARG A 840 19.43 -45.13 38.33
C ARG A 840 19.76 -46.43 37.62
N ALA A 841 20.36 -46.36 36.43
CA ALA A 841 20.63 -47.59 35.65
C ALA A 841 22.04 -48.14 35.94
N GLU A 842 22.75 -47.58 36.93
CA GLU A 842 24.08 -48.17 37.23
C GLU A 842 23.93 -49.52 37.93
N ALA A 843 24.69 -50.51 37.45
CA ALA A 843 24.69 -51.82 38.14
C ALA A 843 25.17 -51.62 39.58
N LYS A 844 24.45 -52.17 40.54
CA LYS A 844 24.83 -52.00 41.97
C LYS A 844 25.19 -53.37 42.57
N LYS B 414 -62.63 2.85 -33.57
CA LYS B 414 -63.30 2.19 -32.41
C LYS B 414 -62.25 1.51 -31.53
N THR B 415 -61.64 0.43 -32.03
CA THR B 415 -60.67 -0.32 -31.19
C THR B 415 -59.39 0.48 -31.05
N VAL B 416 -58.98 0.73 -29.81
CA VAL B 416 -57.77 1.54 -29.55
C VAL B 416 -56.51 0.71 -29.81
N VAL B 417 -55.65 1.22 -30.68
CA VAL B 417 -54.38 0.49 -30.97
C VAL B 417 -53.37 0.90 -29.91
N VAL B 418 -52.94 -0.09 -29.13
CA VAL B 418 -51.96 0.20 -28.04
C VAL B 418 -50.56 -0.16 -28.53
N THR B 419 -49.64 0.81 -28.50
CA THR B 419 -48.25 0.46 -28.84
C THR B 419 -47.53 0.15 -27.53
N THR B 420 -46.78 -0.92 -27.53
CA THR B 420 -46.04 -1.29 -26.30
C THR B 420 -44.71 -1.92 -26.73
N ILE B 421 -43.95 -2.39 -25.75
CA ILE B 421 -42.61 -2.93 -26.09
C ILE B 421 -42.40 -4.25 -25.33
N LEU B 422 -41.73 -5.20 -26.00
CA LEU B 422 -41.42 -6.48 -25.33
C LEU B 422 -40.28 -6.18 -24.37
N GLU B 423 -40.65 -5.86 -23.13
CA GLU B 423 -39.64 -5.52 -22.11
C GLU B 423 -40.07 -6.22 -20.83
N SER B 424 -39.27 -7.14 -20.31
CA SER B 424 -39.73 -7.90 -19.13
C SER B 424 -39.60 -7.03 -17.88
N PRO B 425 -40.51 -7.12 -16.89
CA PRO B 425 -41.71 -7.98 -16.93
C PRO B 425 -42.96 -7.22 -17.35
N TYR B 426 -42.79 -6.13 -18.09
CA TYR B 426 -43.94 -5.28 -18.49
C TYR B 426 -44.77 -5.98 -19.56
N VAL B 427 -44.13 -6.46 -20.62
CA VAL B 427 -44.85 -7.21 -21.68
C VAL B 427 -43.97 -8.36 -22.15
N MET B 428 -44.52 -9.57 -22.12
CA MET B 428 -43.71 -10.76 -22.50
C MET B 428 -44.59 -11.71 -23.29
N MET B 429 -43.97 -12.52 -24.14
CA MET B 429 -44.75 -13.52 -24.90
C MET B 429 -45.13 -14.64 -23.95
N LYS B 430 -46.41 -14.99 -23.90
CA LYS B 430 -46.83 -16.14 -23.06
C LYS B 430 -46.17 -17.41 -23.62
N LYS B 431 -45.85 -18.37 -22.74
CA LYS B 431 -45.14 -19.59 -23.18
C LYS B 431 -45.87 -20.23 -24.37
N ASN B 432 -47.20 -20.20 -24.37
CA ASN B 432 -47.98 -20.86 -25.44
C ASN B 432 -48.67 -19.81 -26.31
N HIS B 433 -48.01 -18.68 -26.54
CA HIS B 433 -48.63 -17.57 -27.31
C HIS B 433 -49.08 -18.02 -28.70
N GLU B 434 -48.35 -18.96 -29.32
CA GLU B 434 -48.68 -19.38 -30.71
C GLU B 434 -50.07 -20.02 -30.73
N MET B 435 -50.57 -20.44 -29.57
CA MET B 435 -51.89 -21.11 -29.50
C MET B 435 -52.96 -20.12 -29.01
N LEU B 436 -52.58 -18.86 -28.74
CA LEU B 436 -53.55 -17.87 -28.20
C LEU B 436 -53.79 -16.75 -29.22
N GLU B 437 -54.84 -15.95 -29.01
CA GLU B 437 -55.19 -14.91 -30.02
C GLU B 437 -55.10 -13.49 -29.46
N GLY B 438 -54.71 -12.54 -30.31
CA GLY B 438 -54.67 -11.12 -29.93
C GLY B 438 -54.00 -10.76 -28.62
N ASN B 439 -54.73 -10.08 -27.74
CA ASN B 439 -54.14 -9.58 -26.47
C ASN B 439 -53.77 -10.75 -25.56
N GLU B 440 -54.34 -11.93 -25.81
CA GLU B 440 -54.10 -13.09 -24.91
C GLU B 440 -52.71 -13.69 -25.14
N ARG B 441 -52.00 -13.23 -26.17
CA ARG B 441 -50.66 -13.79 -26.47
C ARG B 441 -49.63 -13.20 -25.50
N TYR B 442 -49.98 -12.13 -24.81
CA TYR B 442 -48.96 -11.45 -23.98
C TYR B 442 -49.32 -11.48 -22.49
N GLU B 443 -48.30 -11.27 -21.66
CA GLU B 443 -48.57 -11.20 -20.20
C GLU B 443 -47.55 -10.22 -19.60
N GLY B 444 -47.89 -9.66 -18.44
CA GLY B 444 -46.93 -8.76 -17.81
C GLY B 444 -47.58 -7.63 -17.05
N TYR B 445 -46.76 -6.83 -16.37
CA TYR B 445 -47.30 -5.70 -15.59
C TYR B 445 -48.11 -4.79 -16.52
N CYS B 446 -47.55 -4.42 -17.68
CA CYS B 446 -48.26 -3.47 -18.58
C CYS B 446 -49.43 -4.15 -19.31
N VAL B 447 -49.39 -5.48 -19.45
CA VAL B 447 -50.55 -6.20 -20.04
C VAL B 447 -51.69 -6.09 -19.03
N ASP B 448 -51.38 -6.33 -17.75
CA ASP B 448 -52.41 -6.21 -16.69
C ASP B 448 -52.88 -4.76 -16.60
N LEU B 449 -51.96 -3.81 -16.73
CA LEU B 449 -52.34 -2.38 -16.60
C LEU B 449 -53.18 -1.95 -17.81
N ALA B 450 -52.86 -2.45 -19.01
CA ALA B 450 -53.60 -2.07 -20.23
C ALA B 450 -55.06 -2.50 -20.09
N ALA B 451 -55.26 -3.73 -19.61
CA ALA B 451 -56.64 -4.24 -19.46
C ALA B 451 -57.39 -3.32 -18.50
N GLU B 452 -56.73 -2.88 -17.43
CA GLU B 452 -57.40 -2.03 -16.41
C GLU B 452 -57.63 -0.61 -16.94
N ILE B 453 -56.63 -0.01 -17.59
CA ILE B 453 -56.80 1.35 -18.18
C ILE B 453 -57.99 1.28 -19.15
N ALA B 454 -58.03 0.24 -19.98
CA ALA B 454 -59.11 0.11 -20.98
C ALA B 454 -60.49 0.00 -20.31
N LYS B 455 -60.61 -0.82 -19.26
CA LYS B 455 -61.91 -0.97 -18.56
C LYS B 455 -62.32 0.38 -17.95
N HIS B 456 -61.37 1.06 -17.31
CA HIS B 456 -61.73 2.31 -16.60
C HIS B 456 -61.93 3.48 -17.56
N CYS B 457 -61.43 3.36 -18.79
CA CYS B 457 -61.64 4.46 -19.76
C CYS B 457 -62.76 4.05 -20.72
N GLY B 458 -63.19 2.79 -20.64
CA GLY B 458 -64.32 2.34 -21.48
C GLY B 458 -63.96 2.18 -22.94
N PHE B 459 -62.80 1.58 -23.23
CA PHE B 459 -62.51 1.36 -24.66
C PHE B 459 -62.02 -0.05 -24.94
N LYS B 460 -62.19 -0.49 -26.19
CA LYS B 460 -61.67 -1.81 -26.60
C LYS B 460 -60.28 -1.53 -27.15
N TYR B 461 -59.37 -2.49 -27.07
CA TYR B 461 -58.00 -2.16 -27.51
C TYR B 461 -57.31 -3.35 -28.13
N LYS B 462 -56.22 -3.04 -28.83
CA LYS B 462 -55.42 -4.11 -29.47
C LYS B 462 -53.96 -3.83 -29.12
N LEU B 463 -53.33 -4.76 -28.41
CA LEU B 463 -51.89 -4.59 -28.07
C LEU B 463 -51.05 -4.83 -29.32
N THR B 464 -50.11 -3.93 -29.58
CA THR B 464 -49.19 -4.14 -30.73
C THR B 464 -47.77 -3.83 -30.24
N ILE B 465 -46.82 -4.67 -30.61
CA ILE B 465 -45.42 -4.43 -30.21
C ILE B 465 -44.81 -3.43 -31.18
N VAL B 466 -44.22 -2.38 -30.63
CA VAL B 466 -43.60 -1.33 -31.50
C VAL B 466 -42.66 -2.00 -32.51
N GLY B 467 -42.86 -1.70 -33.80
CA GLY B 467 -42.08 -2.37 -34.86
C GLY B 467 -40.58 -2.25 -34.75
N ASP B 468 -40.06 -1.09 -34.37
CA ASP B 468 -38.58 -0.92 -34.36
C ASP B 468 -38.02 -1.31 -32.99
N GLY B 469 -38.90 -1.71 -32.08
CA GLY B 469 -38.44 -2.17 -30.75
C GLY B 469 -37.77 -1.09 -29.93
N LYS B 470 -38.08 0.18 -30.23
CA LYS B 470 -37.43 1.30 -29.49
C LYS B 470 -38.45 2.06 -28.65
N TYR B 471 -37.94 2.82 -27.68
CA TYR B 471 -38.83 3.60 -26.79
C TYR B 471 -39.26 4.89 -27.50
N GLY B 472 -38.28 5.62 -28.05
CA GLY B 472 -38.65 6.85 -28.75
C GLY B 472 -37.62 7.95 -28.61
N ALA B 473 -37.05 8.34 -29.74
CA ALA B 473 -36.07 9.45 -29.74
C ALA B 473 -36.22 10.21 -31.07
N ARG B 474 -35.89 11.49 -31.05
CA ARG B 474 -36.01 12.31 -32.28
C ARG B 474 -34.65 12.33 -32.96
N ASP B 475 -34.61 11.88 -34.21
CA ASP B 475 -33.34 11.91 -34.96
C ASP B 475 -32.88 13.36 -35.12
N ALA B 476 -31.70 13.67 -34.60
CA ALA B 476 -31.14 15.02 -34.83
C ALA B 476 -30.65 15.01 -36.28
N ASP B 477 -31.43 15.60 -37.19
CA ASP B 477 -31.05 15.53 -38.62
C ASP B 477 -32.33 15.36 -39.43
N THR B 478 -32.92 14.16 -39.39
CA THR B 478 -34.21 13.92 -40.10
C THR B 478 -35.36 14.44 -39.24
N LYS B 479 -35.10 14.69 -37.95
CA LYS B 479 -36.12 15.21 -36.99
C LYS B 479 -37.29 14.24 -36.82
N ILE B 480 -37.15 13.03 -37.34
CA ILE B 480 -38.23 12.01 -37.22
C ILE B 480 -38.17 11.31 -35.87
N TRP B 481 -39.33 11.10 -35.27
CA TRP B 481 -39.42 10.38 -33.98
C TRP B 481 -39.55 8.89 -34.25
N ASN B 482 -38.78 8.09 -33.53
CA ASN B 482 -38.87 6.62 -33.72
C ASN B 482 -39.54 5.99 -32.50
N GLY B 483 -39.57 4.65 -32.45
CA GLY B 483 -40.08 3.94 -31.26
C GLY B 483 -41.56 4.18 -30.99
N MET B 484 -41.96 3.95 -29.74
CA MET B 484 -43.39 4.10 -29.36
C MET B 484 -43.81 5.56 -29.50
N VAL B 485 -42.90 6.48 -29.19
CA VAL B 485 -43.23 7.93 -29.30
C VAL B 485 -43.58 8.21 -30.77
N GLY B 486 -42.78 7.69 -31.70
CA GLY B 486 -43.05 7.92 -33.12
C GLY B 486 -44.41 7.36 -33.52
N GLU B 487 -44.73 6.16 -33.05
CA GLU B 487 -46.03 5.55 -33.40
C GLU B 487 -47.17 6.47 -32.98
N LEU B 488 -47.02 7.18 -31.86
CA LEU B 488 -48.09 8.08 -31.38
C LEU B 488 -48.05 9.38 -32.19
N VAL B 489 -46.85 9.92 -32.40
CA VAL B 489 -46.70 11.22 -33.11
C VAL B 489 -47.26 11.12 -34.53
N TYR B 490 -47.02 9.99 -35.20
CA TYR B 490 -47.46 9.85 -36.62
C TYR B 490 -48.81 9.15 -36.69
N GLY B 491 -49.44 8.90 -35.55
CA GLY B 491 -50.81 8.33 -35.55
C GLY B 491 -50.89 6.86 -35.91
N LYS B 492 -49.80 6.10 -35.72
CA LYS B 492 -49.85 4.64 -35.96
C LYS B 492 -50.45 3.96 -34.74
N ALA B 493 -50.35 4.63 -33.59
CA ALA B 493 -50.96 4.07 -32.36
C ALA B 493 -51.76 5.16 -31.65
N ASP B 494 -52.77 4.74 -30.88
CA ASP B 494 -53.65 5.71 -30.18
C ASP B 494 -53.18 5.92 -28.74
N ILE B 495 -52.35 5.01 -28.24
CA ILE B 495 -51.90 5.12 -26.82
C ILE B 495 -50.69 4.20 -26.64
N ALA B 496 -49.79 4.58 -25.74
CA ALA B 496 -48.63 3.72 -25.42
C ALA B 496 -48.74 3.34 -23.95
N ILE B 497 -48.80 2.04 -23.68
CA ILE B 497 -48.84 1.56 -22.28
C ILE B 497 -47.58 0.73 -22.11
N ALA B 498 -46.51 1.39 -21.64
CA ALA B 498 -45.20 0.72 -21.53
C ALA B 498 -44.36 1.42 -20.47
N PRO B 499 -43.16 0.91 -20.13
CA PRO B 499 -42.27 1.62 -19.22
C PRO B 499 -41.66 2.81 -19.96
N LEU B 500 -42.52 3.72 -20.44
CA LEU B 500 -42.07 4.90 -21.21
C LEU B 500 -41.84 6.07 -20.24
N THR B 501 -40.62 6.55 -20.19
CA THR B 501 -40.29 7.61 -19.21
C THR B 501 -40.82 8.99 -19.62
N ILE B 502 -41.42 9.67 -18.65
CA ILE B 502 -41.92 11.06 -18.89
C ILE B 502 -40.69 11.94 -18.98
N THR B 503 -40.44 12.50 -20.17
CA THR B 503 -39.30 13.43 -20.32
C THR B 503 -39.80 14.73 -20.95
N LEU B 504 -39.05 15.81 -20.75
CA LEU B 504 -39.46 17.11 -21.32
C LEU B 504 -39.56 17.01 -22.84
N VAL B 505 -38.53 16.46 -23.50
CA VAL B 505 -38.54 16.45 -24.99
C VAL B 505 -39.71 15.62 -25.53
N ARG B 506 -40.15 14.61 -24.77
CA ARG B 506 -41.28 13.81 -25.25
C ARG B 506 -42.59 14.54 -24.94
N GLU B 507 -42.65 15.16 -23.77
CA GLU B 507 -43.91 15.85 -23.37
C GLU B 507 -44.18 17.01 -24.34
N GLU B 508 -43.15 17.47 -25.04
CA GLU B 508 -43.36 18.57 -26.01
C GLU B 508 -44.13 18.06 -27.23
N VAL B 509 -44.09 16.76 -27.51
CA VAL B 509 -44.74 16.25 -28.75
C VAL B 509 -45.86 15.24 -28.46
N ILE B 510 -45.92 14.72 -27.23
CA ILE B 510 -47.00 13.77 -26.87
C ILE B 510 -47.50 14.10 -25.46
N ASP B 511 -48.66 13.55 -25.11
CA ASP B 511 -49.20 13.79 -23.75
C ASP B 511 -48.88 12.59 -22.87
N PHE B 512 -48.62 12.84 -21.59
CA PHE B 512 -48.38 11.74 -20.65
C PHE B 512 -49.33 11.86 -19.48
N SER B 513 -49.79 10.70 -18.99
CA SER B 513 -50.62 10.72 -17.76
C SER B 513 -49.67 11.05 -16.62
N LYS B 514 -50.21 11.22 -15.42
CA LYS B 514 -49.31 11.39 -14.26
C LYS B 514 -48.57 10.07 -14.13
N PRO B 515 -47.44 9.97 -13.40
CA PRO B 515 -46.69 8.70 -13.35
C PRO B 515 -47.44 7.48 -12.77
N PHE B 516 -47.29 6.32 -13.41
CA PHE B 516 -47.89 5.10 -12.83
C PHE B 516 -46.78 4.33 -12.12
N MET B 517 -45.54 4.80 -12.28
CA MET B 517 -44.39 4.12 -11.63
C MET B 517 -43.30 5.17 -11.38
N SER B 518 -42.72 5.18 -10.18
CA SER B 518 -41.61 6.11 -9.88
C SER B 518 -40.30 5.34 -10.01
N LEU B 519 -39.26 5.97 -10.56
CA LEU B 519 -37.99 5.21 -10.77
C LEU B 519 -36.79 6.14 -10.98
N GLY B 520 -35.63 5.54 -11.24
CA GLY B 520 -34.43 6.34 -11.49
C GLY B 520 -33.36 5.50 -12.14
N ILE B 521 -32.39 6.15 -12.77
CA ILE B 521 -31.28 5.41 -13.43
C ILE B 521 -30.48 4.72 -12.33
N SER B 522 -30.01 3.51 -12.62
CA SER B 522 -29.23 2.76 -11.60
C SER B 522 -28.11 1.99 -12.28
N ILE B 523 -27.23 1.39 -11.47
CA ILE B 523 -26.09 0.61 -12.03
C ILE B 523 -26.32 -0.87 -11.84
N MET B 524 -26.17 -1.64 -12.92
CA MET B 524 -26.29 -3.11 -12.80
C MET B 524 -24.90 -3.69 -13.00
N ILE B 525 -24.45 -4.51 -12.05
CA ILE B 525 -23.12 -5.16 -12.21
C ILE B 525 -23.24 -6.67 -12.13
N LYS B 526 -22.25 -7.36 -12.71
CA LYS B 526 -22.16 -8.81 -12.56
C LYS B 526 -21.70 -8.96 -11.13
N LYS B 527 -22.36 -9.80 -10.35
CA LYS B 527 -22.07 -9.84 -8.89
C LYS B 527 -20.64 -10.24 -8.58
N PRO B 528 -20.29 -10.34 -7.28
CA PRO B 528 -18.91 -10.50 -6.88
C PRO B 528 -18.26 -11.77 -7.39
N GLN B 529 -18.95 -12.90 -7.22
CA GLN B 529 -18.32 -14.19 -7.60
C GLN B 529 -17.09 -14.38 -6.72
N LYS B 530 -15.97 -14.80 -7.30
CA LYS B 530 -14.77 -15.08 -6.48
C LYS B 530 -13.54 -15.03 -7.38
N SER B 531 -12.63 -15.99 -7.21
CA SER B 531 -11.36 -15.93 -7.96
C SER B 531 -10.52 -17.17 -7.65
N LYS B 532 -10.90 -18.31 -8.21
CA LYS B 532 -10.08 -19.51 -8.00
C LYS B 532 -8.62 -19.13 -8.16
N PRO B 533 -7.79 -19.14 -7.11
CA PRO B 533 -6.40 -18.89 -7.32
C PRO B 533 -5.98 -20.18 -8.01
N GLY B 534 -5.20 -20.07 -9.07
CA GLY B 534 -4.90 -21.32 -9.78
C GLY B 534 -3.77 -22.10 -9.17
N VAL B 535 -3.76 -23.39 -9.39
CA VAL B 535 -2.57 -24.18 -8.98
C VAL B 535 -1.39 -23.60 -9.76
N PHE B 536 -0.22 -23.61 -9.17
CA PHE B 536 0.97 -23.01 -9.81
C PHE B 536 0.84 -21.49 -9.89
N SER B 537 0.05 -20.90 -9.02
CA SER B 537 -0.01 -19.42 -8.96
C SER B 537 1.07 -18.90 -8.04
N PHE B 538 1.81 -19.79 -7.40
CA PHE B 538 2.94 -19.33 -6.57
C PHE B 538 4.08 -18.88 -7.47
N LEU B 539 4.00 -19.12 -8.77
CA LEU B 539 5.03 -18.62 -9.70
C LEU B 539 4.63 -17.27 -10.28
N ASP B 540 3.47 -16.76 -9.98
CA ASP B 540 3.08 -15.49 -10.64
C ASP B 540 4.02 -14.34 -10.27
N PRO B 541 4.53 -14.21 -9.04
CA PRO B 541 5.37 -13.07 -8.70
C PRO B 541 6.53 -12.77 -9.68
N LEU B 542 6.93 -13.70 -10.55
CA LEU B 542 7.98 -13.53 -11.58
C LEU B 542 7.47 -14.03 -12.92
N ALA B 543 7.89 -13.38 -13.98
CA ALA B 543 7.43 -13.75 -15.33
C ALA B 543 8.01 -15.10 -15.74
N TYR B 544 7.34 -15.78 -16.65
CA TYR B 544 7.80 -17.09 -17.15
C TYR B 544 9.23 -17.01 -17.64
N GLU B 545 9.61 -15.87 -18.20
CA GLU B 545 10.97 -15.75 -18.75
C GLU B 545 11.99 -15.76 -17.62
N ILE B 546 11.68 -15.17 -16.48
CA ILE B 546 12.63 -15.18 -15.35
C ILE B 546 12.83 -16.61 -14.88
N TRP B 547 11.78 -17.41 -14.84
CA TRP B 547 11.93 -18.80 -14.37
C TRP B 547 12.76 -19.60 -15.37
N MET B 548 12.49 -19.43 -16.64
CA MET B 548 13.24 -20.16 -17.67
C MET B 548 14.71 -19.77 -17.55
N CYS B 549 14.99 -18.48 -17.42
CA CYS B 549 16.41 -18.08 -17.42
C CYS B 549 17.06 -18.45 -16.08
N ILE B 550 16.28 -18.62 -15.04
CA ILE B 550 16.85 -19.13 -13.76
C ILE B 550 17.32 -20.57 -13.97
N VAL B 551 16.54 -21.37 -14.66
CA VAL B 551 16.97 -22.77 -14.91
C VAL B 551 18.22 -22.78 -15.79
N PHE B 552 18.24 -21.97 -16.81
CA PHE B 552 19.41 -21.94 -17.69
C PHE B 552 20.64 -21.50 -16.91
N ALA B 553 20.50 -20.47 -16.10
CA ALA B 553 21.67 -19.97 -15.36
C ALA B 553 22.11 -21.01 -14.34
N TYR B 554 21.20 -21.79 -13.82
CA TYR B 554 21.55 -22.84 -12.86
C TYR B 554 22.44 -23.87 -13.53
N ILE B 555 22.04 -24.31 -14.71
CA ILE B 555 22.84 -25.32 -15.43
C ILE B 555 24.19 -24.72 -15.81
N GLY B 556 24.21 -23.50 -16.30
CA GLY B 556 25.49 -22.88 -16.66
C GLY B 556 26.42 -22.75 -15.48
N VAL B 557 25.91 -22.32 -14.35
CA VAL B 557 26.75 -22.12 -13.16
C VAL B 557 27.27 -23.48 -12.71
N SER B 558 26.43 -24.50 -12.72
CA SER B 558 26.87 -25.83 -12.27
C SER B 558 28.00 -26.33 -13.17
N VAL B 559 27.83 -26.19 -14.47
CA VAL B 559 28.84 -26.71 -15.41
C VAL B 559 30.14 -25.90 -15.26
N VAL B 560 30.05 -24.61 -15.11
CA VAL B 560 31.31 -23.81 -15.06
C VAL B 560 32.02 -24.09 -13.74
N LEU B 561 31.28 -24.32 -12.67
CA LEU B 561 31.92 -24.62 -11.38
C LEU B 561 32.63 -25.96 -11.49
N PHE B 562 31.97 -26.95 -12.08
CA PHE B 562 32.60 -28.26 -12.27
C PHE B 562 33.85 -28.15 -13.12
N LEU B 563 33.76 -27.47 -14.25
CA LEU B 563 34.92 -27.34 -15.15
C LEU B 563 36.06 -26.63 -14.43
N VAL B 564 35.80 -25.47 -13.88
CA VAL B 564 36.86 -24.66 -13.25
C VAL B 564 37.47 -25.38 -12.04
N SER B 565 36.78 -26.32 -11.44
CA SER B 565 37.30 -26.98 -10.22
C SER B 565 38.01 -28.29 -10.56
N ARG B 566 37.64 -28.97 -11.64
CA ARG B 566 38.19 -30.32 -11.87
C ARG B 566 39.07 -30.43 -13.12
N PHE B 567 39.20 -29.41 -13.95
CA PHE B 567 39.90 -29.65 -15.23
C PHE B 567 41.42 -29.66 -15.07
N SER B 568 41.95 -28.87 -14.15
CA SER B 568 43.43 -28.75 -14.08
C SER B 568 44.04 -30.04 -13.59
N PRO B 569 44.97 -30.68 -14.32
CA PRO B 569 45.62 -31.86 -13.78
C PRO B 569 46.51 -31.53 -12.57
N TYR B 570 46.80 -30.25 -12.36
CA TYR B 570 47.66 -29.83 -11.22
C TYR B 570 46.87 -29.77 -9.92
N GLU B 571 45.55 -29.81 -10.00
CA GLU B 571 44.74 -29.87 -8.75
C GLU B 571 44.72 -31.32 -8.24
N TRP B 572 44.74 -32.29 -9.16
CA TRP B 572 44.71 -33.72 -8.77
C TRP B 572 46.00 -34.11 -8.06
N ASN B 590 39.32 -31.31 -4.40
CA ASN B 590 37.99 -30.70 -4.69
C ASN B 590 36.93 -31.81 -4.76
N GLU B 591 35.92 -31.72 -3.91
CA GLU B 591 34.81 -32.72 -3.97
C GLU B 591 33.72 -32.11 -4.81
N PHE B 592 34.09 -31.61 -5.98
CA PHE B 592 33.15 -30.86 -6.85
C PHE B 592 33.01 -31.52 -8.21
N GLY B 593 32.62 -32.77 -8.22
CA GLY B 593 32.28 -33.40 -9.51
C GLY B 593 31.06 -32.72 -10.09
N ILE B 594 30.50 -33.27 -11.16
CA ILE B 594 29.35 -32.58 -11.79
C ILE B 594 28.14 -32.72 -10.87
N PHE B 595 27.96 -33.87 -10.23
CA PHE B 595 26.77 -34.05 -9.39
C PHE B 595 26.85 -33.15 -8.16
N ASN B 596 28.02 -33.08 -7.53
CA ASN B 596 28.17 -32.17 -6.38
C ASN B 596 28.08 -30.70 -6.81
N SER B 597 28.51 -30.36 -8.02
CA SER B 597 28.35 -28.97 -8.50
C SER B 597 26.87 -28.63 -8.66
N LEU B 598 26.10 -29.54 -9.22
CA LEU B 598 24.66 -29.28 -9.36
C LEU B 598 24.02 -29.17 -7.98
N TRP B 599 24.42 -30.00 -7.04
CA TRP B 599 23.85 -29.91 -5.69
C TRP B 599 24.23 -28.60 -5.02
N PHE B 600 25.47 -28.18 -5.17
CA PHE B 600 25.90 -26.92 -4.54
C PHE B 600 25.09 -25.76 -5.10
N SER B 601 24.93 -25.71 -6.41
CA SER B 601 24.17 -24.61 -7.03
C SER B 601 22.74 -24.65 -6.54
N LEU B 602 22.13 -25.82 -6.48
CA LEU B 602 20.71 -25.89 -6.06
C LEU B 602 20.60 -25.39 -4.63
N GLY B 603 21.43 -25.91 -3.75
CA GLY B 603 21.33 -25.50 -2.35
C GLY B 603 21.59 -24.02 -2.18
N ALA B 604 22.51 -23.47 -2.94
CA ALA B 604 22.78 -22.02 -2.87
C ALA B 604 21.55 -21.23 -3.28
N PHE B 605 20.87 -21.66 -4.32
CA PHE B 605 19.69 -20.91 -4.78
C PHE B 605 18.60 -20.94 -3.72
N MET B 606 18.40 -22.10 -3.09
CA MET B 606 17.31 -22.23 -2.10
C MET B 606 17.70 -21.63 -0.75
N ARG B 607 18.83 -20.93 -0.69
CA ARG B 607 19.29 -20.28 0.55
C ARG B 607 19.46 -21.32 1.64
N GLN B 608 19.79 -22.55 1.26
CA GLN B 608 20.10 -23.58 2.26
C GLN B 608 21.61 -23.70 2.45
N GLY B 609 22.00 -24.57 3.35
CA GLY B 609 23.43 -24.66 3.69
C GLY B 609 24.30 -24.99 2.50
N CYS B 610 25.61 -25.09 2.76
CA CYS B 610 26.56 -25.39 1.66
C CYS B 610 27.00 -26.84 1.76
N ASP B 611 27.59 -27.24 2.89
CA ASP B 611 28.18 -28.59 3.03
C ASP B 611 29.50 -28.67 2.26
N ILE B 612 29.77 -27.75 1.35
CA ILE B 612 31.10 -27.63 0.70
C ILE B 612 31.15 -26.23 0.09
N SER B 613 32.33 -25.62 0.06
CA SER B 613 32.45 -24.28 -0.55
C SER B 613 33.69 -24.28 -1.42
N PRO B 614 33.64 -23.76 -2.66
CA PRO B 614 34.81 -23.77 -3.48
C PRO B 614 35.98 -23.10 -2.78
N ARG B 615 37.17 -23.69 -2.90
CA ARG B 615 38.34 -23.15 -2.18
C ARG B 615 39.27 -22.38 -3.13
N SER B 616 39.13 -22.57 -4.43
CA SER B 616 40.05 -21.90 -5.37
C SER B 616 39.54 -20.51 -5.68
N LEU B 617 40.39 -19.68 -6.27
CA LEU B 617 39.94 -18.33 -6.65
C LEU B 617 38.82 -18.42 -7.67
N SER B 618 38.94 -19.31 -8.66
CA SER B 618 37.96 -19.32 -9.76
C SER B 618 36.64 -19.89 -9.27
N GLY B 619 36.67 -20.96 -8.52
CA GLY B 619 35.43 -21.49 -7.94
C GLY B 619 34.79 -20.48 -7.03
N ARG B 620 35.59 -19.69 -6.36
CA ARG B 620 35.03 -18.67 -5.46
C ARG B 620 34.40 -17.54 -6.26
N ILE B 621 34.96 -17.19 -7.40
CA ILE B 621 34.31 -16.16 -8.25
C ILE B 621 32.95 -16.68 -8.70
N VAL B 622 32.91 -17.93 -9.14
CA VAL B 622 31.62 -18.49 -9.62
C VAL B 622 30.62 -18.53 -8.46
N GLY B 623 31.06 -19.00 -7.30
CA GLY B 623 30.15 -19.06 -6.16
C GLY B 623 29.64 -17.69 -5.77
N GLY B 624 30.51 -16.69 -5.80
CA GLY B 624 30.10 -15.36 -5.36
C GLY B 624 29.04 -14.76 -6.28
N VAL B 625 29.22 -14.88 -7.58
CA VAL B 625 28.24 -14.28 -8.48
C VAL B 625 26.93 -15.07 -8.39
N TRP B 626 27.00 -16.38 -8.20
CA TRP B 626 25.74 -17.13 -8.03
C TRP B 626 25.03 -16.71 -6.76
N TRP B 627 25.77 -16.43 -5.71
CA TRP B 627 25.15 -16.00 -4.45
C TRP B 627 24.49 -14.64 -4.62
N PHE B 628 25.14 -13.72 -5.29
CA PHE B 628 24.53 -12.40 -5.55
C PHE B 628 23.25 -12.57 -6.35
N PHE B 629 23.30 -13.40 -7.36
CA PHE B 629 22.13 -13.59 -8.23
C PHE B 629 20.99 -14.16 -7.40
N THR B 630 21.29 -15.16 -6.58
CA THR B 630 20.26 -15.79 -5.76
C THR B 630 19.64 -14.77 -4.80
N LEU B 631 20.45 -13.97 -4.15
CA LEU B 631 19.95 -12.95 -3.21
C LEU B 631 18.99 -12.00 -3.95
N ILE B 632 19.40 -11.47 -5.08
CA ILE B 632 18.53 -10.48 -5.76
C ILE B 632 17.26 -11.17 -6.21
N ILE B 633 17.34 -12.35 -6.78
CA ILE B 633 16.13 -12.98 -7.34
C ILE B 633 15.17 -13.36 -6.22
N ILE B 634 15.65 -13.85 -5.11
CA ILE B 634 14.69 -14.30 -4.07
C ILE B 634 14.13 -13.08 -3.35
N SER B 635 14.94 -12.05 -3.16
CA SER B 635 14.39 -10.82 -2.55
C SER B 635 13.32 -10.24 -3.45
N SER B 636 13.54 -10.31 -4.75
CA SER B 636 12.58 -9.73 -5.71
C SER B 636 11.30 -10.55 -5.73
N TYR B 637 11.41 -11.84 -5.60
CA TYR B 637 10.20 -12.69 -5.53
C TYR B 637 9.38 -12.32 -4.31
N THR B 638 10.00 -12.19 -3.17
CA THR B 638 9.23 -11.91 -1.94
C THR B 638 8.61 -10.52 -2.03
N ALA B 639 9.34 -9.56 -2.57
CA ALA B 639 8.84 -8.19 -2.61
C ALA B 639 7.67 -8.10 -3.59
N ASN B 640 7.83 -8.65 -4.78
CA ASN B 640 6.73 -8.61 -5.76
C ASN B 640 5.55 -9.41 -5.23
N LEU B 641 5.77 -10.49 -4.50
CA LEU B 641 4.58 -11.19 -3.95
C LEU B 641 3.87 -10.18 -3.07
N ALA B 642 4.56 -9.58 -2.11
CA ALA B 642 3.85 -8.67 -1.20
C ALA B 642 3.01 -7.75 -2.06
N ALA B 643 3.65 -6.96 -2.90
CA ALA B 643 2.89 -6.13 -3.84
C ALA B 643 1.60 -6.85 -4.20
N PHE B 644 1.65 -7.96 -4.91
CA PHE B 644 0.36 -8.56 -5.35
C PHE B 644 -0.56 -8.68 -4.14
N LEU B 645 -0.13 -9.37 -3.12
CA LEU B 645 -1.05 -9.62 -1.98
C LEU B 645 -1.55 -8.31 -1.38
N THR B 646 -0.97 -7.16 -1.72
CA THR B 646 -1.53 -5.92 -1.12
C THR B 646 -2.39 -5.19 -2.12
N VAL B 647 -1.81 -4.74 -3.23
CA VAL B 647 -2.62 -4.09 -4.29
C VAL B 647 -3.97 -4.79 -4.30
N GLU B 648 -3.98 -6.10 -4.11
CA GLU B 648 -5.28 -6.78 -3.98
C GLU B 648 -5.99 -6.21 -2.76
N ARG B 649 -5.66 -6.64 -1.56
CA ARG B 649 -6.41 -6.25 -0.34
C ARG B 649 -6.90 -4.80 -0.46
N MET B 650 -6.22 -3.94 -1.18
CA MET B 650 -6.73 -2.55 -1.21
C MET B 650 -7.56 -2.38 -2.48
N VAL B 651 -8.22 -3.45 -2.92
CA VAL B 651 -9.12 -3.26 -4.08
C VAL B 651 -10.44 -2.72 -3.53
N SER B 652 -11.48 -2.69 -4.34
CA SER B 652 -12.75 -2.09 -3.87
C SER B 652 -13.88 -2.41 -4.82
N PRO B 653 -14.81 -3.32 -4.46
CA PRO B 653 -16.02 -3.48 -5.23
C PRO B 653 -16.48 -2.12 -5.75
N ILE B 654 -16.92 -2.05 -7.01
CA ILE B 654 -17.44 -0.75 -7.54
C ILE B 654 -18.82 -0.52 -6.93
N GLU B 655 -19.08 0.70 -6.45
CA GLU B 655 -20.36 0.94 -5.73
C GLU B 655 -20.94 2.33 -6.03
N SER B 656 -20.71 2.89 -7.22
CA SER B 656 -21.38 4.18 -7.57
C SER B 656 -21.02 4.65 -8.98
N ALA B 657 -21.71 5.70 -9.42
CA ALA B 657 -21.43 6.27 -10.74
C ALA B 657 -20.06 6.95 -10.67
N GLU B 658 -19.74 7.52 -9.52
CA GLU B 658 -18.41 8.15 -9.34
C GLU B 658 -17.37 7.05 -9.56
N ASP B 659 -17.62 5.86 -9.01
CA ASP B 659 -16.67 4.74 -9.17
C ASP B 659 -16.47 4.43 -10.65
N LEU B 660 -17.56 4.30 -11.40
CA LEU B 660 -17.45 3.98 -12.84
C LEU B 660 -16.65 5.07 -13.54
N SER B 661 -16.92 6.33 -13.21
CA SER B 661 -16.27 7.48 -13.90
C SER B 661 -14.76 7.49 -13.64
N LYS B 662 -14.32 7.13 -12.43
CA LYS B 662 -12.87 7.23 -12.11
C LYS B 662 -12.08 6.04 -12.64
N GLN B 663 -12.73 5.08 -13.29
CA GLN B 663 -11.94 3.90 -13.75
C GLN B 663 -12.19 3.58 -15.23
N THR B 664 -11.47 2.62 -15.78
CA THR B 664 -11.64 2.34 -17.23
C THR B 664 -11.61 0.84 -17.52
N GLU B 665 -11.23 0.02 -16.55
CA GLU B 665 -11.13 -1.45 -16.79
C GLU B 665 -12.53 -1.99 -17.04
N ILE B 666 -13.50 -1.49 -16.28
CA ILE B 666 -14.91 -1.94 -16.44
C ILE B 666 -15.63 -0.99 -17.41
N ALA B 667 -16.06 -1.54 -18.54
CA ALA B 667 -16.81 -0.72 -19.53
C ALA B 667 -18.24 -0.53 -19.02
N TYR B 668 -18.92 0.50 -19.51
CA TYR B 668 -20.33 0.70 -19.09
C TYR B 668 -21.08 1.50 -20.15
N GLY B 669 -22.36 1.15 -20.30
CA GLY B 669 -23.16 1.84 -21.32
C GLY B 669 -24.64 1.87 -20.98
N THR B 670 -25.44 2.30 -21.94
CA THR B 670 -26.90 2.44 -21.71
C THR B 670 -27.68 1.89 -22.90
N LEU B 671 -29.01 1.91 -22.78
CA LEU B 671 -29.84 1.51 -23.94
C LEU B 671 -29.50 2.51 -25.05
N ASP B 672 -29.27 2.03 -26.26
CA ASP B 672 -28.83 2.89 -27.41
C ASP B 672 -29.85 3.98 -27.69
N SER B 673 -31.10 3.71 -27.35
CA SER B 673 -32.18 4.68 -27.61
C SER B 673 -33.08 4.75 -26.38
N GLY B 674 -33.12 5.89 -25.70
CA GLY B 674 -33.91 5.95 -24.47
C GLY B 674 -33.60 7.14 -23.60
N SER B 675 -34.35 7.27 -22.51
CA SER B 675 -34.22 8.44 -21.62
C SER B 675 -32.91 8.37 -20.82
N THR B 676 -32.37 7.17 -20.66
CA THR B 676 -31.11 7.03 -19.90
C THR B 676 -29.99 7.67 -20.72
N LYS B 677 -29.91 7.30 -22.00
CA LYS B 677 -28.83 7.84 -22.87
C LYS B 677 -28.96 9.36 -22.90
N GLU B 678 -30.20 9.86 -22.95
CA GLU B 678 -30.41 11.32 -23.03
C GLU B 678 -30.04 11.97 -21.70
N PHE B 679 -30.30 11.29 -20.58
CA PHE B 679 -29.91 11.86 -19.27
C PHE B 679 -28.41 12.17 -19.30
N PHE B 680 -27.61 11.25 -19.83
CA PHE B 680 -26.13 11.43 -19.82
C PHE B 680 -25.69 12.46 -20.88
N ARG B 681 -26.29 12.39 -22.06
CA ARG B 681 -25.91 13.32 -23.17
C ARG B 681 -26.17 14.77 -22.77
N ARG B 682 -27.03 15.01 -21.79
CA ARG B 682 -27.41 16.41 -21.46
C ARG B 682 -26.98 16.78 -20.02
N SER B 683 -26.50 15.82 -19.24
CA SER B 683 -26.15 16.15 -17.83
C SER B 683 -25.09 17.25 -17.81
N LYS B 684 -25.22 18.19 -16.88
CA LYS B 684 -24.16 19.22 -16.73
C LYS B 684 -23.46 18.91 -15.41
N ILE B 685 -23.80 17.76 -14.82
CA ILE B 685 -23.13 17.31 -13.57
C ILE B 685 -21.79 16.69 -13.97
N ALA B 686 -20.69 17.09 -13.33
CA ALA B 686 -19.34 16.65 -13.72
C ALA B 686 -19.20 15.13 -13.88
N VAL B 687 -19.62 14.36 -12.88
CA VAL B 687 -19.46 12.87 -12.92
C VAL B 687 -20.21 12.31 -14.14
N PHE B 688 -21.45 12.77 -14.36
CA PHE B 688 -22.24 12.20 -15.47
C PHE B 688 -21.70 12.69 -16.81
N ASP B 689 -21.24 13.94 -16.87
CA ASP B 689 -20.67 14.47 -18.14
C ASP B 689 -19.41 13.67 -18.48
N LYS B 690 -18.63 13.33 -17.46
CA LYS B 690 -17.38 12.54 -17.68
C LYS B 690 -17.79 11.17 -18.20
N MET B 691 -18.85 10.61 -17.64
CA MET B 691 -19.30 9.26 -18.04
C MET B 691 -19.80 9.33 -19.49
N TRP B 692 -20.51 10.41 -19.83
CA TRP B 692 -21.03 10.54 -21.21
C TRP B 692 -19.86 10.70 -22.19
N THR B 693 -18.89 11.54 -21.83
CA THR B 693 -17.70 11.77 -22.68
C THR B 693 -17.07 10.42 -23.01
N TYR B 694 -16.94 9.57 -21.98
CA TYR B 694 -16.39 8.21 -22.21
C TYR B 694 -17.35 7.37 -23.05
N MET B 695 -18.59 7.21 -22.59
CA MET B 695 -19.53 6.31 -23.30
C MET B 695 -19.73 6.69 -24.77
N ARG B 696 -19.86 7.97 -25.09
CA ARG B 696 -20.16 8.34 -26.50
C ARG B 696 -18.96 8.03 -27.41
N SER B 697 -17.76 7.89 -26.84
CA SER B 697 -16.58 7.67 -27.71
C SER B 697 -16.00 6.26 -27.51
N ALA B 698 -16.59 5.48 -26.58
CA ALA B 698 -16.03 4.14 -26.30
C ALA B 698 -16.14 3.25 -27.53
N GLU B 699 -15.08 2.49 -27.80
CA GLU B 699 -15.11 1.54 -28.93
C GLU B 699 -14.60 0.20 -28.40
N PRO B 700 -15.27 -0.93 -28.69
CA PRO B 700 -16.53 -0.93 -29.42
C PRO B 700 -17.68 -0.24 -28.66
N SER B 701 -18.81 -0.02 -29.33
CA SER B 701 -19.95 0.69 -28.70
C SER B 701 -20.35 0.06 -27.36
N VAL B 702 -20.65 0.91 -26.41
CA VAL B 702 -21.10 0.41 -25.08
C VAL B 702 -22.62 0.45 -25.05
N PHE B 703 -23.24 0.90 -26.14
CA PHE B 703 -24.72 1.02 -26.17
C PHE B 703 -25.34 -0.28 -26.69
N VAL B 704 -26.56 -0.56 -26.24
CA VAL B 704 -27.24 -1.83 -26.63
C VAL B 704 -28.63 -1.53 -27.21
N ARG B 705 -29.14 -2.41 -28.06
CA ARG B 705 -30.44 -2.17 -28.73
C ARG B 705 -31.61 -2.44 -27.78
N THR B 706 -31.45 -3.41 -26.89
CA THR B 706 -32.56 -3.76 -25.96
C THR B 706 -32.01 -4.00 -24.57
N THR B 707 -32.88 -3.90 -23.58
CA THR B 707 -32.44 -4.14 -22.19
C THR B 707 -31.85 -5.53 -22.07
N ALA B 708 -32.53 -6.52 -22.66
CA ALA B 708 -32.06 -7.92 -22.57
C ALA B 708 -30.61 -8.02 -23.08
N GLU B 709 -30.29 -7.23 -24.11
CA GLU B 709 -28.93 -7.25 -24.69
C GLU B 709 -27.94 -6.71 -23.65
N GLY B 710 -28.33 -5.66 -22.95
CA GLY B 710 -27.44 -5.09 -21.91
C GLY B 710 -27.25 -6.08 -20.79
N VAL B 711 -28.33 -6.75 -20.41
CA VAL B 711 -28.26 -7.75 -19.30
C VAL B 711 -27.32 -8.88 -19.71
N ALA B 712 -27.47 -9.36 -20.94
CA ALA B 712 -26.63 -10.51 -21.37
C ALA B 712 -25.17 -10.06 -21.45
N ARG B 713 -24.94 -8.82 -21.88
CA ARG B 713 -23.55 -8.32 -21.99
C ARG B 713 -22.95 -8.25 -20.59
N VAL B 714 -23.73 -7.83 -19.60
CA VAL B 714 -23.21 -7.81 -18.21
C VAL B 714 -22.89 -9.25 -17.84
N ARG B 715 -23.85 -10.16 -18.06
CA ARG B 715 -23.67 -11.57 -17.62
C ARG B 715 -22.50 -12.26 -18.33
N LYS B 716 -22.15 -11.86 -19.55
CA LYS B 716 -21.10 -12.62 -20.29
C LYS B 716 -19.76 -11.89 -20.26
N SER B 717 -19.70 -10.68 -19.69
CA SER B 717 -18.43 -9.91 -19.78
C SER B 717 -17.50 -10.13 -18.58
N LYS B 718 -17.77 -11.12 -17.74
CA LYS B 718 -16.88 -11.44 -16.60
C LYS B 718 -16.64 -10.24 -15.70
N GLY B 719 -17.64 -9.35 -15.59
CA GLY B 719 -17.49 -8.20 -14.67
C GLY B 719 -16.80 -7.02 -15.33
N LYS B 720 -16.51 -7.14 -16.63
CA LYS B 720 -15.83 -6.04 -17.37
C LYS B 720 -16.88 -5.14 -18.04
N TYR B 721 -18.16 -5.40 -17.80
CA TYR B 721 -19.22 -4.51 -18.35
C TYR B 721 -20.30 -4.27 -17.29
N ALA B 722 -20.56 -2.98 -17.01
CA ALA B 722 -21.63 -2.62 -16.07
C ALA B 722 -22.71 -1.96 -16.93
N TYR B 723 -23.96 -2.06 -16.52
CA TYR B 723 -25.02 -1.52 -17.40
C TYR B 723 -25.83 -0.47 -16.64
N LEU B 724 -26.04 0.67 -17.28
CA LEU B 724 -26.86 1.74 -16.66
C LEU B 724 -28.28 1.59 -17.17
N LEU B 725 -29.21 1.34 -16.26
CA LEU B 725 -30.62 1.15 -16.67
C LEU B 725 -31.55 1.59 -15.55
N GLU B 726 -32.84 1.64 -15.86
CA GLU B 726 -33.79 2.15 -14.84
C GLU B 726 -33.88 1.17 -13.68
N SER B 727 -33.96 1.71 -12.47
CA SER B 727 -34.02 0.89 -11.23
C SER B 727 -35.04 -0.22 -11.34
N THR B 728 -36.17 0.08 -11.97
CA THR B 728 -37.27 -0.91 -12.11
C THR B 728 -36.77 -2.16 -12.83
N MET B 729 -36.13 -1.99 -13.98
CA MET B 729 -35.63 -3.16 -14.74
C MET B 729 -34.52 -3.82 -13.92
N ASN B 730 -33.65 -3.01 -13.31
CA ASN B 730 -32.52 -3.55 -12.51
C ASN B 730 -33.06 -4.44 -11.39
N GLU B 731 -34.02 -3.93 -10.61
CA GLU B 731 -34.61 -4.67 -9.48
C GLU B 731 -35.27 -5.96 -9.98
N TYR B 732 -35.87 -5.91 -11.16
CA TYR B 732 -36.54 -7.11 -11.68
C TYR B 732 -35.50 -8.18 -12.03
N ILE B 733 -34.48 -7.79 -12.80
CA ILE B 733 -33.44 -8.77 -13.24
C ILE B 733 -32.68 -9.31 -12.02
N GLU B 734 -32.55 -8.50 -10.99
CA GLU B 734 -31.84 -8.94 -9.77
C GLU B 734 -32.60 -10.12 -9.16
N GLN B 735 -33.90 -10.23 -9.44
CA GLN B 735 -34.71 -11.32 -8.85
C GLN B 735 -34.87 -12.45 -9.86
N ARG B 736 -34.04 -12.47 -10.90
CA ARG B 736 -34.19 -13.50 -11.96
C ARG B 736 -32.94 -14.40 -12.02
N LYS B 737 -33.16 -15.69 -12.22
CA LYS B 737 -32.02 -16.62 -12.36
C LYS B 737 -31.22 -16.24 -13.61
N PRO B 738 -29.90 -16.49 -13.68
CA PRO B 738 -29.13 -17.13 -12.60
C PRO B 738 -28.72 -16.28 -11.39
N CYS B 739 -29.43 -15.18 -11.11
CA CYS B 739 -29.15 -14.38 -9.89
C CYS B 739 -27.69 -13.95 -9.89
N ASP B 740 -27.15 -13.57 -11.04
CA ASP B 740 -25.70 -13.23 -11.10
C ASP B 740 -25.53 -11.72 -11.28
N THR B 741 -26.62 -10.97 -11.20
CA THR B 741 -26.49 -9.51 -11.35
C THR B 741 -26.94 -8.81 -10.09
N MET B 742 -26.56 -7.54 -9.97
CA MET B 742 -26.88 -6.84 -8.71
C MET B 742 -26.96 -5.34 -8.97
N LYS B 743 -27.92 -4.71 -8.31
CA LYS B 743 -28.08 -3.25 -8.41
C LYS B 743 -27.15 -2.65 -7.35
N VAL B 744 -26.28 -1.73 -7.76
CA VAL B 744 -25.32 -1.13 -6.77
C VAL B 744 -25.49 0.38 -6.71
N GLY B 745 -25.45 0.91 -5.50
CA GLY B 745 -25.57 2.37 -5.33
C GLY B 745 -27.00 2.87 -5.36
N GLY B 746 -27.17 4.16 -5.16
CA GLY B 746 -28.52 4.73 -5.19
C GLY B 746 -28.91 5.06 -6.61
N ASN B 747 -30.12 5.59 -6.77
CA ASN B 747 -30.55 5.99 -8.12
C ASN B 747 -29.83 7.28 -8.50
N LEU B 748 -29.51 7.44 -9.79
CA LEU B 748 -28.80 8.66 -10.25
C LEU B 748 -29.80 9.81 -10.41
N ASP B 749 -31.09 9.48 -10.61
CA ASP B 749 -32.11 10.56 -10.71
C ASP B 749 -33.45 10.04 -10.22
N SER B 750 -34.49 10.88 -10.30
CA SER B 750 -35.85 10.48 -9.91
C SER B 750 -36.81 10.90 -11.03
N LYS B 751 -37.60 9.96 -11.54
CA LYS B 751 -38.58 10.33 -12.58
C LYS B 751 -39.71 9.31 -12.59
N GLY B 752 -40.52 9.32 -13.66
CA GLY B 752 -41.68 8.42 -13.65
C GLY B 752 -42.06 7.94 -15.03
N TYR B 753 -42.78 6.82 -15.09
CA TYR B 753 -43.28 6.31 -16.36
C TYR B 753 -44.70 6.83 -16.49
N GLY B 754 -45.09 7.20 -17.70
CA GLY B 754 -46.47 7.67 -17.88
C GLY B 754 -47.16 7.00 -19.05
N ILE B 755 -48.49 6.94 -19.02
CA ILE B 755 -49.24 6.40 -20.18
C ILE B 755 -49.25 7.54 -21.20
N ALA B 756 -48.82 7.24 -22.43
CA ALA B 756 -48.70 8.33 -23.43
C ALA B 756 -49.79 8.26 -24.48
N THR B 757 -50.24 9.43 -24.92
CA THR B 757 -51.26 9.51 -25.98
C THR B 757 -50.80 10.60 -26.95
N PRO B 758 -51.25 10.58 -28.21
CA PRO B 758 -50.89 11.64 -29.16
C PRO B 758 -51.32 12.99 -28.58
N LYS B 759 -50.52 14.01 -28.87
CA LYS B 759 -50.87 15.37 -28.39
C LYS B 759 -52.33 15.67 -28.77
N GLY B 760 -53.13 16.07 -27.77
CA GLY B 760 -54.53 16.45 -28.06
C GLY B 760 -55.45 15.25 -28.18
N SER B 761 -55.03 14.08 -27.67
CA SER B 761 -55.87 12.88 -27.86
C SER B 761 -57.14 12.96 -27.01
N SER B 762 -58.23 12.39 -27.53
CA SER B 762 -59.52 12.38 -26.80
C SER B 762 -59.37 11.53 -25.53
N LEU B 763 -58.45 10.56 -25.53
CA LEU B 763 -58.28 9.63 -24.39
C LEU B 763 -57.47 10.26 -23.26
N ARG B 764 -56.82 11.40 -23.50
CA ARG B 764 -55.90 11.96 -22.48
C ARG B 764 -56.55 12.11 -21.10
N THR B 765 -57.72 12.71 -20.99
CA THR B 765 -58.29 13.01 -19.64
C THR B 765 -58.73 11.72 -18.91
N PRO B 766 -59.53 10.83 -19.53
CA PRO B 766 -59.95 9.58 -18.88
C PRO B 766 -58.75 8.74 -18.45
N VAL B 767 -57.70 8.66 -19.29
CA VAL B 767 -56.54 7.79 -18.94
C VAL B 767 -55.72 8.44 -17.79
N ASN B 768 -55.67 9.77 -17.75
CA ASN B 768 -54.97 10.44 -16.63
C ASN B 768 -55.74 10.15 -15.34
N LEU B 769 -57.07 10.28 -15.40
CA LEU B 769 -57.90 10.02 -14.19
C LEU B 769 -57.83 8.53 -13.80
N ALA B 770 -57.77 7.62 -14.77
CA ALA B 770 -57.76 6.17 -14.46
C ALA B 770 -56.46 5.83 -13.74
N VAL B 771 -55.34 6.38 -14.21
CA VAL B 771 -54.02 6.12 -13.58
C VAL B 771 -54.06 6.59 -12.13
N LEU B 772 -54.65 7.75 -11.89
CA LEU B 772 -54.80 8.25 -10.49
C LEU B 772 -55.74 7.33 -9.68
N LYS B 773 -56.84 6.86 -10.28
CA LYS B 773 -57.75 5.90 -9.60
C LYS B 773 -57.00 4.60 -9.29
N LEU B 774 -56.23 4.08 -10.24
CA LEU B 774 -55.46 2.80 -10.05
C LEU B 774 -54.37 3.04 -9.00
N SER B 775 -53.76 4.22 -9.04
CA SER B 775 -52.79 4.61 -7.97
C SER B 775 -53.53 4.59 -6.62
N GLU B 776 -54.59 5.39 -6.47
CA GLU B 776 -55.29 5.49 -5.16
C GLU B 776 -55.87 4.15 -4.69
N GLN B 777 -56.22 3.23 -5.59
CA GLN B 777 -56.82 1.98 -5.07
C GLN B 777 -55.75 0.93 -4.82
N GLY B 778 -54.48 1.28 -4.95
CA GLY B 778 -53.41 0.33 -4.63
C GLY B 778 -53.08 -0.65 -5.74
N VAL B 779 -53.71 -0.51 -6.90
CA VAL B 779 -53.51 -1.48 -8.01
C VAL B 779 -52.05 -1.45 -8.51
N LEU B 780 -51.48 -0.27 -8.59
CA LEU B 780 -50.11 -0.17 -9.18
C LEU B 780 -49.09 -0.85 -8.26
N ASP B 781 -49.28 -0.74 -6.93
CA ASP B 781 -48.35 -1.39 -5.98
C ASP B 781 -48.52 -2.91 -6.08
N LYS B 782 -49.77 -3.39 -6.19
CA LYS B 782 -49.99 -4.85 -6.24
C LYS B 782 -49.35 -5.40 -7.50
N LEU B 783 -49.49 -4.69 -8.62
CA LEU B 783 -48.98 -5.20 -9.92
C LEU B 783 -47.44 -5.19 -9.90
N LYS B 784 -46.83 -4.22 -9.23
CA LYS B 784 -45.35 -4.26 -9.20
C LYS B 784 -44.93 -5.46 -8.34
N ASN B 785 -45.58 -5.62 -7.20
CA ASN B 785 -45.24 -6.78 -6.34
C ASN B 785 -45.49 -8.09 -7.07
N LYS B 786 -46.61 -8.17 -7.77
CA LYS B 786 -46.96 -9.40 -8.51
C LYS B 786 -45.85 -9.77 -9.47
N TRP B 787 -45.42 -8.82 -10.30
CA TRP B 787 -44.44 -9.13 -11.38
C TRP B 787 -42.97 -8.97 -10.95
N TRP B 788 -42.70 -8.37 -9.79
CA TRP B 788 -41.26 -8.30 -9.42
C TRP B 788 -40.92 -9.32 -8.34
N TYR B 789 -41.65 -9.28 -7.23
CA TYR B 789 -41.25 -10.02 -6.00
C TYR B 789 -42.04 -11.30 -5.74
N ASP B 790 -43.34 -11.34 -6.07
CA ASP B 790 -44.07 -12.63 -5.87
C ASP B 790 -43.35 -13.75 -6.62
N LYS B 791 -42.80 -13.45 -7.81
CA LYS B 791 -42.08 -14.49 -8.61
C LYS B 791 -40.54 -14.28 -8.58
N GLY B 792 -39.99 -13.80 -7.45
CA GLY B 792 -38.52 -13.67 -7.32
C GLY B 792 -37.80 -15.01 -7.24
N GLU B 793 -36.77 -15.23 -8.06
CA GLU B 793 -36.06 -16.54 -8.11
C GLU B 793 -34.73 -16.49 -7.34
N CYS B 794 -34.46 -15.39 -6.64
CA CYS B 794 -33.18 -15.23 -5.91
C CYS B 794 -33.47 -15.01 -4.42
N THR B 805 -10.88 -10.95 6.36
CA THR B 805 -9.42 -11.19 6.50
C THR B 805 -8.87 -11.82 5.23
N SER B 806 -7.57 -12.09 5.23
CA SER B 806 -7.00 -12.63 3.97
C SER B 806 -5.97 -13.70 4.30
N ALA B 807 -5.99 -14.22 5.51
CA ALA B 807 -5.13 -15.37 5.78
C ALA B 807 -5.03 -16.18 4.50
N LEU B 808 -3.82 -16.32 3.99
CA LEU B 808 -3.53 -17.02 2.72
C LEU B 808 -4.08 -18.42 2.77
N SER B 809 -4.83 -18.82 1.77
CA SER B 809 -5.56 -20.10 1.82
C SER B 809 -4.78 -21.23 1.16
N LEU B 810 -5.17 -22.46 1.45
CA LEU B 810 -4.44 -23.62 0.90
C LEU B 810 -4.61 -23.70 -0.61
N SER B 811 -5.41 -22.82 -1.21
CA SER B 811 -5.68 -22.92 -2.65
C SER B 811 -4.60 -22.23 -3.44
N ASN B 812 -3.92 -21.26 -2.84
CA ASN B 812 -2.91 -20.49 -3.60
C ASN B 812 -1.50 -20.92 -3.20
N VAL B 813 -1.35 -22.05 -2.54
CA VAL B 813 -0.01 -22.66 -2.34
C VAL B 813 -0.18 -24.16 -2.61
N ALA B 814 -1.30 -24.57 -3.22
CA ALA B 814 -1.55 -26.01 -3.38
C ALA B 814 -0.53 -26.60 -4.34
N GLY B 815 -0.13 -25.83 -5.33
CA GLY B 815 0.77 -26.39 -6.33
C GLY B 815 2.08 -26.84 -5.73
N VAL B 816 2.56 -26.11 -4.74
CA VAL B 816 3.86 -26.46 -4.15
C VAL B 816 3.69 -27.75 -3.35
N PHE B 817 2.52 -27.98 -2.79
CA PHE B 817 2.28 -29.27 -2.11
C PHE B 817 2.27 -30.40 -3.13
N TYR B 818 1.63 -30.19 -4.28
CA TYR B 818 1.61 -31.24 -5.31
C TYR B 818 3.02 -31.53 -5.77
N ILE B 819 3.83 -30.51 -5.98
CA ILE B 819 5.23 -30.73 -6.40
C ILE B 819 5.96 -31.51 -5.31
N LEU B 820 5.71 -31.19 -4.05
CA LEU B 820 6.44 -31.87 -2.97
C LEU B 820 6.10 -33.35 -2.98
N VAL B 821 4.84 -33.68 -3.07
CA VAL B 821 4.47 -35.12 -3.00
C VAL B 821 4.91 -35.82 -4.28
N GLY B 822 4.88 -35.13 -5.40
CA GLY B 822 5.39 -35.77 -6.63
C GLY B 822 6.87 -36.05 -6.51
N GLY B 823 7.61 -35.14 -5.93
CA GLY B 823 9.05 -35.36 -5.72
C GLY B 823 9.32 -36.50 -4.78
N LEU B 824 8.50 -36.65 -3.74
CA LEU B 824 8.68 -37.77 -2.80
C LEU B 824 8.40 -39.09 -3.54
N GLY B 825 7.39 -39.11 -4.39
CA GLY B 825 7.14 -40.33 -5.17
C GLY B 825 8.28 -40.65 -6.11
N LEU B 826 8.80 -39.64 -6.78
CA LEU B 826 9.91 -39.84 -7.74
C LEU B 826 11.13 -40.33 -6.97
N ALA B 827 11.38 -39.79 -5.79
CA ALA B 827 12.56 -40.20 -5.02
C ALA B 827 12.43 -41.66 -4.63
N MET B 828 11.25 -42.07 -4.21
CA MET B 828 11.05 -43.48 -3.83
C MET B 828 11.25 -44.35 -5.07
N LEU B 829 10.77 -43.93 -6.23
CA LEU B 829 10.91 -44.75 -7.43
C LEU B 829 12.39 -44.90 -7.78
N VAL B 830 13.14 -43.81 -7.75
CA VAL B 830 14.57 -43.86 -8.10
C VAL B 830 15.30 -44.77 -7.12
N ALA B 831 15.00 -44.66 -5.84
CA ALA B 831 15.68 -45.50 -4.84
C ALA B 831 15.37 -46.97 -5.13
N LEU B 832 14.13 -47.26 -5.45
CA LEU B 832 13.76 -48.69 -5.63
C LEU B 832 14.41 -49.22 -6.90
N ILE B 833 14.47 -48.43 -7.96
CA ILE B 833 15.15 -48.88 -9.19
C ILE B 833 16.62 -49.16 -8.91
N GLU B 834 17.27 -48.28 -8.18
CA GLU B 834 18.71 -48.51 -7.88
C GLU B 834 18.85 -49.78 -7.05
N PHE B 835 17.96 -50.01 -6.09
CA PHE B 835 18.08 -51.19 -5.23
C PHE B 835 17.83 -52.46 -6.05
N CYS B 836 16.85 -52.44 -6.94
CA CYS B 836 16.60 -53.61 -7.80
C CYS B 836 17.80 -53.85 -8.71
N TYR B 837 18.37 -52.80 -9.27
CA TYR B 837 19.54 -52.98 -10.14
C TYR B 837 20.70 -53.57 -9.34
N LYS B 838 20.93 -53.07 -8.13
CA LYS B 838 22.08 -53.57 -7.35
C LYS B 838 21.82 -55.03 -6.96
N SER B 839 20.58 -55.36 -6.64
CA SER B 839 20.24 -56.74 -6.24
C SER B 839 20.53 -57.69 -7.41
N ARG B 840 20.11 -57.32 -8.62
CA ARG B 840 20.28 -58.24 -9.76
C ARG B 840 21.78 -58.41 -10.04
N ALA B 841 22.54 -57.32 -9.98
CA ALA B 841 23.98 -57.42 -10.30
C ALA B 841 24.68 -58.29 -9.25
N GLU B 842 24.27 -58.20 -8.00
CA GLU B 842 24.97 -58.94 -6.93
C GLU B 842 24.80 -60.45 -7.11
N ALA B 843 23.73 -60.88 -7.79
CA ALA B 843 23.54 -62.33 -8.02
C ALA B 843 24.74 -62.94 -8.74
N LYS B 844 25.25 -62.27 -9.76
CA LYS B 844 26.42 -62.78 -10.50
C LYS B 844 27.68 -62.75 -9.62
N LYS C 414 -12.90 42.39 -59.40
CA LYS C 414 -13.69 41.28 -60.00
C LYS C 414 -13.30 39.96 -59.32
N THR C 415 -12.11 39.43 -59.63
CA THR C 415 -11.65 38.20 -58.92
C THR C 415 -11.31 38.58 -57.47
N VAL C 416 -11.92 37.87 -56.53
CA VAL C 416 -11.71 38.18 -55.10
C VAL C 416 -10.33 37.68 -54.65
N VAL C 417 -9.52 38.57 -54.11
CA VAL C 417 -8.18 38.16 -53.62
C VAL C 417 -8.33 37.63 -52.20
N VAL C 418 -8.02 36.35 -52.00
CA VAL C 418 -8.17 35.74 -50.66
C VAL C 418 -6.81 35.71 -49.96
N THR C 419 -6.73 36.32 -48.79
CA THR C 419 -5.46 36.21 -48.02
C THR C 419 -5.63 35.02 -47.06
N THR C 420 -4.61 34.19 -47.00
CA THR C 420 -4.70 33.03 -46.09
C THR C 420 -3.30 32.75 -45.55
N ILE C 421 -3.18 31.68 -44.76
CA ILE C 421 -1.85 31.42 -44.14
C ILE C 421 -1.49 29.94 -44.31
N LEU C 422 -0.21 29.67 -44.55
CA LEU C 422 0.24 28.25 -44.65
C LEU C 422 0.23 27.70 -43.23
N GLU C 423 -0.90 27.12 -42.85
CA GLU C 423 -1.05 26.59 -41.48
C GLU C 423 -1.75 25.24 -41.63
N SER C 424 -1.09 24.16 -41.24
CA SER C 424 -1.71 22.83 -41.46
C SER C 424 -2.81 22.60 -40.41
N PRO C 425 -3.93 21.92 -40.74
CA PRO C 425 -4.23 21.42 -42.09
C PRO C 425 -5.17 22.35 -42.87
N TYR C 426 -5.17 23.63 -42.52
CA TYR C 426 -6.08 24.61 -43.16
C TYR C 426 -5.62 24.92 -44.59
N VAL C 427 -4.34 25.25 -44.77
CA VAL C 427 -3.80 25.49 -46.13
C VAL C 427 -2.39 24.90 -46.20
N MET C 428 -2.15 24.04 -47.19
CA MET C 428 -0.83 23.38 -47.29
C MET C 428 -0.44 23.29 -48.77
N MET C 429 0.85 23.21 -49.05
CA MET C 429 1.27 23.02 -50.46
C MET C 429 0.96 21.60 -50.89
N LYS C 430 0.27 21.43 -52.01
CA LYS C 430 0.01 20.06 -52.54
C LYS C 430 1.33 19.37 -52.87
N LYS C 431 1.36 18.05 -52.71
CA LYS C 431 2.60 17.28 -53.00
C LYS C 431 3.16 17.64 -54.38
N ASN C 432 2.29 17.84 -55.38
CA ASN C 432 2.77 18.13 -56.76
C ASN C 432 2.43 19.57 -57.13
N HIS C 433 2.52 20.51 -56.18
CA HIS C 433 2.09 21.91 -56.46
C HIS C 433 2.88 22.54 -57.61
N GLU C 434 4.16 22.17 -57.76
CA GLU C 434 5.01 22.78 -58.81
C GLU C 434 4.42 22.47 -60.19
N MET C 435 3.57 21.45 -60.28
CA MET C 435 3.00 21.05 -61.59
C MET C 435 1.59 21.61 -61.73
N LEU C 436 1.09 22.34 -60.72
CA LEU C 436 -0.31 22.84 -60.76
C LEU C 436 -0.34 24.37 -60.81
N GLU C 437 -1.50 24.94 -61.11
CA GLU C 437 -1.59 26.42 -61.28
C GLU C 437 -2.55 27.06 -60.28
N GLY C 438 -2.27 28.30 -59.88
CA GLY C 438 -3.17 29.07 -59.00
C GLY C 438 -3.71 28.37 -57.76
N ASN C 439 -5.02 28.34 -57.61
CA ASN C 439 -5.65 27.79 -56.38
C ASN C 439 -5.39 26.29 -56.28
N GLU C 440 -5.07 25.64 -57.40
CA GLU C 440 -4.89 24.17 -57.40
C GLU C 440 -3.57 23.76 -56.74
N ARG C 441 -2.71 24.74 -56.43
CA ARG C 441 -1.41 24.42 -55.79
C ARG C 441 -1.62 24.12 -54.31
N TYR C 442 -2.78 24.48 -53.75
CA TYR C 442 -2.95 24.31 -52.29
C TYR C 442 -4.05 23.31 -51.96
N GLU C 443 -4.00 22.79 -50.74
CA GLU C 443 -5.07 21.87 -50.28
C GLU C 443 -5.25 22.07 -48.78
N GLY C 444 -6.43 21.71 -48.28
CA GLY C 444 -6.62 21.84 -46.84
C GLY C 444 -8.05 22.18 -46.49
N TYR C 445 -8.33 22.22 -45.18
CA TYR C 445 -9.69 22.53 -44.72
C TYR C 445 -10.13 23.88 -45.31
N CYS C 446 -9.29 24.92 -45.16
CA CYS C 446 -9.70 26.27 -45.63
C CYS C 446 -9.66 26.36 -47.16
N VAL C 447 -8.88 25.50 -47.82
CA VAL C 447 -8.91 25.48 -49.30
C VAL C 447 -10.28 24.93 -49.71
N ASP C 448 -10.70 23.85 -49.06
CA ASP C 448 -12.03 23.26 -49.35
C ASP C 448 -13.12 24.28 -48.99
N LEU C 449 -12.93 24.97 -47.88
CA LEU C 449 -13.97 25.94 -47.43
C LEU C 449 -14.01 27.15 -48.38
N ALA C 450 -12.83 27.61 -48.84
CA ALA C 450 -12.77 28.77 -49.76
C ALA C 450 -13.57 28.48 -51.03
N ALA C 451 -13.36 27.28 -51.58
CA ALA C 451 -14.06 26.91 -52.84
C ALA C 451 -15.57 26.97 -52.58
N GLU C 452 -15.99 26.50 -51.41
CA GLU C 452 -17.45 26.46 -51.12
C GLU C 452 -18.00 27.85 -50.84
N ILE C 453 -17.29 28.66 -50.05
CA ILE C 453 -17.75 30.06 -49.79
C ILE C 453 -17.88 30.77 -51.13
N ALA C 454 -16.89 30.59 -52.01
CA ALA C 454 -16.92 31.27 -53.32
C ALA C 454 -18.11 30.80 -54.18
N LYS C 455 -18.39 29.49 -54.21
CA LYS C 455 -19.54 28.97 -54.98
C LYS C 455 -20.85 29.55 -54.42
N HIS C 456 -21.00 29.54 -53.10
CA HIS C 456 -22.29 29.98 -52.50
C HIS C 456 -22.44 31.50 -52.54
N CYS C 457 -21.34 32.22 -52.74
CA CYS C 457 -21.43 33.70 -52.77
C CYS C 457 -21.35 34.16 -54.22
N GLY C 458 -21.06 33.23 -55.13
CA GLY C 458 -21.03 33.57 -56.57
C GLY C 458 -19.86 34.47 -56.96
N PHE C 459 -18.66 34.18 -56.46
CA PHE C 459 -17.52 35.00 -56.92
C PHE C 459 -16.31 34.13 -57.30
N LYS C 460 -15.45 34.70 -58.15
CA LYS C 460 -14.21 33.98 -58.50
C LYS C 460 -13.16 34.48 -57.52
N TYR C 461 -12.15 33.67 -57.24
CA TYR C 461 -11.20 34.12 -56.20
C TYR C 461 -9.79 33.65 -56.49
N LYS C 462 -8.83 34.26 -55.79
CA LYS C 462 -7.42 33.89 -55.98
C LYS C 462 -6.80 33.74 -54.59
N LEU C 463 -6.33 32.54 -54.26
CA LEU C 463 -5.70 32.31 -52.94
C LEU C 463 -4.30 32.93 -52.95
N THR C 464 -3.99 33.68 -51.91
CA THR C 464 -2.64 34.27 -51.78
C THR C 464 -2.18 34.07 -50.33
N ILE C 465 -0.93 33.67 -50.17
CA ILE C 465 -0.41 33.41 -48.80
C ILE C 465 0.05 34.75 -48.21
N VAL C 466 -0.43 35.08 -47.02
CA VAL C 466 -0.04 36.37 -46.38
C VAL C 466 1.49 36.50 -46.38
N GLY C 467 2.00 37.61 -46.93
CA GLY C 467 3.46 37.80 -47.08
C GLY C 467 4.26 37.68 -45.79
N ASP C 468 3.78 38.23 -44.68
CA ASP C 468 4.60 38.22 -43.43
C ASP C 468 4.33 36.95 -42.61
N GLY C 469 3.43 36.10 -43.10
CA GLY C 469 3.16 34.82 -42.41
C GLY C 469 2.56 35.00 -41.02
N LYS C 470 1.92 36.14 -40.77
CA LYS C 470 1.31 36.39 -39.43
C LYS C 470 -0.21 36.44 -39.50
N TYR C 471 -0.87 36.31 -38.35
CA TYR C 471 -2.35 36.30 -38.33
C TYR C 471 -2.88 37.73 -38.36
N GLY C 472 -2.37 38.57 -37.47
CA GLY C 472 -2.81 39.97 -37.48
C GLY C 472 -2.84 40.57 -36.11
N ALA C 473 -1.98 41.57 -35.90
CA ALA C 473 -1.97 42.27 -34.61
C ALA C 473 -1.63 43.72 -34.90
N ARG C 474 -2.07 44.60 -34.03
CA ARG C 474 -1.74 46.02 -34.21
C ARG C 474 -0.48 46.29 -33.42
N ASP C 475 0.57 46.69 -34.13
CA ASP C 475 1.87 46.90 -33.46
C ASP C 475 1.70 48.00 -32.41
N ALA C 476 1.98 47.68 -31.14
CA ALA C 476 1.96 48.72 -30.10
C ALA C 476 3.22 49.54 -30.33
N ASP C 477 3.09 50.70 -30.97
CA ASP C 477 4.30 51.49 -31.31
C ASP C 477 4.06 52.11 -32.69
N THR C 478 4.15 51.30 -33.74
CA THR C 478 3.90 51.80 -35.12
C THR C 478 2.40 51.84 -35.39
N LYS C 479 1.60 51.15 -34.56
CA LYS C 479 0.11 51.12 -34.71
C LYS C 479 -0.32 50.52 -36.05
N ILE C 480 0.62 49.93 -36.78
CA ILE C 480 0.29 49.30 -38.09
C ILE C 480 -0.24 47.90 -37.84
N TRP C 481 -1.27 47.52 -38.60
CA TRP C 481 -1.81 46.15 -38.50
C TRP C 481 -1.01 45.24 -39.43
N ASN C 482 -0.58 44.10 -38.91
CA ASN C 482 0.24 43.19 -39.74
C ASN C 482 -0.59 41.95 -40.07
N GLY C 483 0.04 40.96 -40.70
CA GLY C 483 -0.64 39.69 -40.99
C GLY C 483 -1.83 39.80 -41.92
N MET C 484 -2.73 38.82 -41.82
CA MET C 484 -3.93 38.80 -42.71
C MET C 484 -4.84 39.98 -42.39
N VAL C 485 -4.92 40.37 -41.11
CA VAL C 485 -5.78 41.52 -40.74
C VAL C 485 -5.26 42.77 -41.47
N GLY C 486 -3.95 42.96 -41.47
CA GLY C 486 -3.37 44.11 -42.17
C GLY C 486 -3.68 44.09 -43.66
N GLU C 487 -3.57 42.93 -44.28
CA GLU C 487 -3.87 42.82 -45.74
C GLU C 487 -5.30 43.31 -46.01
N LEU C 488 -6.23 43.04 -45.10
CA LEU C 488 -7.64 43.47 -45.30
C LEU C 488 -7.76 44.96 -44.99
N VAL C 489 -7.13 45.40 -43.90
CA VAL C 489 -7.24 46.83 -43.45
C VAL C 489 -6.67 47.77 -44.52
N TYR C 490 -5.54 47.40 -45.13
CA TYR C 490 -4.89 48.30 -46.10
C TYR C 490 -5.34 47.95 -47.53
N GLY C 491 -6.32 47.05 -47.66
CA GLY C 491 -6.89 46.76 -49.00
C GLY C 491 -6.02 45.91 -49.91
N LYS C 492 -5.09 45.13 -49.36
CA LYS C 492 -4.27 44.24 -50.22
C LYS C 492 -5.06 42.96 -50.50
N ALA C 493 -6.04 42.65 -49.65
CA ALA C 493 -6.87 41.44 -49.87
C ALA C 493 -8.35 41.79 -49.67
N ASP C 494 -9.25 41.04 -50.31
CA ASP C 494 -10.69 41.33 -50.22
C ASP C 494 -11.37 40.44 -49.17
N ILE C 495 -10.69 39.38 -48.76
CA ILE C 495 -11.31 38.44 -47.79
C ILE C 495 -10.19 37.57 -47.20
N ALA C 496 -10.36 37.15 -45.96
CA ALA C 496 -9.39 36.23 -45.34
C ALA C 496 -10.14 34.95 -44.99
N ILE C 497 -9.67 33.83 -45.53
CA ILE C 497 -10.30 32.52 -45.22
C ILE C 497 -9.19 31.71 -44.56
N ALA C 498 -9.14 31.78 -43.24
CA ALA C 498 -8.05 31.12 -42.49
C ALA C 498 -8.50 30.84 -41.07
N PRO C 499 -7.71 30.13 -40.24
CA PRO C 499 -8.05 29.93 -38.83
C PRO C 499 -7.83 31.26 -38.09
N LEU C 500 -8.54 32.30 -38.52
CA LEU C 500 -8.40 33.66 -37.92
C LEU C 500 -9.42 33.82 -36.81
N THR C 501 -8.94 34.05 -35.59
CA THR C 501 -9.86 34.13 -34.43
C THR C 501 -10.64 35.45 -34.37
N ILE C 502 -11.94 35.33 -34.12
CA ILE C 502 -12.81 36.54 -33.97
C ILE C 502 -12.44 37.17 -32.63
N THR C 503 -11.88 38.38 -32.68
CA THR C 503 -11.53 39.09 -31.42
C THR C 503 -12.11 40.49 -31.47
N LEU C 504 -12.34 41.09 -30.31
CA LEU C 504 -12.93 42.45 -30.25
C LEU C 504 -12.02 43.43 -30.97
N VAL C 505 -10.72 43.41 -30.69
CA VAL C 505 -9.81 44.44 -31.29
C VAL C 505 -9.77 44.29 -32.82
N ARG C 506 -9.97 43.08 -33.34
CA ARG C 506 -9.97 42.93 -34.81
C ARG C 506 -11.34 43.35 -35.35
N GLU C 507 -12.40 42.99 -34.64
CA GLU C 507 -13.75 43.32 -35.13
C GLU C 507 -13.93 44.84 -35.21
N GLU C 508 -13.09 45.58 -34.50
CA GLU C 508 -13.20 47.06 -34.52
C GLU C 508 -12.70 47.59 -35.87
N VAL C 509 -11.84 46.84 -36.56
CA VAL C 509 -11.24 47.37 -37.82
C VAL C 509 -11.61 46.52 -39.04
N ILE C 510 -12.12 45.30 -38.82
CA ILE C 510 -12.55 44.43 -39.95
C ILE C 510 -13.87 43.73 -39.59
N ASP C 511 -14.53 43.14 -40.59
CA ASP C 511 -15.81 42.43 -40.33
C ASP C 511 -15.55 40.92 -40.28
N PHE C 512 -16.28 40.21 -39.42
CA PHE C 512 -16.15 38.73 -39.35
C PHE C 512 -17.50 38.05 -39.55
N SER C 513 -17.50 36.92 -40.24
CA SER C 513 -18.74 36.13 -40.36
C SER C 513 -18.97 35.48 -39.00
N LYS C 514 -20.10 34.79 -38.86
CA LYS C 514 -20.32 34.01 -37.62
C LYS C 514 -19.24 32.93 -37.62
N PRO C 515 -18.92 32.26 -36.50
CA PRO C 515 -17.84 31.28 -36.49
C PRO C 515 -18.04 30.05 -37.42
N PHE C 516 -16.98 29.66 -38.12
CA PHE C 516 -17.08 28.42 -38.93
C PHE C 516 -16.40 27.29 -38.13
N MET C 517 -15.79 27.64 -37.00
CA MET C 517 -15.11 26.62 -36.16
C MET C 517 -15.10 27.13 -34.72
N SER C 518 -15.45 26.25 -33.77
CA SER C 518 -15.40 26.63 -32.33
C SER C 518 -14.11 26.07 -31.73
N LEU C 519 -13.46 26.82 -30.85
CA LEU C 519 -12.16 26.34 -30.30
C LEU C 519 -11.77 27.05 -29.01
N GLY C 520 -10.60 26.73 -28.49
CA GLY C 520 -10.09 27.41 -27.30
C GLY C 520 -8.59 27.21 -27.18
N ILE C 521 -7.91 28.09 -26.45
CA ILE C 521 -6.45 27.93 -26.24
C ILE C 521 -6.21 26.64 -25.46
N SER C 522 -5.13 25.95 -25.79
CA SER C 522 -4.84 24.67 -25.10
C SER C 522 -3.33 24.52 -24.90
N ILE C 523 -2.94 23.51 -24.13
CA ILE C 523 -1.49 23.27 -23.89
C ILE C 523 -1.02 22.05 -24.68
N MET C 524 0.08 22.21 -25.41
CA MET C 524 0.66 21.06 -26.14
C MET C 524 1.95 20.68 -25.42
N ILE C 525 2.08 19.40 -25.04
CA ILE C 525 3.34 18.95 -24.40
C ILE C 525 3.93 17.77 -25.17
N LYS C 526 5.23 17.58 -25.00
CA LYS C 526 5.87 16.38 -25.57
C LYS C 526 5.42 15.26 -24.64
N LYS C 527 5.03 14.11 -25.19
CA LYS C 527 4.49 13.03 -24.32
C LYS C 527 5.45 12.74 -23.15
N SER C 531 8.11 3.41 -18.78
CA SER C 531 9.57 3.53 -18.65
C SER C 531 10.22 2.16 -18.80
N LYS C 532 11.24 2.05 -19.65
CA LYS C 532 12.00 0.78 -19.72
C LYS C 532 12.86 0.70 -18.46
N PRO C 533 12.77 -0.37 -17.64
CA PRO C 533 13.61 -0.44 -16.47
C PRO C 533 15.10 -0.47 -16.84
N GLY C 534 15.93 0.17 -16.04
CA GLY C 534 17.37 0.17 -16.30
C GLY C 534 17.95 -1.23 -16.24
N VAL C 535 19.06 -1.44 -16.90
CA VAL C 535 19.71 -2.77 -16.84
C VAL C 535 20.07 -3.04 -15.38
N PHE C 536 20.54 -2.02 -14.65
CA PHE C 536 20.93 -2.20 -13.25
C PHE C 536 19.91 -1.57 -12.32
N SER C 537 18.63 -1.79 -12.60
CA SER C 537 17.58 -1.21 -11.74
C SER C 537 17.42 -2.03 -10.48
N PHE C 538 18.07 -3.19 -10.40
CA PHE C 538 17.98 -4.01 -9.18
C PHE C 538 18.73 -3.34 -8.03
N LEU C 539 19.51 -2.30 -8.31
CA LEU C 539 20.21 -1.57 -7.23
C LEU C 539 19.40 -0.36 -6.76
N ASP C 540 18.19 -0.18 -7.23
CA ASP C 540 17.45 1.06 -6.94
C ASP C 540 16.89 1.11 -5.52
N PRO C 541 16.49 0.01 -4.87
CA PRO C 541 15.97 0.15 -3.53
C PRO C 541 16.89 0.88 -2.54
N LEU C 542 18.20 0.83 -2.76
CA LEU C 542 19.15 1.48 -1.85
C LEU C 542 19.89 2.57 -2.62
N ALA C 543 20.16 3.67 -1.96
CA ALA C 543 20.88 4.80 -2.58
C ALA C 543 22.25 4.36 -3.02
N TYR C 544 22.90 5.17 -3.84
CA TYR C 544 24.25 4.85 -4.34
C TYR C 544 25.25 4.87 -3.20
N GLU C 545 25.09 5.80 -2.27
CA GLU C 545 26.06 5.93 -1.18
C GLU C 545 25.99 4.72 -0.26
N ILE C 546 24.83 4.09 -0.13
CA ILE C 546 24.74 2.87 0.71
C ILE C 546 25.56 1.77 0.05
N TRP C 547 25.50 1.62 -1.27
CA TRP C 547 26.27 0.55 -1.91
C TRP C 547 27.76 0.85 -1.78
N MET C 548 28.15 2.10 -1.98
CA MET C 548 29.55 2.49 -1.81
C MET C 548 30.00 2.12 -0.41
N CYS C 549 29.24 2.52 0.61
CA CYS C 549 29.69 2.28 2.00
C CYS C 549 29.59 0.81 2.36
N ILE C 550 28.75 0.04 1.67
CA ILE C 550 28.72 -1.41 1.90
C ILE C 550 30.04 -1.99 1.40
N VAL C 551 30.53 -1.54 0.26
CA VAL C 551 31.84 -2.05 -0.22
C VAL C 551 32.97 -1.64 0.73
N PHE C 552 32.98 -0.41 1.18
CA PHE C 552 34.02 0.01 2.14
C PHE C 552 33.93 -0.80 3.44
N ALA C 553 32.72 -1.03 3.92
CA ALA C 553 32.53 -1.80 5.17
C ALA C 553 32.99 -3.24 4.96
N TYR C 554 32.77 -3.79 3.79
CA TYR C 554 33.21 -5.16 3.52
C TYR C 554 34.72 -5.25 3.57
N ILE C 555 35.40 -4.31 2.94
CA ILE C 555 36.88 -4.34 2.97
C ILE C 555 37.36 -4.15 4.41
N GLY C 556 36.80 -3.22 5.14
CA GLY C 556 37.23 -3.00 6.53
C GLY C 556 37.00 -4.22 7.39
N VAL C 557 35.85 -4.85 7.27
CA VAL C 557 35.55 -6.03 8.11
C VAL C 557 36.52 -7.14 7.77
N SER C 558 36.78 -7.38 6.49
CA SER C 558 37.70 -8.46 6.10
C SER C 558 39.09 -8.19 6.65
N VAL C 559 39.57 -6.96 6.54
CA VAL C 559 40.94 -6.67 7.01
C VAL C 559 41.01 -6.82 8.53
N VAL C 560 39.99 -6.35 9.25
CA VAL C 560 40.09 -6.43 10.72
C VAL C 560 39.96 -7.88 11.16
N LEU C 561 39.16 -8.67 10.48
CA LEU C 561 39.06 -10.10 10.84
C LEU C 561 40.40 -10.78 10.62
N PHE C 562 41.06 -10.51 9.50
CA PHE C 562 42.41 -11.07 9.28
C PHE C 562 43.38 -10.61 10.36
N LEU C 563 43.41 -9.33 10.65
CA LEU C 563 44.33 -8.77 11.67
C LEU C 563 44.10 -9.45 13.01
N VAL C 564 42.90 -9.44 13.54
CA VAL C 564 42.67 -9.99 14.90
C VAL C 564 42.88 -11.49 14.89
N SER C 565 42.61 -12.17 13.79
CA SER C 565 42.72 -13.63 13.78
C SER C 565 44.16 -14.07 13.63
N ARG C 566 45.02 -13.29 13.00
CA ARG C 566 46.36 -13.80 12.65
C ARG C 566 47.53 -13.03 13.25
N PHE C 567 47.33 -11.86 13.84
CA PHE C 567 48.51 -11.04 14.22
C PHE C 567 49.25 -11.63 15.39
N SER C 568 48.55 -12.15 16.38
CA SER C 568 49.22 -12.61 17.62
C SER C 568 50.11 -13.81 17.32
N PRO C 569 51.36 -13.84 17.79
CA PRO C 569 52.20 -15.00 17.57
C PRO C 569 51.85 -16.17 18.52
N TYR C 570 51.05 -15.91 19.55
CA TYR C 570 50.68 -16.97 20.51
C TYR C 570 49.49 -17.78 20.01
N GLU C 571 49.26 -17.76 18.70
CA GLU C 571 48.15 -18.56 18.11
C GLU C 571 48.70 -19.43 16.97
N TRP C 572 49.92 -19.94 17.14
CA TRP C 572 50.51 -20.79 16.09
C TRP C 572 51.08 -22.07 16.73
N ASN C 590 40.19 -23.86 6.61
CA ASN C 590 41.46 -23.41 7.24
C ASN C 590 41.18 -22.21 8.17
N GLU C 591 42.24 -21.55 8.62
CA GLU C 591 42.07 -20.37 9.49
C GLU C 591 42.00 -19.14 8.59
N PHE C 592 41.69 -18.00 9.19
CA PHE C 592 41.38 -16.79 8.42
C PHE C 592 42.61 -16.03 7.98
N GLY C 593 43.10 -16.38 6.81
CA GLY C 593 44.08 -15.52 6.16
C GLY C 593 43.32 -14.42 5.45
N ILE C 594 44.02 -13.60 4.68
CA ILE C 594 43.31 -12.45 4.07
C ILE C 594 42.30 -12.99 3.05
N PHE C 595 42.68 -13.99 2.28
CA PHE C 595 41.74 -14.47 1.25
C PHE C 595 40.56 -15.16 1.93
N ASN C 596 40.83 -15.95 2.96
CA ASN C 596 39.73 -16.67 3.62
C ASN C 596 38.84 -15.68 4.38
N SER C 597 39.40 -14.58 4.84
CA SER C 597 38.59 -13.60 5.59
C SER C 597 37.70 -12.86 4.61
N LEU C 598 38.20 -12.53 3.43
CA LEU C 598 37.35 -11.92 2.40
C LEU C 598 36.22 -12.90 2.03
N TRP C 599 36.53 -14.17 1.95
CA TRP C 599 35.50 -15.15 1.58
C TRP C 599 34.46 -15.27 2.69
N PHE C 600 34.89 -15.28 3.94
CA PHE C 600 33.95 -15.36 5.06
C PHE C 600 33.00 -14.15 5.02
N SER C 601 33.55 -12.96 4.83
CA SER C 601 32.72 -11.75 4.85
C SER C 601 31.75 -11.78 3.67
N LEU C 602 32.21 -12.18 2.50
CA LEU C 602 31.30 -12.18 1.32
C LEU C 602 30.19 -13.18 1.58
N GLY C 603 30.53 -14.35 2.07
CA GLY C 603 29.49 -15.34 2.30
C GLY C 603 28.54 -14.91 3.39
N ALA C 604 28.99 -14.15 4.36
CA ALA C 604 28.10 -13.65 5.41
C ALA C 604 27.14 -12.64 4.82
N PHE C 605 27.60 -11.78 3.93
CA PHE C 605 26.70 -10.73 3.41
C PHE C 605 25.63 -11.36 2.53
N MET C 606 26.00 -12.32 1.70
CA MET C 606 25.01 -12.97 0.83
C MET C 606 24.17 -13.97 1.64
N ARG C 607 24.26 -13.93 2.96
CA ARG C 607 23.45 -14.81 3.84
C ARG C 607 23.65 -16.27 3.44
N GLN C 608 24.81 -16.58 2.90
CA GLN C 608 25.05 -17.95 2.37
C GLN C 608 25.88 -18.77 3.35
N GLY C 609 25.55 -18.64 4.62
CA GLY C 609 26.15 -19.53 5.62
C GLY C 609 27.64 -19.59 5.61
N CYS C 610 28.17 -20.59 6.33
CA CYS C 610 29.63 -20.61 6.57
C CYS C 610 30.24 -21.95 6.23
N ASP C 611 31.52 -21.92 5.91
CA ASP C 611 32.31 -23.16 5.84
C ASP C 611 33.25 -23.10 7.05
N ILE C 612 33.62 -21.89 7.47
CA ILE C 612 34.42 -21.70 8.71
C ILE C 612 33.78 -20.54 9.46
N SER C 613 34.05 -20.46 10.76
CA SER C 613 33.57 -19.28 11.53
C SER C 613 34.64 -18.93 12.55
N PRO C 614 34.79 -17.66 12.97
CA PRO C 614 35.83 -17.34 13.89
C PRO C 614 35.64 -18.11 15.18
N ARG C 615 36.72 -18.46 15.85
CA ARG C 615 36.63 -19.24 17.10
C ARG C 615 37.09 -18.40 18.29
N SER C 616 37.83 -17.32 18.05
CA SER C 616 38.34 -16.48 19.16
C SER C 616 37.37 -15.35 19.48
N LEU C 617 37.55 -14.74 20.64
CA LEU C 617 36.62 -13.68 21.07
C LEU C 617 36.65 -12.51 20.10
N SER C 618 37.82 -12.12 19.63
CA SER C 618 37.90 -10.94 18.75
C SER C 618 37.29 -11.27 17.38
N GLY C 619 37.62 -12.42 16.84
CA GLY C 619 37.00 -12.83 15.58
C GLY C 619 35.50 -12.90 15.70
N ARG C 620 35.02 -13.33 16.86
CA ARG C 620 33.57 -13.51 17.01
C ARG C 620 32.89 -12.15 17.18
N ILE C 621 33.58 -11.17 17.75
CA ILE C 621 32.96 -9.83 17.82
C ILE C 621 32.84 -9.27 16.42
N VAL C 622 33.88 -9.43 15.62
CA VAL C 622 33.84 -8.92 14.23
C VAL C 622 32.72 -9.63 13.46
N GLY C 623 32.64 -10.93 13.59
CA GLY C 623 31.61 -11.69 12.89
C GLY C 623 30.23 -11.31 13.35
N GLY C 624 30.07 -11.02 14.63
CA GLY C 624 28.74 -10.70 15.15
C GLY C 624 28.25 -9.39 14.58
N VAL C 625 29.10 -8.38 14.59
CA VAL C 625 28.65 -7.07 14.10
C VAL C 625 28.42 -7.16 12.60
N TRP C 626 29.23 -7.92 11.88
CA TRP C 626 29.00 -8.08 10.44
C TRP C 626 27.69 -8.79 10.17
N TRP C 627 27.34 -9.77 10.98
CA TRP C 627 26.06 -10.48 10.81
C TRP C 627 24.88 -9.55 11.08
N PHE C 628 24.96 -8.73 12.10
CA PHE C 628 23.89 -7.77 12.38
C PHE C 628 23.76 -6.79 11.22
N PHE C 629 24.87 -6.27 10.75
CA PHE C 629 24.87 -5.32 9.64
C PHE C 629 24.20 -5.96 8.44
N THR C 630 24.58 -7.18 8.14
CA THR C 630 24.02 -7.87 6.97
C THR C 630 22.51 -8.02 7.13
N LEU C 631 22.06 -8.38 8.30
CA LEU C 631 20.62 -8.64 8.50
C LEU C 631 19.84 -7.36 8.25
N ILE C 632 20.25 -6.27 8.86
CA ILE C 632 19.53 -5.00 8.68
C ILE C 632 19.58 -4.58 7.22
N ILE C 633 20.71 -4.68 6.55
CA ILE C 633 20.81 -4.18 5.15
C ILE C 633 19.96 -5.04 4.21
N ILE C 634 19.99 -6.36 4.36
CA ILE C 634 19.22 -7.21 3.41
C ILE C 634 17.73 -7.05 3.68
N SER C 635 17.34 -6.95 4.94
CA SER C 635 15.91 -6.75 5.26
C SER C 635 15.46 -5.42 4.68
N SER C 636 16.30 -4.40 4.78
CA SER C 636 15.90 -3.06 4.31
C SER C 636 15.81 -3.04 2.79
N TYR C 637 16.65 -3.79 2.12
CA TYR C 637 16.57 -3.88 0.66
C TYR C 637 15.25 -4.52 0.25
N THR C 638 14.88 -5.62 0.87
CA THR C 638 13.64 -6.30 0.49
C THR C 638 12.45 -5.41 0.81
N ALA C 639 12.47 -4.73 1.94
CA ALA C 639 11.32 -3.91 2.33
C ALA C 639 11.16 -2.72 1.40
N ASN C 640 12.25 -2.11 1.01
CA ASN C 640 12.15 -0.95 0.11
C ASN C 640 11.80 -1.40 -1.29
N LEU C 641 12.24 -2.57 -1.72
CA LEU C 641 11.84 -3.05 -3.05
C LEU C 641 10.34 -3.30 -3.03
N ALA C 642 9.81 -3.85 -1.96
CA ALA C 642 8.36 -4.07 -1.85
C ALA C 642 7.63 -2.74 -1.89
N ALA C 643 8.16 -1.73 -1.21
CA ALA C 643 7.50 -0.42 -1.21
C ALA C 643 7.47 0.11 -2.63
N PHE C 644 8.60 0.01 -3.34
CA PHE C 644 8.64 0.47 -4.75
C PHE C 644 7.56 -0.22 -5.56
N LEU C 645 7.55 -1.55 -5.53
CA LEU C 645 6.58 -2.29 -6.38
C LEU C 645 5.13 -2.07 -5.95
N THR C 646 4.87 -1.90 -4.66
CA THR C 646 3.49 -1.66 -4.20
C THR C 646 3.02 -0.30 -4.71
N VAL C 647 3.83 0.72 -4.52
CA VAL C 647 3.42 2.08 -4.94
C VAL C 647 3.30 2.10 -6.46
N ILE C 654 3.24 18.11 -16.69
CA ILE C 654 2.40 19.33 -16.77
C ILE C 654 0.97 18.90 -17.10
N GLU C 655 0.02 19.33 -16.28
CA GLU C 655 -1.39 18.91 -16.50
C GLU C 655 -2.26 20.15 -16.72
N SER C 656 -1.71 21.34 -16.49
CA SER C 656 -2.57 22.54 -16.58
C SER C 656 -1.78 23.83 -16.73
N ALA C 657 -2.50 24.92 -16.96
CA ALA C 657 -1.85 26.23 -17.07
C ALA C 657 -1.34 26.61 -15.68
N GLU C 658 -2.08 26.22 -14.64
CA GLU C 658 -1.63 26.49 -13.25
C GLU C 658 -0.29 25.81 -13.06
N ASP C 659 -0.16 24.58 -13.56
CA ASP C 659 1.11 23.84 -13.41
C ASP C 659 2.24 24.62 -14.08
N LEU C 660 2.03 25.06 -15.32
CA LEU C 660 3.08 25.83 -16.04
C LEU C 660 3.43 27.09 -15.24
N SER C 661 2.42 27.79 -14.72
CA SER C 661 2.65 29.08 -14.01
C SER C 661 3.49 28.90 -12.75
N LYS C 662 3.30 27.79 -12.02
CA LYS C 662 4.00 27.61 -10.73
C LYS C 662 5.44 27.14 -10.92
N GLN C 663 5.88 26.90 -12.16
CA GLN C 663 7.25 26.34 -12.31
C GLN C 663 8.06 27.11 -13.36
N THR C 664 9.33 26.76 -13.52
CA THR C 664 10.18 27.53 -14.47
C THR C 664 11.14 26.62 -15.25
N GLU C 665 11.25 25.35 -14.87
CA GLU C 665 12.17 24.42 -15.56
C GLU C 665 11.65 24.19 -16.99
N ILE C 666 10.33 24.09 -17.12
CA ILE C 666 9.71 23.89 -18.45
C ILE C 666 9.33 25.25 -19.02
N ALA C 667 9.96 25.62 -20.14
CA ALA C 667 9.63 26.90 -20.80
C ALA C 667 8.30 26.76 -21.54
N TYR C 668 7.62 27.87 -21.78
CA TYR C 668 6.36 27.79 -22.55
C TYR C 668 6.08 29.13 -23.23
N GLY C 669 5.52 29.04 -24.43
CA GLY C 669 5.26 30.28 -25.17
C GLY C 669 4.09 30.15 -26.12
N THR C 670 3.91 31.19 -26.93
CA THR C 670 2.78 31.20 -27.89
C THR C 670 3.29 31.64 -29.25
N LEU C 671 2.38 31.68 -30.23
CA LEU C 671 2.77 32.22 -31.54
C LEU C 671 3.15 33.67 -31.30
N ASP C 672 4.26 34.13 -31.89
CA ASP C 672 4.78 35.51 -31.66
C ASP C 672 3.75 36.57 -32.08
N SER C 673 2.89 36.23 -33.02
CA SER C 673 1.81 37.16 -33.42
C SER C 673 0.51 36.38 -33.53
N GLY C 674 -0.45 36.65 -32.66
CA GLY C 674 -1.67 35.83 -32.70
C GLY C 674 -2.66 36.21 -31.61
N SER C 675 -3.85 35.61 -31.68
CA SER C 675 -4.90 35.91 -30.67
C SER C 675 -4.55 35.18 -29.37
N THR C 676 -3.72 34.15 -29.45
CA THR C 676 -3.27 33.47 -28.21
C THR C 676 -2.40 34.45 -27.43
N LYS C 677 -1.42 35.05 -28.10
CA LYS C 677 -0.50 36.01 -27.41
C LYS C 677 -1.34 37.15 -26.83
N GLU C 678 -2.35 37.61 -27.56
CA GLU C 678 -3.20 38.72 -27.07
C GLU C 678 -4.08 38.24 -25.90
N PHE C 679 -4.55 37.00 -25.94
CA PHE C 679 -5.33 36.50 -24.78
C PHE C 679 -4.52 36.67 -23.50
N PHE C 680 -3.24 36.31 -23.54
CA PHE C 680 -2.38 36.36 -22.32
C PHE C 680 -2.01 37.80 -21.97
N ARG C 681 -1.67 38.60 -22.98
CA ARG C 681 -1.27 40.02 -22.75
C ARG C 681 -2.41 40.81 -22.10
N ARG C 682 -3.66 40.34 -22.21
CA ARG C 682 -4.81 41.11 -21.70
C ARG C 682 -5.55 40.39 -20.57
N SER C 683 -5.22 39.11 -20.30
CA SER C 683 -5.97 38.37 -19.26
C SER C 683 -5.87 39.12 -17.92
N LYS C 684 -6.95 39.15 -17.17
CA LYS C 684 -6.88 39.76 -15.81
C LYS C 684 -7.00 38.60 -14.83
N ILE C 685 -6.97 37.38 -15.36
CA ILE C 685 -7.01 36.16 -14.50
C ILE C 685 -5.60 35.94 -13.96
N ALA C 686 -5.48 35.73 -12.64
CA ALA C 686 -4.15 35.62 -11.98
C ALA C 686 -3.21 34.62 -12.65
N VAL C 687 -3.66 33.39 -12.91
CA VAL C 687 -2.77 32.34 -13.48
C VAL C 687 -2.29 32.79 -14.87
N PHE C 688 -3.18 33.32 -15.69
CA PHE C 688 -2.77 33.70 -17.06
C PHE C 688 -1.88 34.96 -17.03
N ASP C 689 -2.17 35.90 -16.12
CA ASP C 689 -1.33 37.11 -15.99
C ASP C 689 0.07 36.69 -15.54
N LYS C 690 0.16 35.72 -14.64
CA LYS C 690 1.47 35.23 -14.16
C LYS C 690 2.21 34.59 -15.33
N MET C 691 1.47 33.84 -16.16
CA MET C 691 2.10 33.19 -17.34
C MET C 691 2.57 34.27 -18.33
N TRP C 692 1.77 35.32 -18.53
CA TRP C 692 2.16 36.40 -19.47
C TRP C 692 3.40 37.12 -18.94
N THR C 693 3.40 37.44 -17.64
CA THR C 693 4.54 38.14 -17.02
C THR C 693 5.82 37.37 -17.34
N TYR C 694 5.73 36.04 -17.23
CA TYR C 694 6.93 35.20 -17.50
C TYR C 694 7.23 35.21 -19.00
N MET C 695 6.25 34.83 -19.81
CA MET C 695 6.50 34.69 -21.28
C MET C 695 7.05 35.98 -21.89
N ARG C 696 6.49 37.14 -21.53
CA ARG C 696 6.92 38.39 -22.21
C ARG C 696 8.37 38.76 -21.88
N SER C 697 8.92 38.21 -20.79
CA SER C 697 10.29 38.59 -20.38
C SER C 697 11.27 37.42 -20.52
N ALA C 698 10.78 36.23 -20.87
CA ALA C 698 11.65 35.04 -20.91
C ALA C 698 12.76 35.19 -21.96
N GLU C 699 13.98 34.76 -21.62
CA GLU C 699 15.09 34.77 -22.60
C GLU C 699 15.77 33.41 -22.51
N PRO C 700 16.05 32.72 -23.63
CA PRO C 700 15.70 33.19 -24.97
C PRO C 700 14.18 33.30 -25.17
N SER C 701 13.76 33.97 -26.24
CA SER C 701 12.30 34.17 -26.49
C SER C 701 11.54 32.84 -26.49
N VAL C 702 10.37 32.84 -25.88
CA VAL C 702 9.55 31.60 -25.88
C VAL C 702 8.52 31.72 -26.99
N PHE C 703 8.54 32.84 -27.72
CA PHE C 703 7.56 33.03 -28.82
C PHE C 703 8.13 32.46 -30.11
N VAL C 704 7.23 32.03 -31.00
CA VAL C 704 7.68 31.41 -32.27
C VAL C 704 7.01 32.13 -33.44
N ARG C 705 7.64 32.09 -34.62
CA ARG C 705 7.11 32.81 -35.81
C ARG C 705 5.93 32.06 -36.43
N THR C 706 5.95 30.72 -36.37
CA THR C 706 4.84 29.94 -36.97
C THR C 706 4.46 28.79 -36.03
N THR C 707 3.25 28.25 -36.22
CA THR C 707 2.81 27.12 -35.37
C THR C 707 3.79 25.95 -35.55
N ALA C 708 4.19 25.66 -36.80
CA ALA C 708 5.12 24.55 -37.06
C ALA C 708 6.39 24.71 -36.22
N GLU C 709 6.84 25.96 -36.06
CA GLU C 709 8.06 26.24 -35.26
C GLU C 709 7.80 25.87 -33.80
N GLY C 710 6.62 26.20 -33.29
CA GLY C 710 6.28 25.86 -31.90
C GLY C 710 6.20 24.36 -31.73
N VAL C 711 5.57 23.68 -32.69
CA VAL C 711 5.45 22.20 -32.62
C VAL C 711 6.85 21.57 -32.62
N ALA C 712 7.74 22.06 -33.49
CA ALA C 712 9.08 21.45 -33.58
C ALA C 712 9.84 21.72 -32.27
N ARG C 713 9.64 22.90 -31.69
CA ARG C 713 10.36 23.24 -30.45
C ARG C 713 9.88 22.30 -29.34
N VAL C 714 8.57 22.03 -29.31
CA VAL C 714 8.06 21.05 -28.31
C VAL C 714 8.73 19.72 -28.58
N ARG C 715 8.67 19.25 -29.82
CA ARG C 715 9.22 17.92 -30.18
C ARG C 715 10.73 17.79 -29.90
N LYS C 716 11.50 18.87 -30.00
CA LYS C 716 12.97 18.73 -29.86
C LYS C 716 13.44 19.12 -28.46
N SER C 717 12.54 19.62 -27.60
CA SER C 717 12.99 20.12 -26.28
C SER C 717 12.88 19.07 -25.17
N LYS C 718 12.53 17.81 -25.49
CA LYS C 718 12.49 16.72 -24.49
C LYS C 718 11.58 17.08 -23.31
N GLY C 719 10.52 17.84 -23.58
CA GLY C 719 9.55 18.15 -22.51
C GLY C 719 9.93 19.39 -21.72
N LYS C 720 10.99 20.08 -22.13
CA LYS C 720 11.42 21.33 -21.46
C LYS C 720 10.75 22.53 -22.13
N TYR C 721 9.89 22.27 -23.12
CA TYR C 721 9.13 23.36 -23.76
C TYR C 721 7.69 22.91 -24.00
N ALA C 722 6.73 23.67 -23.47
CA ALA C 722 5.30 23.38 -23.71
C ALA C 722 4.81 24.50 -24.61
N TYR C 723 3.82 24.23 -25.45
CA TYR C 723 3.40 25.27 -26.41
C TYR C 723 1.92 25.58 -26.21
N LEU C 724 1.61 26.88 -26.13
CA LEU C 724 0.19 27.28 -26.00
C LEU C 724 -0.36 27.59 -27.38
N LEU C 725 -1.39 26.86 -27.79
CA LEU C 725 -1.97 27.07 -29.15
C LEU C 725 -3.43 26.67 -29.15
N GLU C 726 -4.12 26.98 -30.24
CA GLU C 726 -5.58 26.72 -30.24
C GLU C 726 -5.84 25.20 -30.27
N SER C 727 -6.87 24.76 -29.57
CA SER C 727 -7.22 23.32 -29.47
C SER C 727 -7.27 22.66 -30.84
N THR C 728 -7.78 23.39 -31.84
CA THR C 728 -7.87 22.85 -33.22
C THR C 728 -6.51 22.42 -33.73
N MET C 729 -5.51 23.30 -33.64
CA MET C 729 -4.16 22.94 -34.14
C MET C 729 -3.60 21.82 -33.25
N ASN C 730 -3.83 21.93 -31.94
CA ASN C 730 -3.30 20.91 -30.98
C ASN C 730 -3.86 19.54 -31.34
N GLU C 731 -5.18 19.42 -31.49
CA GLU C 731 -5.85 18.14 -31.85
C GLU C 731 -5.32 17.61 -33.19
N TYR C 732 -5.03 18.51 -34.12
CA TYR C 732 -4.54 18.06 -35.44
C TYR C 732 -3.14 17.45 -35.29
N ILE C 733 -2.24 18.17 -34.62
CA ILE C 733 -0.83 17.70 -34.45
C ILE C 733 -0.81 16.41 -33.62
N GLU C 734 -1.73 16.29 -32.68
CA GLU C 734 -1.80 15.06 -31.84
C GLU C 734 -2.05 13.85 -32.75
N GLN C 735 -2.64 14.06 -33.93
CA GLN C 735 -2.95 12.92 -34.84
C GLN C 735 -1.90 12.85 -35.95
N ARG C 736 -0.74 13.49 -35.75
CA ARG C 736 0.31 13.47 -36.79
C ARG C 736 1.57 12.75 -36.28
N LYS C 737 2.19 11.96 -37.14
CA LYS C 737 3.45 11.28 -36.74
C LYS C 737 4.51 12.35 -36.46
N PRO C 738 5.50 12.11 -35.58
CA PRO C 738 5.64 10.85 -34.81
C PRO C 738 4.72 10.64 -33.58
N CYS C 739 3.57 11.32 -33.52
CA CYS C 739 2.60 11.08 -32.41
C CYS C 739 3.29 11.29 -31.06
N ASP C 740 4.16 12.29 -30.98
CA ASP C 740 4.94 12.48 -29.74
C ASP C 740 4.43 13.70 -28.98
N THR C 741 3.35 14.31 -29.45
CA THR C 741 2.80 15.46 -28.69
C THR C 741 1.40 15.13 -28.18
N MET C 742 0.95 15.93 -27.22
CA MET C 742 -0.35 15.59 -26.60
C MET C 742 -0.98 16.87 -26.06
N LYS C 743 -2.31 16.93 -26.20
CA LYS C 743 -3.06 18.08 -25.67
C LYS C 743 -3.39 17.76 -24.21
N VAL C 744 -3.04 18.66 -23.28
CA VAL C 744 -3.25 18.36 -21.84
C VAL C 744 -4.13 19.43 -21.19
N GLY C 745 -5.03 18.98 -20.32
CA GLY C 745 -5.91 19.94 -19.62
C GLY C 745 -7.09 20.37 -20.47
N GLY C 746 -7.92 21.24 -19.90
CA GLY C 746 -9.08 21.72 -20.65
C GLY C 746 -8.68 22.92 -21.49
N ASN C 747 -9.64 23.45 -22.26
CA ASN C 747 -9.35 24.68 -23.02
C ASN C 747 -9.33 25.86 -22.05
N LEU C 748 -8.47 26.85 -22.30
CA LEU C 748 -8.33 28.02 -21.39
C LEU C 748 -9.49 28.99 -21.66
N ASP C 749 -10.06 28.92 -22.85
CA ASP C 749 -11.20 29.83 -23.20
C ASP C 749 -12.07 29.17 -24.26
N SER C 750 -13.11 29.87 -24.70
CA SER C 750 -14.01 29.34 -25.76
C SER C 750 -14.26 30.47 -26.77
N LYS C 751 -14.00 30.21 -28.04
CA LYS C 751 -14.17 31.28 -29.05
C LYS C 751 -14.31 30.66 -30.44
N GLY C 752 -14.18 31.47 -31.49
CA GLY C 752 -14.41 30.91 -32.82
C GLY C 752 -13.58 31.56 -33.91
N TYR C 753 -13.44 30.85 -35.03
CA TYR C 753 -12.73 31.41 -36.20
C TYR C 753 -13.80 31.98 -37.12
N GLY C 754 -13.51 33.11 -37.76
CA GLY C 754 -14.50 33.67 -38.68
C GLY C 754 -13.89 34.06 -40.01
N ILE C 755 -14.71 34.10 -41.06
CA ILE C 755 -14.23 34.59 -42.38
C ILE C 755 -14.20 36.12 -42.28
N ALA C 756 -13.05 36.74 -42.60
CA ALA C 756 -12.95 38.20 -42.39
C ALA C 756 -12.97 38.97 -43.71
N THR C 757 -13.59 40.15 -43.67
CA THR C 757 -13.64 41.03 -44.88
C THR C 757 -13.31 42.45 -44.41
N PRO C 758 -12.84 43.35 -45.30
CA PRO C 758 -12.58 44.73 -44.92
C PRO C 758 -13.87 45.37 -44.38
N LYS C 759 -13.71 46.27 -43.42
CA LYS C 759 -14.90 46.96 -42.86
C LYS C 759 -15.73 47.53 -44.01
N GLY C 760 -17.02 47.21 -44.02
CA GLY C 760 -17.90 47.78 -45.05
C GLY C 760 -17.82 47.03 -46.37
N SER C 761 -17.29 45.81 -46.37
CA SER C 761 -17.13 45.09 -47.67
C SER C 761 -18.49 44.62 -48.17
N SER C 762 -18.65 44.62 -49.49
CA SER C 762 -19.92 44.19 -50.11
C SER C 762 -20.14 42.70 -49.86
N LEU C 763 -19.05 41.95 -49.65
CA LEU C 763 -19.14 40.46 -49.51
C LEU C 763 -19.60 40.05 -48.11
N ARG C 764 -19.62 40.98 -47.17
CA ARG C 764 -19.91 40.61 -45.76
C ARG C 764 -21.20 39.78 -45.59
N THR C 765 -22.33 40.23 -46.15
CA THR C 765 -23.62 39.54 -45.88
C THR C 765 -23.68 38.16 -46.55
N PRO C 766 -23.38 38.01 -47.86
CA PRO C 766 -23.41 36.71 -48.52
C PRO C 766 -22.47 35.70 -47.84
N VAL C 767 -21.27 36.14 -47.44
CA VAL C 767 -20.29 35.17 -46.83
C VAL C 767 -20.77 34.77 -45.42
N ASN C 768 -21.42 35.68 -44.69
CA ASN C 768 -21.98 35.32 -43.37
C ASN C 768 -23.09 34.29 -43.56
N LEU C 769 -23.94 34.50 -44.56
CA LEU C 769 -25.06 33.54 -44.81
C LEU C 769 -24.51 32.19 -45.31
N ALA C 770 -23.46 32.20 -46.13
CA ALA C 770 -22.88 30.94 -46.67
C ALA C 770 -22.30 30.10 -45.52
N VAL C 771 -21.59 30.76 -44.59
CA VAL C 771 -20.98 30.05 -43.44
C VAL C 771 -22.08 29.38 -42.63
N LEU C 772 -23.19 30.08 -42.40
CA LEU C 772 -24.35 29.49 -41.68
C LEU C 772 -24.95 28.32 -42.48
N LYS C 773 -25.05 28.44 -43.82
CA LYS C 773 -25.56 27.33 -44.68
C LYS C 773 -24.61 26.13 -44.57
N LEU C 774 -23.30 26.36 -44.65
CA LEU C 774 -22.30 25.25 -44.57
C LEU C 774 -22.33 24.66 -43.15
N SER C 775 -22.49 25.51 -42.15
CA SER C 775 -22.67 25.02 -40.75
C SER C 775 -23.92 24.12 -40.70
N GLU C 776 -25.09 24.65 -41.07
CA GLU C 776 -26.36 23.88 -40.94
C GLU C 776 -26.37 22.60 -41.78
N GLN C 777 -25.63 22.55 -42.89
CA GLN C 777 -25.75 21.33 -43.70
C GLN C 777 -24.67 20.33 -43.30
N GLY C 778 -23.94 20.61 -42.23
CA GLY C 778 -22.94 19.63 -41.74
C GLY C 778 -21.62 19.66 -42.51
N VAL C 779 -21.42 20.63 -43.40
CA VAL C 779 -20.19 20.65 -44.25
C VAL C 779 -18.97 20.89 -43.36
N LEU C 780 -19.13 21.78 -42.39
CA LEU C 780 -17.96 22.16 -41.57
C LEU C 780 -17.51 20.96 -40.72
N ASP C 781 -18.47 20.13 -40.28
CA ASP C 781 -18.10 18.93 -39.47
C ASP C 781 -17.41 17.90 -40.38
N LYS C 782 -17.92 17.71 -41.59
CA LYS C 782 -17.29 16.75 -42.54
C LYS C 782 -15.87 17.18 -42.83
N LEU C 783 -15.67 18.48 -43.06
CA LEU C 783 -14.32 19.00 -43.42
C LEU C 783 -13.37 18.89 -42.24
N LYS C 784 -13.86 19.08 -41.02
CA LYS C 784 -12.91 18.91 -39.88
C LYS C 784 -12.55 17.43 -39.77
N ASN C 785 -13.54 16.56 -39.89
CA ASN C 785 -13.24 15.10 -39.83
C ASN C 785 -12.29 14.71 -40.96
N LYS C 786 -12.56 15.22 -42.17
CA LYS C 786 -11.72 14.86 -43.33
C LYS C 786 -10.26 15.20 -43.05
N TRP C 787 -10.00 16.43 -42.59
CA TRP C 787 -8.60 16.90 -42.42
C TRP C 787 -8.00 16.63 -41.03
N TRP C 788 -8.79 16.24 -40.03
CA TRP C 788 -8.14 15.94 -38.74
C TRP C 788 -8.04 14.43 -38.52
N TYR C 789 -9.18 13.73 -38.64
CA TYR C 789 -9.26 12.30 -38.19
C TYR C 789 -9.25 11.30 -39.37
N ASP C 790 -9.86 11.58 -40.53
CA ASP C 790 -9.86 10.54 -41.60
C ASP C 790 -8.42 10.17 -41.98
N LYS C 791 -7.51 11.15 -42.02
CA LYS C 791 -6.08 10.85 -42.32
C LYS C 791 -5.20 10.94 -41.05
N GLY C 792 -5.75 10.59 -39.88
CA GLY C 792 -4.98 10.59 -38.61
C GLY C 792 -3.94 9.48 -38.56
N GLU C 793 -2.70 9.82 -38.17
CA GLU C 793 -1.59 8.82 -38.17
C GLU C 793 -1.34 8.26 -36.76
N CYS C 794 -2.14 8.68 -35.79
CA CYS C 794 -2.04 8.13 -34.40
C CYS C 794 -3.42 7.65 -34.00
N THR C 805 -0.79 -4.75 -10.81
CA THR C 805 0.22 -5.39 -9.95
C THR C 805 1.38 -5.90 -10.83
N SER C 806 1.07 -6.39 -12.03
CA SER C 806 2.13 -6.81 -12.98
C SER C 806 2.89 -8.01 -12.44
N ALA C 807 4.11 -8.24 -12.92
CA ALA C 807 4.92 -9.39 -12.52
C ALA C 807 6.32 -9.08 -12.98
N LEU C 808 7.32 -9.28 -12.13
CA LEU C 808 8.66 -8.78 -12.51
C LEU C 808 9.07 -9.40 -13.84
N SER C 809 9.30 -8.57 -14.84
CA SER C 809 9.78 -8.96 -16.17
C SER C 809 11.29 -9.15 -16.18
N LEU C 810 11.78 -9.85 -17.18
CA LEU C 810 13.23 -10.07 -17.28
C LEU C 810 13.93 -8.74 -17.50
N SER C 811 13.25 -7.72 -18.01
CA SER C 811 13.87 -6.40 -18.18
C SER C 811 14.25 -5.81 -16.81
N ASN C 812 13.49 -6.12 -15.79
CA ASN C 812 13.77 -5.60 -14.44
C ASN C 812 15.04 -6.20 -13.88
N VAL C 813 15.30 -7.47 -14.13
CA VAL C 813 16.46 -8.15 -13.48
C VAL C 813 17.47 -8.61 -14.52
N ALA C 814 17.59 -7.86 -15.60
CA ALA C 814 18.49 -8.36 -16.67
C ALA C 814 19.93 -8.13 -16.23
N GLY C 815 20.18 -7.04 -15.53
CA GLY C 815 21.55 -6.72 -15.13
C GLY C 815 22.15 -7.83 -14.30
N VAL C 816 21.36 -8.48 -13.48
CA VAL C 816 21.92 -9.50 -12.58
C VAL C 816 22.34 -10.71 -13.41
N PHE C 817 21.62 -11.00 -14.48
CA PHE C 817 22.02 -12.09 -15.39
C PHE C 817 23.30 -11.70 -16.13
N TYR C 818 23.42 -10.47 -16.56
CA TYR C 818 24.66 -10.03 -17.24
C TYR C 818 25.83 -10.17 -16.29
N ILE C 819 25.66 -9.75 -15.05
CA ILE C 819 26.74 -9.85 -14.05
C ILE C 819 27.08 -11.32 -13.83
N LEU C 820 26.09 -12.17 -13.73
CA LEU C 820 26.34 -13.60 -13.48
C LEU C 820 27.17 -14.18 -14.61
N VAL C 821 26.76 -13.97 -15.85
CA VAL C 821 27.52 -14.60 -16.96
C VAL C 821 28.90 -13.96 -17.09
N GLY C 822 29.01 -12.67 -16.81
CA GLY C 822 30.34 -12.06 -16.83
C GLY C 822 31.23 -12.67 -15.78
N GLY C 823 30.69 -12.95 -14.61
CA GLY C 823 31.47 -13.58 -13.54
C GLY C 823 31.89 -14.98 -13.93
N LEU C 824 31.02 -15.71 -14.60
CA LEU C 824 31.38 -17.07 -15.08
C LEU C 824 32.51 -16.96 -16.10
N GLY C 825 32.43 -16.02 -17.02
CA GLY C 825 33.53 -15.82 -17.96
C GLY C 825 34.83 -15.47 -17.26
N LEU C 826 34.76 -14.58 -16.29
CA LEU C 826 35.99 -14.15 -15.58
C LEU C 826 36.57 -15.35 -14.84
N ALA C 827 35.72 -16.19 -14.25
CA ALA C 827 36.19 -17.36 -13.53
C ALA C 827 36.91 -18.29 -14.49
N MET C 828 36.35 -18.47 -15.67
CA MET C 828 36.98 -19.42 -16.61
C MET C 828 38.33 -18.85 -17.04
N LEU C 829 38.38 -17.56 -17.29
CA LEU C 829 39.66 -16.93 -17.68
C LEU C 829 40.72 -17.09 -16.59
N VAL C 830 40.35 -16.86 -15.34
CA VAL C 830 41.31 -16.95 -14.22
C VAL C 830 41.80 -18.39 -14.11
N ALA C 831 40.91 -19.36 -14.24
CA ALA C 831 41.30 -20.76 -14.14
C ALA C 831 42.32 -21.08 -15.22
N LEU C 832 42.05 -20.65 -16.44
CA LEU C 832 42.95 -21.02 -17.56
C LEU C 832 44.29 -20.31 -17.38
N ILE C 833 44.29 -19.09 -16.87
CA ILE C 833 45.60 -18.39 -16.73
C ILE C 833 46.43 -19.12 -15.68
N GLU C 834 45.81 -19.51 -14.59
CA GLU C 834 46.54 -20.27 -13.56
C GLU C 834 47.05 -21.59 -14.14
N PHE C 835 46.23 -22.26 -14.92
CA PHE C 835 46.63 -23.56 -15.49
C PHE C 835 47.82 -23.39 -16.44
N CYS C 836 47.80 -22.34 -17.25
CA CYS C 836 48.93 -22.10 -18.17
C CYS C 836 50.18 -21.77 -17.35
N TYR C 837 50.03 -20.99 -16.30
CA TYR C 837 51.19 -20.62 -15.47
C TYR C 837 51.80 -21.87 -14.83
N LYS C 838 50.94 -22.76 -14.35
CA LYS C 838 51.45 -24.00 -13.73
C LYS C 838 52.11 -24.89 -14.79
N SER C 839 51.55 -24.94 -16.00
CA SER C 839 52.17 -25.73 -17.08
C SER C 839 53.56 -25.19 -17.41
N ARG C 840 53.69 -23.88 -17.47
CA ARG C 840 55.01 -23.28 -17.76
C ARG C 840 55.93 -23.47 -16.56
N ALA C 841 55.38 -23.58 -15.35
CA ALA C 841 56.21 -23.64 -14.14
C ALA C 841 57.02 -24.94 -14.13
N GLU C 842 56.47 -26.01 -14.70
CA GLU C 842 57.22 -27.30 -14.62
C GLU C 842 58.60 -27.11 -15.27
N ALA C 843 59.65 -27.56 -14.57
CA ALA C 843 61.03 -27.35 -15.05
C ALA C 843 61.18 -27.72 -16.52
N LYS C 844 61.33 -26.71 -17.37
CA LYS C 844 61.43 -26.96 -18.83
C LYS C 844 62.76 -27.66 -19.15
N LYS D 414 -27.66 60.22 3.05
CA LYS D 414 -28.16 59.61 1.79
C LYS D 414 -27.32 58.37 1.46
N THR D 415 -26.07 58.56 1.05
CA THR D 415 -25.20 57.40 0.73
C THR D 415 -24.80 56.70 2.03
N VAL D 416 -25.08 55.40 2.09
CA VAL D 416 -24.79 54.64 3.33
C VAL D 416 -23.29 54.38 3.43
N VAL D 417 -22.69 54.79 4.55
CA VAL D 417 -21.25 54.55 4.77
C VAL D 417 -21.09 53.16 5.37
N VAL D 418 -20.40 52.28 4.63
CA VAL D 418 -20.24 50.88 5.10
C VAL D 418 -18.85 50.71 5.72
N THR D 419 -18.80 50.29 6.98
CA THR D 419 -17.47 50.01 7.57
C THR D 419 -17.19 48.52 7.35
N THR D 420 -15.98 48.21 6.93
CA THR D 420 -15.65 46.79 6.69
C THR D 420 -14.17 46.62 7.02
N ILE D 421 -13.66 45.39 6.82
CA ILE D 421 -12.25 45.14 7.21
C ILE D 421 -11.53 44.42 6.07
N LEU D 422 -10.26 44.78 5.88
CA LEU D 422 -9.44 44.07 4.86
C LEU D 422 -9.11 42.72 5.45
N GLU D 423 -9.97 41.75 5.17
CA GLU D 423 -9.77 40.39 5.72
C GLU D 423 -10.10 39.44 4.57
N SER D 424 -9.13 38.67 4.12
CA SER D 424 -9.39 37.82 2.95
C SER D 424 -10.22 36.60 3.37
N PRO D 425 -11.13 36.09 2.54
CA PRO D 425 -11.47 36.64 1.21
C PRO D 425 -12.73 37.50 1.23
N TYR D 426 -13.05 38.08 2.38
CA TYR D 426 -14.27 38.91 2.53
C TYR D 426 -14.10 40.24 1.80
N VAL D 427 -12.99 40.92 2.06
CA VAL D 427 -12.71 42.22 1.38
C VAL D 427 -11.22 42.28 1.07
N MET D 428 -10.91 42.50 -0.19
CA MET D 428 -9.48 42.53 -0.60
C MET D 428 -9.27 43.65 -1.59
N MET D 429 -8.05 44.16 -1.66
CA MET D 429 -7.76 45.22 -2.65
C MET D 429 -7.67 44.54 -4.02
N LYS D 430 -8.40 45.06 -5.00
CA LYS D 430 -8.28 44.51 -6.37
C LYS D 430 -6.85 44.72 -6.87
N LYS D 431 -6.35 43.80 -7.69
CA LYS D 431 -4.96 43.91 -8.19
C LYS D 431 -4.72 45.29 -8.81
N ASN D 432 -5.73 45.85 -9.49
CA ASN D 432 -5.57 47.16 -10.16
C ASN D 432 -6.34 48.25 -9.41
N HIS D 433 -6.43 48.15 -8.08
CA HIS D 433 -7.28 49.11 -7.31
C HIS D 433 -6.83 50.57 -7.53
N GLU D 434 -5.54 50.82 -7.71
CA GLU D 434 -5.04 52.22 -7.85
C GLU D 434 -5.65 52.86 -9.10
N MET D 435 -6.15 52.03 -10.02
CA MET D 435 -6.73 52.55 -11.29
C MET D 435 -8.26 52.63 -11.18
N LEU D 436 -8.83 52.20 -10.05
CA LEU D 436 -10.30 52.16 -9.90
C LEU D 436 -10.77 53.14 -8.82
N GLU D 437 -12.09 53.40 -8.76
CA GLU D 437 -12.59 54.41 -7.80
C GLU D 437 -13.61 53.81 -6.83
N GLY D 438 -13.68 54.37 -5.62
CA GLY D 438 -14.67 53.95 -4.62
C GLY D 438 -14.83 52.47 -4.37
N ASN D 439 -16.06 51.98 -4.48
CA ASN D 439 -16.35 50.56 -4.17
C ASN D 439 -15.66 49.63 -5.15
N GLU D 440 -15.29 50.15 -6.32
CA GLU D 440 -14.70 49.28 -7.38
C GLU D 440 -13.25 48.90 -7.04
N ARG D 441 -12.69 49.51 -5.99
CA ARG D 441 -11.29 49.20 -5.60
C ARG D 441 -11.24 47.87 -4.85
N TYR D 442 -12.37 47.37 -4.38
CA TYR D 442 -12.33 46.15 -3.54
C TYR D 442 -13.07 44.97 -4.18
N GLU D 443 -12.76 43.78 -3.71
CA GLU D 443 -13.46 42.57 -4.21
C GLU D 443 -13.53 41.56 -3.06
N GLY D 444 -14.47 40.64 -3.12
CA GLY D 444 -14.52 39.62 -2.05
C GLY D 444 -15.93 39.19 -1.72
N TYR D 445 -16.03 38.22 -0.81
CA TYR D 445 -17.36 37.71 -0.42
C TYR D 445 -18.22 38.87 0.08
N CYS D 446 -17.67 39.69 1.00
CA CYS D 446 -18.49 40.77 1.61
C CYS D 446 -18.69 41.93 0.63
N VAL D 447 -17.81 42.05 -0.36
CA VAL D 447 -18.02 43.09 -1.42
C VAL D 447 -19.23 42.64 -2.24
N ASP D 448 -19.26 41.35 -2.58
CA ASP D 448 -20.41 40.80 -3.35
C ASP D 448 -21.68 40.90 -2.49
N LEU D 449 -21.55 40.61 -1.20
CA LEU D 449 -22.74 40.64 -0.32
C LEU D 449 -23.23 42.07 -0.13
N ALA D 450 -22.31 43.03 0.00
CA ALA D 450 -22.68 44.45 0.20
C ALA D 450 -23.51 44.93 -0.98
N ALA D 451 -23.07 44.60 -2.18
CA ALA D 451 -23.79 45.06 -3.39
C ALA D 451 -25.21 44.48 -3.35
N GLU D 452 -25.34 43.24 -2.92
CA GLU D 452 -26.69 42.60 -2.91
C GLU D 452 -27.56 43.16 -1.79
N ILE D 453 -27.00 43.34 -0.59
CA ILE D 453 -27.78 43.92 0.53
C ILE D 453 -28.26 45.30 0.08
N ALA D 454 -27.37 46.07 -0.55
CA ALA D 454 -27.72 47.43 -0.98
C ALA D 454 -28.85 47.41 -2.03
N LYS D 455 -28.79 46.46 -2.97
CA LYS D 455 -29.86 46.38 -4.01
C LYS D 455 -31.20 46.01 -3.37
N HIS D 456 -31.18 45.02 -2.47
CA HIS D 456 -32.46 44.54 -1.88
C HIS D 456 -33.00 45.51 -0.83
N CYS D 457 -32.16 46.41 -0.34
CA CYS D 457 -32.63 47.41 0.65
C CYS D 457 -32.84 48.75 -0.04
N GLY D 458 -32.38 48.85 -1.30
CA GLY D 458 -32.61 50.08 -2.08
C GLY D 458 -31.75 51.24 -1.62
N PHE D 459 -30.46 51.02 -1.34
CA PHE D 459 -29.66 52.21 -0.93
C PHE D 459 -28.32 52.28 -1.65
N LYS D 460 -27.79 53.50 -1.71
CA LYS D 460 -26.45 53.69 -2.33
C LYS D 460 -25.48 53.59 -1.16
N TYR D 461 -24.26 53.13 -1.42
CA TYR D 461 -23.36 52.95 -0.27
C TYR D 461 -21.92 53.23 -0.64
N LYS D 462 -21.10 53.39 0.39
CA LYS D 462 -19.67 53.67 0.18
C LYS D 462 -18.89 52.75 1.11
N LEU D 463 -18.09 51.86 0.54
CA LEU D 463 -17.27 50.94 1.38
C LEU D 463 -16.11 51.73 1.98
N THR D 464 -15.88 51.55 3.28
CA THR D 464 -14.71 52.20 3.92
C THR D 464 -14.04 51.16 4.81
N ILE D 465 -12.72 51.12 4.76
CA ILE D 465 -11.99 50.14 5.60
C ILE D 465 -11.85 50.73 7.00
N VAL D 466 -12.25 49.97 8.01
CA VAL D 466 -12.13 50.45 9.41
C VAL D 466 -10.71 50.97 9.66
N GLY D 467 -10.58 52.21 10.14
CA GLY D 467 -9.27 52.85 10.31
C GLY D 467 -8.28 52.08 11.18
N ASP D 468 -8.73 51.51 12.29
CA ASP D 468 -7.76 50.86 13.22
C ASP D 468 -7.58 49.39 12.84
N GLY D 469 -8.26 48.94 11.79
CA GLY D 469 -8.11 47.55 11.32
C GLY D 469 -8.55 46.50 12.33
N LYS D 470 -9.43 46.88 13.26
CA LYS D 470 -9.90 45.91 14.30
C LYS D 470 -11.39 45.58 14.12
N TYR D 471 -11.81 44.51 14.76
CA TYR D 471 -13.23 44.08 14.64
C TYR D 471 -14.09 44.90 15.60
N GLY D 472 -13.68 44.98 16.86
CA GLY D 472 -14.49 45.74 17.82
C GLY D 472 -14.48 45.15 19.21
N ALA D 473 -13.93 45.90 20.16
CA ALA D 473 -13.95 45.46 21.56
C ALA D 473 -14.03 46.70 22.43
N ARG D 474 -14.58 46.51 23.63
CA ARG D 474 -14.71 47.65 24.55
C ARG D 474 -13.49 47.64 25.46
N ASP D 475 -12.73 48.73 25.43
CA ASP D 475 -11.51 48.81 26.26
C ASP D 475 -11.91 48.72 27.74
N ALA D 476 -11.39 47.72 28.43
CA ALA D 476 -11.63 47.63 29.89
C ALA D 476 -10.75 48.72 30.51
N ASP D 477 -11.34 49.85 30.84
CA ASP D 477 -10.51 50.97 31.37
C ASP D 477 -11.09 52.27 30.80
N THR D 478 -10.86 52.54 29.50
CA THR D 478 -11.41 53.76 28.86
C THR D 478 -12.86 53.51 28.47
N LYS D 479 -13.29 52.24 28.45
CA LYS D 479 -14.68 51.85 28.08
C LYS D 479 -15.05 52.26 26.66
N ILE D 480 -14.05 52.67 25.88
CA ILE D 480 -14.30 53.07 24.47
C ILE D 480 -14.33 51.85 23.56
N TRP D 481 -15.26 51.84 22.62
CA TRP D 481 -15.36 50.74 21.65
C TRP D 481 -14.45 51.03 20.46
N ASN D 482 -13.66 50.05 20.05
CA ASN D 482 -12.76 50.27 18.89
C ASN D 482 -13.26 49.48 17.69
N GLY D 483 -12.49 49.46 16.61
CA GLY D 483 -12.84 48.64 15.44
C GLY D 483 -14.12 49.02 14.75
N MET D 484 -14.71 48.06 14.02
CA MET D 484 -15.94 48.35 13.25
C MET D 484 -17.09 48.66 14.22
N VAL D 485 -17.08 48.00 15.38
CA VAL D 485 -18.17 48.23 16.36
C VAL D 485 -18.10 49.70 16.80
N GLY D 486 -16.90 50.19 17.07
CA GLY D 486 -16.73 51.60 17.46
C GLY D 486 -17.21 52.55 16.39
N GLU D 487 -16.89 52.24 15.14
CA GLU D 487 -17.34 53.13 14.03
C GLU D 487 -18.86 53.25 14.03
N LEU D 488 -19.57 52.17 14.37
CA LEU D 488 -21.05 52.21 14.38
C LEU D 488 -21.52 52.92 15.65
N VAL D 489 -20.88 52.60 16.78
CA VAL D 489 -21.31 53.17 18.09
C VAL D 489 -21.13 54.69 18.07
N TYR D 490 -20.02 55.18 17.51
CA TYR D 490 -19.76 56.65 17.54
C TYR D 490 -20.29 57.31 16.28
N GLY D 491 -21.01 56.56 15.44
CA GLY D 491 -21.67 57.16 14.26
C GLY D 491 -20.74 57.51 13.11
N LYS D 492 -19.57 56.87 13.04
CA LYS D 492 -18.66 57.11 11.89
C LYS D 492 -19.13 56.28 10.70
N ALA D 493 -19.87 55.21 10.96
CA ALA D 493 -20.39 54.36 9.87
C ALA D 493 -21.87 54.05 10.10
N ASP D 494 -22.61 53.78 9.02
CA ASP D 494 -24.06 53.50 9.12
C ASP D 494 -24.35 52.00 9.15
N ILE D 495 -23.37 51.19 8.75
CA ILE D 495 -23.60 49.72 8.69
C ILE D 495 -22.24 49.04 8.57
N ALA D 496 -22.13 47.83 9.10
CA ALA D 496 -20.88 47.07 8.94
C ALA D 496 -21.23 45.79 8.18
N ILE D 497 -20.57 45.58 7.05
CA ILE D 497 -20.78 44.33 6.26
C ILE D 497 -19.42 43.64 6.26
N ALA D 498 -19.20 42.75 7.23
CA ALA D 498 -17.88 42.13 7.39
C ALA D 498 -18.03 40.81 8.14
N PRO D 499 -16.95 40.01 8.29
CA PRO D 499 -17.01 38.80 9.10
C PRO D 499 -17.07 39.21 10.58
N LEU D 500 -18.09 39.98 10.95
CA LEU D 500 -18.24 40.49 12.33
C LEU D 500 -19.10 39.51 13.13
N THR D 501 -18.53 38.93 14.17
CA THR D 501 -19.24 37.90 14.94
C THR D 501 -20.34 38.47 15.85
N ILE D 502 -21.50 37.83 15.80
CA ILE D 502 -22.63 38.25 16.68
C ILE D 502 -22.26 37.81 18.08
N THR D 503 -22.06 38.77 18.99
CA THR D 503 -21.77 38.41 20.39
C THR D 503 -22.73 39.18 21.30
N LEU D 504 -22.94 38.67 22.52
CA LEU D 504 -23.86 39.34 23.46
C LEU D 504 -23.36 40.75 23.74
N VAL D 505 -22.10 40.90 24.09
CA VAL D 505 -21.59 42.25 24.49
C VAL D 505 -21.72 43.25 23.33
N ARG D 506 -21.66 42.77 22.09
CA ARG D 506 -21.80 43.72 20.96
C ARG D 506 -23.28 44.00 20.73
N GLU D 507 -24.11 42.98 20.83
CA GLU D 507 -25.56 43.16 20.59
C GLU D 507 -26.14 44.15 21.60
N GLU D 508 -25.45 44.34 22.72
CA GLU D 508 -25.97 45.27 23.75
C GLU D 508 -25.80 46.71 23.27
N VAL D 509 -24.86 46.96 22.34
CA VAL D 509 -24.59 48.38 21.93
C VAL D 509 -24.88 48.60 20.45
N ILE D 510 -25.01 47.52 19.66
CA ILE D 510 -25.32 47.66 18.21
C ILE D 510 -26.34 46.59 17.81
N ASP D 511 -26.95 46.76 16.64
CA ASP D 511 -27.93 45.76 16.17
C ASP D 511 -27.26 44.81 15.17
N PHE D 512 -27.64 43.54 15.21
CA PHE D 512 -27.11 42.58 14.21
C PHE D 512 -28.26 41.92 13.46
N SER D 513 -28.06 41.69 12.18
CA SER D 513 -29.06 40.92 11.40
C SER D 513 -28.94 39.47 11.87
N LYS D 514 -29.83 38.62 11.41
CA LYS D 514 -29.67 37.17 11.70
C LYS D 514 -28.37 36.77 11.00
N PRO D 515 -27.75 35.62 11.31
CA PRO D 515 -26.45 35.29 10.69
C PRO D 515 -26.43 35.09 9.18
N PHE D 516 -25.38 35.59 8.51
CA PHE D 516 -25.25 35.32 7.06
C PHE D 516 -24.22 34.21 6.88
N MET D 517 -23.55 33.82 7.97
CA MET D 517 -22.53 32.76 7.89
C MET D 517 -22.44 32.06 9.25
N SER D 518 -22.39 30.73 9.26
CA SER D 518 -22.23 29.97 10.52
C SER D 518 -20.77 29.57 10.64
N LEU D 519 -20.21 29.61 11.86
CA LEU D 519 -18.77 29.29 12.00
C LEU D 519 -18.40 28.96 13.45
N GLY D 520 -17.11 28.72 13.68
CA GLY D 520 -16.65 28.47 15.06
C GLY D 520 -15.15 28.67 15.17
N ILE D 521 -14.64 28.88 16.37
CA ILE D 521 -13.18 29.02 16.57
C ILE D 521 -12.53 27.68 16.20
N SER D 522 -11.36 27.76 15.59
CA SER D 522 -10.66 26.52 15.16
C SER D 522 -9.15 26.68 15.37
N ILE D 523 -8.41 25.60 15.18
CA ILE D 523 -6.93 25.64 15.36
C ILE D 523 -6.23 25.57 14.01
N MET D 524 -5.31 26.50 13.78
CA MET D 524 -4.52 26.45 12.53
C MET D 524 -3.08 26.07 12.92
N ILE D 525 -2.54 25.03 12.29
CA ILE D 525 -1.15 24.62 12.59
C ILE D 525 -0.32 24.59 11.32
N LYS D 526 0.99 24.69 11.50
CA LYS D 526 1.90 24.52 10.34
C LYS D 526 1.88 23.02 10.08
N LYS D 527 1.81 22.59 8.83
CA LYS D 527 1.68 21.14 8.57
C LYS D 527 2.80 20.31 9.20
N PRO D 528 2.55 19.03 9.54
CA PRO D 528 3.60 18.12 10.02
C PRO D 528 4.44 17.49 8.89
N GLN D 529 5.46 18.22 8.44
CA GLN D 529 6.35 17.70 7.38
C GLN D 529 7.02 16.40 7.83
N LYS D 530 7.63 15.71 6.88
CA LYS D 530 8.29 14.42 7.20
C LYS D 530 9.55 14.68 8.01
N SER D 531 9.77 13.87 9.03
CA SER D 531 10.94 14.08 9.93
C SER D 531 12.21 13.49 9.30
N LYS D 532 13.35 14.07 9.64
CA LYS D 532 14.63 13.50 9.17
C LYS D 532 14.87 12.17 9.87
N PRO D 533 15.31 11.12 9.16
CA PRO D 533 15.45 9.82 9.79
C PRO D 533 16.55 9.86 10.84
N GLY D 534 16.19 9.47 12.04
CA GLY D 534 17.16 9.54 13.14
C GLY D 534 18.12 8.36 13.11
N VAL D 535 19.32 8.59 13.62
CA VAL D 535 20.26 7.46 13.76
C VAL D 535 19.62 6.44 14.68
N PHE D 536 19.73 5.17 14.35
CA PHE D 536 19.03 4.11 15.12
C PHE D 536 17.54 4.09 14.79
N SER D 537 17.16 4.50 13.59
CA SER D 537 15.75 4.36 13.16
C SER D 537 15.60 2.98 12.51
N PHE D 538 16.67 2.21 12.47
CA PHE D 538 16.55 0.84 11.92
C PHE D 538 15.89 -0.07 12.95
N LEU D 539 15.65 0.42 14.17
CA LEU D 539 15.00 -0.39 15.21
C LEU D 539 13.50 -0.09 15.28
N ASP D 540 13.01 0.85 14.50
CA ASP D 540 11.62 1.30 14.66
C ASP D 540 10.58 0.25 14.34
N PRO D 541 10.78 -0.68 13.38
CA PRO D 541 9.73 -1.63 13.10
C PRO D 541 9.25 -2.45 14.30
N LEU D 542 10.08 -2.61 15.32
CA LEU D 542 9.70 -3.40 16.52
C LEU D 542 9.74 -2.50 17.74
N ALA D 543 8.81 -2.70 18.65
CA ALA D 543 8.73 -1.88 19.86
C ALA D 543 9.94 -2.14 20.75
N TYR D 544 10.29 -1.18 21.58
CA TYR D 544 11.48 -1.31 22.44
C TYR D 544 11.36 -2.56 23.31
N GLU D 545 10.15 -2.88 23.70
CA GLU D 545 9.96 -4.08 24.55
C GLU D 545 10.31 -5.34 23.77
N ILE D 546 10.05 -5.37 22.48
CA ILE D 546 10.35 -6.60 21.71
C ILE D 546 11.86 -6.77 21.69
N TRP D 547 12.61 -5.70 21.50
CA TRP D 547 14.08 -5.80 21.45
C TRP D 547 14.61 -6.25 22.81
N MET D 548 14.11 -5.65 23.87
CA MET D 548 14.60 -6.01 25.22
C MET D 548 14.31 -7.48 25.50
N CYS D 549 13.12 -7.95 25.18
CA CYS D 549 12.78 -9.36 25.47
C CYS D 549 13.53 -10.28 24.51
N ILE D 550 13.89 -9.81 23.32
CA ILE D 550 14.73 -10.63 22.42
C ILE D 550 16.07 -10.86 23.13
N VAL D 551 16.62 -9.83 23.75
CA VAL D 551 17.93 -10.00 24.40
C VAL D 551 17.79 -10.91 25.61
N PHE D 552 16.73 -10.78 26.38
CA PHE D 552 16.54 -11.70 27.53
C PHE D 552 16.39 -13.14 27.04
N ALA D 553 15.62 -13.34 25.98
CA ALA D 553 15.41 -14.70 25.47
C ALA D 553 16.72 -15.26 24.93
N TYR D 554 17.56 -14.41 24.37
CA TYR D 554 18.86 -14.87 23.86
C TYR D 554 19.69 -15.41 25.02
N ILE D 555 19.73 -14.67 26.12
CA ILE D 555 20.54 -15.11 27.28
C ILE D 555 19.95 -16.40 27.82
N GLY D 556 18.65 -16.46 27.97
CA GLY D 556 18.02 -17.67 28.52
C GLY D 556 18.26 -18.88 27.64
N VAL D 557 18.11 -18.72 26.34
CA VAL D 557 18.29 -19.89 25.43
C VAL D 557 19.74 -20.35 25.50
N SER D 558 20.67 -19.42 25.50
CA SER D 558 22.09 -19.80 25.53
C SER D 558 22.38 -20.55 26.82
N VAL D 559 21.86 -20.08 27.95
CA VAL D 559 22.19 -20.73 29.23
C VAL D 559 21.53 -22.09 29.29
N VAL D 560 20.30 -22.23 28.83
CA VAL D 560 19.65 -23.54 28.93
C VAL D 560 20.32 -24.51 27.97
N LEU D 561 20.79 -24.05 26.83
CA LEU D 561 21.50 -24.96 25.89
C LEU D 561 22.81 -25.41 26.51
N PHE D 562 23.53 -24.52 27.15
CA PHE D 562 24.78 -24.91 27.83
C PHE D 562 24.47 -25.91 28.94
N LEU D 563 23.47 -25.64 29.75
CA LEU D 563 23.13 -26.55 30.88
C LEU D 563 22.79 -27.92 30.34
N VAL D 564 21.82 -28.01 29.47
CA VAL D 564 21.35 -29.32 28.98
C VAL D 564 22.47 -30.03 28.22
N SER D 565 23.28 -29.31 27.46
CA SER D 565 24.29 -29.99 26.62
C SER D 565 25.35 -30.63 27.50
N ARG D 566 25.81 -29.94 28.53
CA ARG D 566 26.91 -30.46 29.35
C ARG D 566 26.60 -30.30 30.83
N PHE D 567 25.84 -31.23 31.37
CA PHE D 567 25.63 -31.24 32.83
C PHE D 567 25.73 -32.67 33.33
N SER D 568 25.23 -33.62 32.57
CA SER D 568 25.24 -35.02 33.03
C SER D 568 26.64 -35.56 32.85
N PRO D 569 27.21 -36.31 33.82
CA PRO D 569 28.52 -36.87 33.62
C PRO D 569 28.57 -37.92 32.50
N TYR D 570 27.42 -38.42 32.08
CA TYR D 570 27.38 -39.47 31.04
C TYR D 570 27.51 -38.88 29.65
N GLU D 571 27.31 -37.58 29.50
CA GLU D 571 27.55 -36.94 28.18
C GLU D 571 29.06 -36.75 27.99
N TRP D 572 29.79 -36.48 29.07
CA TRP D 572 31.25 -36.25 28.98
C TRP D 572 31.98 -37.52 28.54
N ASN D 590 29.23 -33.17 22.87
CA ASN D 590 28.57 -31.86 23.05
C ASN D 590 29.62 -30.79 23.29
N GLU D 591 29.99 -30.07 22.23
CA GLU D 591 31.00 -29.01 22.33
C GLU D 591 30.38 -27.66 22.73
N PHE D 592 29.21 -27.69 23.38
CA PHE D 592 28.55 -26.44 23.76
C PHE D 592 28.94 -26.00 25.14
N GLY D 593 30.04 -25.29 25.25
CA GLY D 593 30.32 -24.58 26.50
C GLY D 593 29.49 -23.31 26.51
N ILE D 594 29.62 -22.53 27.55
CA ILE D 594 28.76 -21.33 27.63
C ILE D 594 29.10 -20.36 26.49
N PHE D 595 30.38 -20.22 26.16
N PHE D 595 30.37 -20.33 26.10
CA PHE D 595 30.77 -19.32 25.06
CA PHE D 595 30.78 -19.34 25.07
C PHE D 595 30.24 -19.87 23.73
C PHE D 595 30.41 -19.85 23.68
N ASN D 596 30.33 -21.17 23.53
CA ASN D 596 29.89 -21.73 22.24
C ASN D 596 28.37 -21.73 22.19
N SER D 597 27.71 -21.86 23.33
CA SER D 597 26.23 -21.77 23.35
C SER D 597 25.82 -20.36 22.93
N LEU D 598 26.49 -19.36 23.45
CA LEU D 598 26.15 -17.98 23.09
C LEU D 598 26.41 -17.75 21.61
N TRP D 599 27.50 -18.28 21.08
CA TRP D 599 27.80 -18.10 19.65
C TRP D 599 26.74 -18.78 18.79
N PHE D 600 26.32 -19.97 19.19
CA PHE D 600 25.34 -20.72 18.39
C PHE D 600 24.03 -19.92 18.38
N SER D 601 23.62 -19.44 19.53
CA SER D 601 22.34 -18.71 19.61
C SER D 601 22.42 -17.42 18.78
N LEU D 602 23.54 -16.72 18.85
CA LEU D 602 23.64 -15.44 18.09
C LEU D 602 23.58 -15.77 16.61
N GLY D 603 24.33 -16.75 16.18
CA GLY D 603 24.35 -17.04 14.76
C GLY D 603 23.04 -17.59 14.27
N ALA D 604 22.27 -18.20 15.14
CA ALA D 604 20.95 -18.70 14.75
C ALA D 604 20.00 -17.52 14.60
N PHE D 605 20.10 -16.54 15.48
CA PHE D 605 19.19 -15.39 15.41
C PHE D 605 19.44 -14.61 14.12
N MET D 606 20.70 -14.38 13.77
CA MET D 606 21.03 -13.62 12.55
C MET D 606 20.88 -14.49 11.30
N ARG D 607 20.26 -15.65 11.42
CA ARG D 607 20.05 -16.58 10.27
C ARG D 607 21.37 -16.84 9.58
N GLN D 608 22.42 -17.05 10.35
CA GLN D 608 23.76 -17.24 9.76
C GLN D 608 24.24 -18.67 9.97
N GLY D 609 25.48 -18.92 9.56
CA GLY D 609 26.03 -20.28 9.60
C GLY D 609 25.86 -20.95 10.95
N CYS D 610 25.78 -22.27 10.95
CA CYS D 610 25.63 -23.02 12.21
C CYS D 610 27.01 -23.48 12.70
N ASP D 611 27.67 -24.33 11.92
CA ASP D 611 29.03 -24.82 12.28
C ASP D 611 28.98 -25.81 13.44
N ILE D 612 27.92 -25.81 14.25
CA ILE D 612 27.74 -26.88 15.26
C ILE D 612 26.24 -26.98 15.51
N SER D 613 25.72 -28.20 15.56
CA SER D 613 24.28 -28.38 15.82
C SER D 613 24.11 -29.36 16.97
N PRO D 614 23.21 -29.12 17.93
CA PRO D 614 23.07 -30.04 19.01
C PRO D 614 22.65 -31.43 18.50
N ARG D 615 23.14 -32.47 19.19
CA ARG D 615 22.83 -33.85 18.73
C ARG D 615 21.85 -34.54 19.68
N SER D 616 21.72 -34.02 20.89
CA SER D 616 20.86 -34.67 21.90
C SER D 616 19.41 -34.32 21.64
N LEU D 617 18.51 -35.04 22.28
CA LEU D 617 17.07 -34.72 22.09
C LEU D 617 16.80 -33.38 22.71
N SER D 618 17.35 -33.10 23.90
CA SER D 618 17.00 -31.86 24.60
C SER D 618 17.68 -30.66 23.95
N GLY D 619 18.93 -30.80 23.59
CA GLY D 619 19.58 -29.70 22.87
C GLY D 619 18.88 -29.42 21.57
N ARG D 620 18.33 -30.44 20.94
CA ARG D 620 17.57 -30.23 19.70
C ARG D 620 16.23 -29.55 19.97
N ILE D 621 15.58 -29.82 21.09
CA ILE D 621 14.33 -29.09 21.42
C ILE D 621 14.67 -27.62 21.59
N VAL D 622 15.73 -27.31 22.30
CA VAL D 622 16.11 -25.90 22.54
C VAL D 622 16.43 -25.25 21.20
N GLY D 623 17.23 -25.89 20.38
CA GLY D 623 17.56 -25.32 19.08
C GLY D 623 16.33 -25.10 18.25
N GLY D 624 15.40 -26.03 18.26
CA GLY D 624 14.22 -25.91 17.40
C GLY D 624 13.34 -24.74 17.78
N VAL D 625 13.08 -24.57 19.06
CA VAL D 625 12.22 -23.45 19.48
C VAL D 625 12.96 -22.13 19.23
N TRP D 626 14.27 -22.09 19.40
CA TRP D 626 14.99 -20.84 19.09
C TRP D 626 14.90 -20.54 17.60
N TRP D 627 14.96 -21.55 16.76
CA TRP D 627 14.87 -21.35 15.31
C TRP D 627 13.50 -20.82 14.92
N PHE D 628 12.46 -21.37 15.50
CA PHE D 628 11.10 -20.89 15.21
C PHE D 628 10.96 -19.43 15.64
N PHE D 629 11.45 -19.12 16.81
CA PHE D 629 11.36 -17.75 17.33
C PHE D 629 12.08 -16.80 16.40
N THR D 630 13.25 -17.18 15.96
CA THR D 630 14.04 -16.32 15.07
C THR D 630 13.31 -16.09 13.74
N LEU D 631 12.74 -17.14 13.18
CA LEU D 631 12.04 -17.01 11.89
C LEU D 631 10.89 -16.02 12.06
N ILE D 632 10.07 -16.20 13.07
CA ILE D 632 8.91 -15.31 13.24
C ILE D 632 9.40 -13.88 13.47
N ILE D 633 10.39 -13.68 14.31
CA ILE D 633 10.79 -12.30 14.66
C ILE D 633 11.43 -11.60 13.45
N ILE D 634 12.24 -12.29 12.69
CA ILE D 634 12.90 -11.59 11.56
C ILE D 634 11.89 -11.35 10.43
N SER D 635 11.01 -12.31 10.18
CA SER D 635 9.96 -12.09 9.18
C SER D 635 9.11 -10.88 9.56
N SER D 636 8.76 -10.75 10.82
CA SER D 636 7.89 -9.65 11.25
C SER D 636 8.64 -8.33 11.21
N TYR D 637 9.93 -8.35 11.45
CA TYR D 637 10.70 -7.09 11.29
C TYR D 637 10.67 -6.64 9.84
N THR D 638 10.91 -7.54 8.92
CA THR D 638 10.92 -7.18 7.50
C THR D 638 9.53 -6.73 7.06
N ALA D 639 8.49 -7.42 7.48
CA ALA D 639 7.13 -7.06 7.07
C ALA D 639 6.78 -5.67 7.59
N ASN D 640 7.09 -5.39 8.85
CA ASN D 640 6.68 -4.09 9.39
C ASN D 640 7.53 -2.98 8.80
N LEU D 641 8.76 -3.27 8.43
CA LEU D 641 9.55 -2.22 7.75
C LEU D 641 8.96 -1.96 6.37
N ALA D 642 8.50 -2.99 5.69
CA ALA D 642 7.85 -2.78 4.39
C ALA D 642 6.62 -1.91 4.57
N ALA D 643 5.86 -2.17 5.61
CA ALA D 643 4.65 -1.37 5.88
C ALA D 643 5.03 0.08 6.13
N PHE D 644 6.07 0.32 6.92
N PHE D 644 6.11 0.31 6.88
CA PHE D 644 6.52 1.69 7.19
CA PHE D 644 6.49 1.70 7.22
C PHE D 644 6.91 2.39 5.91
C PHE D 644 7.12 2.43 6.04
N LEU D 645 7.67 1.71 5.04
CA LEU D 645 8.17 2.40 3.84
C LEU D 645 7.09 2.58 2.80
N THR D 646 6.13 1.69 2.74
CA THR D 646 5.10 1.78 1.69
C THR D 646 4.19 2.98 1.93
N VAL D 647 3.58 3.04 3.10
CA VAL D 647 2.60 4.13 3.34
C VAL D 647 3.18 5.05 4.40
N GLU D 648 3.71 6.17 3.98
CA GLU D 648 4.26 7.13 4.95
C GLU D 648 3.11 7.91 5.58
N ARG D 649 3.23 8.24 6.88
CA ARG D 649 2.18 9.02 7.58
C ARG D 649 2.89 9.97 8.56
N MET D 650 2.57 11.27 8.51
CA MET D 650 3.23 12.26 9.39
C MET D 650 2.29 12.65 10.52
N VAL D 651 2.77 12.63 11.76
CA VAL D 651 1.89 12.89 12.94
C VAL D 651 1.80 14.38 13.25
N SER D 652 0.58 14.90 13.40
CA SER D 652 0.37 16.32 13.75
C SER D 652 0.42 16.47 15.27
N PRO D 653 1.46 17.09 15.85
CA PRO D 653 1.59 17.18 17.30
C PRO D 653 0.28 17.56 17.97
N ILE D 654 -0.41 18.58 17.44
CA ILE D 654 -1.65 19.05 18.11
C ILE D 654 -2.86 18.41 17.42
N GLU D 655 -3.72 17.74 18.16
CA GLU D 655 -4.94 17.16 17.55
C GLU D 655 -6.12 18.09 17.88
N SER D 656 -6.28 18.41 19.16
CA SER D 656 -7.43 19.25 19.58
C SER D 656 -6.96 20.36 20.51
N ALA D 657 -7.90 21.17 21.00
CA ALA D 657 -7.54 22.28 21.90
C ALA D 657 -6.99 21.68 23.19
N GLU D 658 -7.63 20.61 23.67
CA GLU D 658 -7.14 19.91 24.87
C GLU D 658 -5.64 19.68 24.70
N ASP D 659 -5.24 19.29 23.49
CA ASP D 659 -3.80 19.04 23.22
C ASP D 659 -3.00 20.31 23.47
N LEU D 660 -3.45 21.43 22.92
CA LEU D 660 -2.71 22.71 23.11
C LEU D 660 -2.61 23.01 24.60
N SER D 661 -3.71 22.83 25.34
CA SER D 661 -3.75 23.18 26.78
C SER D 661 -2.77 22.34 27.59
N LYS D 662 -2.61 21.06 27.24
CA LYS D 662 -1.75 20.16 28.06
C LYS D 662 -0.27 20.34 27.73
N GLN D 663 0.09 21.20 26.77
CA GLN D 663 1.53 21.28 26.42
C GLN D 663 2.02 22.74 26.39
N THR D 664 3.31 22.91 26.20
CA THR D 664 3.83 24.31 26.25
C THR D 664 4.92 24.54 25.19
N GLU D 665 5.37 23.47 24.52
CA GLU D 665 6.43 23.62 23.50
C GLU D 665 5.86 24.45 22.35
N ILE D 666 4.59 24.20 22.01
CA ILE D 666 3.95 24.94 20.89
C ILE D 666 3.15 26.10 21.48
N ALA D 667 3.56 27.33 21.13
CA ALA D 667 2.85 28.54 21.62
C ALA D 667 1.56 28.69 20.83
N TYR D 668 0.59 29.41 21.39
CA TYR D 668 -0.66 29.63 20.63
C TYR D 668 -1.36 30.90 21.10
N GLY D 669 -2.00 31.57 20.15
CA GLY D 669 -2.68 32.83 20.50
C GLY D 669 -3.84 33.15 19.60
N THR D 670 -4.37 34.35 19.76
CA THR D 670 -5.55 34.77 18.98
C THR D 670 -5.36 36.19 18.43
N LEU D 671 -6.34 36.68 17.68
CA LEU D 671 -6.27 38.08 17.23
C LEU D 671 -6.27 38.92 18.50
N ASP D 672 -5.39 39.92 18.59
CA ASP D 672 -5.24 40.74 19.83
C ASP D 672 -6.56 41.42 20.22
N SER D 673 -7.40 41.65 19.23
CA SER D 673 -8.69 42.31 19.52
C SER D 673 -9.77 41.61 18.68
N GLY D 674 -10.70 40.93 19.32
CA GLY D 674 -11.68 40.18 18.53
C GLY D 674 -12.56 39.28 19.39
N SER D 675 -13.49 38.60 18.74
CA SER D 675 -14.48 37.78 19.49
C SER D 675 -13.81 36.50 19.95
N THR D 676 -12.74 36.12 19.27
CA THR D 676 -12.00 34.90 19.68
C THR D 676 -11.34 35.18 21.03
N LYS D 677 -10.64 36.31 21.15
CA LYS D 677 -9.95 36.63 22.42
C LYS D 677 -10.98 36.71 23.54
N GLU D 678 -12.15 37.27 23.25
CA GLU D 678 -13.20 37.41 24.29
C GLU D 678 -13.78 36.03 24.62
N PHE D 679 -13.89 35.15 23.62
CA PHE D 679 -14.40 33.80 23.91
C PHE D 679 -13.55 33.18 25.01
N PHE D 680 -12.22 33.31 24.89
CA PHE D 680 -11.32 32.66 25.87
C PHE D 680 -11.32 33.41 27.20
N ARG D 681 -11.33 34.74 27.15
CA ARG D 681 -11.29 35.56 28.39
C ARG D 681 -12.52 35.29 29.26
N ARG D 682 -13.60 34.76 28.67
CA ARG D 682 -14.85 34.58 29.44
C ARG D 682 -15.27 33.11 29.55
N SER D 683 -14.55 32.19 28.89
CA SER D 683 -15.00 30.77 28.88
C SER D 683 -15.10 30.25 30.32
N LYS D 684 -16.11 29.44 30.59
CA LYS D 684 -16.20 28.82 31.94
C LYS D 684 -15.84 27.35 31.76
N ILE D 685 -15.45 27.00 30.53
CA ILE D 685 -15.05 25.60 30.24
C ILE D 685 -13.59 25.43 30.68
N ALA D 686 -13.30 24.37 31.42
CA ALA D 686 -11.94 24.17 31.99
C ALA D 686 -10.81 24.28 30.96
N VAL D 687 -10.91 23.55 29.86
CA VAL D 687 -9.81 23.54 28.84
C VAL D 687 -9.59 24.96 28.31
N PHE D 688 -10.67 25.69 28.03
CA PHE D 688 -10.51 27.04 27.44
C PHE D 688 -10.01 28.02 28.49
N ASP D 689 -10.45 27.86 29.73
CA ASP D 689 -9.97 28.76 30.81
C ASP D 689 -8.48 28.51 31.02
N LYS D 690 -8.06 27.26 30.93
CA LYS D 690 -6.62 26.93 31.08
C LYS D 690 -5.86 27.60 29.92
N MET D 691 -6.43 27.55 28.73
CA MET D 691 -5.75 28.13 27.54
C MET D 691 -5.68 29.65 27.71
N TRP D 692 -6.74 30.26 28.23
CA TRP D 692 -6.75 31.72 28.44
C TRP D 692 -5.71 32.10 29.49
N THR D 693 -5.68 31.35 30.59
CA THR D 693 -4.71 31.62 31.68
C THR D 693 -3.31 31.66 31.08
N TYR D 694 -3.02 30.70 30.19
CA TYR D 694 -1.69 30.67 29.55
C TYR D 694 -1.55 31.86 28.58
N MET D 695 -2.47 31.97 27.63
CA MET D 695 -2.31 33.02 26.58
C MET D 695 -2.20 34.43 27.17
N ARG D 696 -3.01 34.76 28.17
CA ARG D 696 -2.98 36.16 28.68
C ARG D 696 -1.66 36.46 29.38
N SER D 697 -0.91 35.43 29.79
CA SER D 697 0.33 35.71 30.55
C SER D 697 1.58 35.29 29.74
N ALA D 698 1.37 34.73 28.55
CA ALA D 698 2.51 34.27 27.74
C ALA D 698 3.39 35.44 27.32
N GLU D 699 4.70 35.26 27.39
CA GLU D 699 5.65 36.30 26.92
C GLU D 699 6.67 35.60 26.05
N PRO D 700 7.01 36.12 24.85
CA PRO D 700 6.37 37.32 24.30
C PRO D 700 4.87 37.11 24.04
N SER D 701 4.15 38.21 23.79
CA SER D 701 2.69 38.11 23.54
C SER D 701 2.38 37.11 22.42
N VAL D 702 1.34 36.34 22.64
CA VAL D 702 0.93 35.34 21.62
C VAL D 702 -0.18 35.96 20.78
N PHE D 703 -0.54 37.21 21.09
CA PHE D 703 -1.65 37.86 20.34
C PHE D 703 -1.09 38.59 19.12
N VAL D 704 -1.90 38.72 18.08
CA VAL D 704 -1.45 39.38 16.82
C VAL D 704 -2.41 40.51 16.45
N ARG D 705 -1.93 41.48 15.68
CA ARG D 705 -2.77 42.66 15.32
C ARG D 705 -3.74 42.33 14.20
N THR D 706 -3.34 41.45 13.27
CA THR D 706 -4.24 41.10 12.15
C THR D 706 -4.19 39.59 11.90
N THR D 707 -5.21 39.09 11.23
CA THR D 707 -5.25 37.63 10.92
C THR D 707 -4.00 37.29 10.11
N ALA D 708 -3.67 38.11 9.12
CA ALA D 708 -2.50 37.82 8.25
C ALA D 708 -1.25 37.67 9.11
N GLU D 709 -1.15 38.46 10.17
CA GLU D 709 0.02 38.40 11.08
C GLU D 709 0.04 37.03 11.77
N GLY D 710 -1.12 36.55 12.19
CA GLY D 710 -1.19 35.25 12.86
C GLY D 710 -0.82 34.14 11.88
N VAL D 711 -1.33 34.24 10.65
CA VAL D 711 -1.03 33.23 9.61
C VAL D 711 0.48 33.20 9.36
N ALA D 712 1.09 34.38 9.25
CA ALA D 712 2.54 34.43 8.95
C ALA D 712 3.32 33.87 10.14
N ARG D 713 2.86 34.17 11.36
CA ARG D 713 3.58 33.68 12.56
C ARG D 713 3.53 32.16 12.57
N VAL D 714 2.38 31.59 12.22
CA VAL D 714 2.30 30.11 12.12
C VAL D 714 3.31 29.65 11.07
N ARG D 715 3.24 30.25 9.88
CA ARG D 715 4.09 29.80 8.75
C ARG D 715 5.59 29.96 9.05
N LYS D 716 5.98 30.92 9.89
CA LYS D 716 7.43 31.17 10.07
C LYS D 716 7.94 30.56 11.37
N SER D 717 7.06 30.00 12.20
CA SER D 717 7.53 29.54 13.53
C SER D 717 7.95 28.07 13.55
N LYS D 718 8.08 27.43 12.37
CA LYS D 718 8.56 26.03 12.30
C LYS D 718 7.71 25.10 13.17
N GLY D 719 6.41 25.38 13.30
CA GLY D 719 5.54 24.49 14.07
C GLY D 719 5.52 24.80 15.56
N LYS D 720 6.20 25.88 15.95
CA LYS D 720 6.25 26.27 17.39
C LYS D 720 5.12 27.27 17.72
N TYR D 721 4.28 27.60 16.74
CA TYR D 721 3.15 28.53 16.99
C TYR D 721 1.88 28.03 16.30
N ALA D 722 0.80 27.87 17.07
CA ALA D 722 -0.50 27.48 16.49
C ALA D 722 -1.40 28.70 16.62
N TYR D 723 -2.34 28.87 15.71
CA TYR D 723 -3.15 30.11 15.76
C TYR D 723 -4.63 29.75 15.91
N LEU D 724 -5.28 30.40 16.87
CA LEU D 724 -6.73 30.19 17.06
C LEU D 724 -7.48 31.25 16.27
N LEU D 725 -8.27 30.79 15.31
CA LEU D 725 -9.05 31.75 14.49
C LEU D 725 -10.35 31.09 14.02
N GLU D 726 -11.23 31.89 13.45
CA GLU D 726 -12.55 31.33 13.06
C GLU D 726 -12.38 30.33 11.93
N SER D 727 -13.15 29.24 11.98
CA SER D 727 -13.07 28.15 10.97
C SER D 727 -13.10 28.71 9.55
N THR D 728 -13.93 29.73 9.33
CA THR D 728 -14.06 30.32 7.99
C THR D 728 -12.70 30.80 7.48
N MET D 729 -11.98 31.57 8.29
CA MET D 729 -10.67 32.08 7.85
C MET D 729 -9.71 30.90 7.71
N ASN D 730 -9.75 29.97 8.68
CA ASN D 730 -8.84 28.79 8.65
C ASN D 730 -9.05 28.02 7.35
N GLU D 731 -10.30 27.68 7.02
CA GLU D 731 -10.63 26.89 5.80
C GLU D 731 -10.15 27.64 4.55
N TYR D 732 -10.25 28.96 4.58
CA TYR D 732 -9.82 29.72 3.40
C TYR D 732 -8.30 29.64 3.25
N ILE D 733 -7.56 29.90 4.34
CA ILE D 733 -6.07 29.90 4.28
C ILE D 733 -5.55 28.50 3.94
N GLU D 734 -6.27 27.48 4.38
CA GLU D 734 -5.87 26.08 4.08
C GLU D 734 -5.90 25.87 2.56
N GLN D 735 -6.68 26.67 1.82
CA GLN D 735 -6.76 26.49 0.36
C GLN D 735 -5.86 27.51 -0.34
N ARG D 736 -4.92 28.11 0.40
CA ARG D 736 -4.04 29.15 -0.19
C ARG D 736 -2.59 28.69 -0.18
N LYS D 737 -1.87 28.98 -1.26
CA LYS D 737 -0.43 28.63 -1.30
C LYS D 737 0.31 29.41 -0.21
N PRO D 738 1.44 28.93 0.33
CA PRO D 738 2.05 27.65 -0.07
C PRO D 738 1.42 26.36 0.48
N CYS D 739 0.14 26.38 0.89
CA CYS D 739 -0.53 25.13 1.34
C CYS D 739 0.26 24.51 2.49
N ASP D 740 0.80 25.33 3.39
CA ASP D 740 1.64 24.78 4.49
C ASP D 740 0.89 24.85 5.82
N THR D 741 -0.38 25.25 5.80
CA THR D 741 -1.14 25.29 7.06
C THR D 741 -2.30 24.33 6.99
N MET D 742 -2.86 24.04 8.16
CA MET D 742 -3.94 23.05 8.19
C MET D 742 -4.85 23.28 9.38
N LYS D 743 -6.14 23.07 9.16
CA LYS D 743 -7.12 23.21 10.25
C LYS D 743 -7.17 21.87 10.97
N VAL D 744 -7.00 21.87 12.30
CA VAL D 744 -6.98 20.58 13.04
C VAL D 744 -8.06 20.54 14.11
N GLY D 745 -8.73 19.39 14.22
CA GLY D 745 -9.80 19.24 15.24
C GLY D 745 -11.13 19.84 14.82
N GLY D 746 -12.15 19.68 15.66
CA GLY D 746 -13.46 20.29 15.36
C GLY D 746 -13.46 21.73 15.85
N ASN D 747 -14.58 22.40 15.65
CA ASN D 747 -14.67 23.81 16.07
C ASN D 747 -14.85 23.86 17.59
N LEU D 748 -14.30 24.89 18.21
CA LEU D 748 -14.38 25.03 19.69
C LEU D 748 -15.75 25.58 20.07
N ASP D 749 -16.41 26.28 19.16
CA ASP D 749 -17.78 26.78 19.47
C ASP D 749 -18.60 26.88 18.19
N SER D 750 -19.82 27.40 18.35
CA SER D 750 -20.72 27.59 17.19
C SER D 750 -21.27 29.00 17.28
N LYS D 751 -21.11 29.78 16.22
CA LYS D 751 -21.73 31.13 16.24
C LYS D 751 -21.92 31.63 14.81
N GLY D 752 -22.16 32.93 14.67
CA GLY D 752 -22.47 33.41 13.32
C GLY D 752 -22.03 34.84 13.10
N TYR D 753 -21.86 35.21 11.83
CA TYR D 753 -21.50 36.59 11.47
C TYR D 753 -22.82 37.29 11.14
N GLY D 754 -22.94 38.55 11.53
CA GLY D 754 -24.16 39.29 11.21
C GLY D 754 -23.87 40.65 10.64
N ILE D 755 -24.80 41.20 9.87
CA ILE D 755 -24.63 42.59 9.36
C ILE D 755 -25.01 43.49 10.54
N ALA D 756 -24.12 44.43 10.89
CA ALA D 756 -24.37 45.27 12.08
C ALA D 756 -24.78 46.69 11.70
N THR D 757 -25.67 47.27 12.51
CA THR D 757 -26.09 48.67 12.27
C THR D 757 -26.10 49.37 13.62
N PRO D 758 -26.00 50.71 13.70
CA PRO D 758 -26.08 51.41 14.96
C PRO D 758 -27.40 51.07 15.65
N LYS D 759 -27.36 50.96 16.97
CA LYS D 759 -28.61 50.70 17.72
C LYS D 759 -29.71 51.66 17.24
N GLY D 760 -30.85 51.10 16.84
CA GLY D 760 -31.99 51.94 16.44
C GLY D 760 -31.88 52.43 15.01
N SER D 761 -31.04 51.80 14.19
CA SER D 761 -30.85 52.32 12.80
C SER D 761 -32.07 52.05 11.95
N SER D 762 -32.34 52.96 11.02
CA SER D 762 -33.51 52.82 10.12
C SER D 762 -33.31 51.61 9.20
N LEU D 763 -32.05 51.24 8.94
CA LEU D 763 -31.74 50.14 7.98
C LEU D 763 -31.91 48.76 8.61
N ARG D 764 -32.07 48.70 9.93
CA ARG D 764 -32.06 47.38 10.62
C ARG D 764 -33.05 46.38 10.02
N THR D 765 -34.32 46.75 9.82
CA THR D 765 -35.34 45.76 9.39
C THR D 765 -35.11 45.31 7.93
N PRO D 766 -34.96 46.23 6.95
CA PRO D 766 -34.73 45.84 5.57
C PRO D 766 -33.48 44.96 5.40
N VAL D 767 -32.41 45.30 6.13
CA VAL D 767 -31.14 44.50 5.97
C VAL D 767 -31.30 43.13 6.63
N ASN D 768 -32.06 43.02 7.74
CA ASN D 768 -32.32 41.70 8.34
C ASN D 768 -33.13 40.86 7.35
N LEU D 769 -34.14 41.46 6.72
CA LEU D 769 -34.98 40.70 5.76
C LEU D 769 -34.18 40.33 4.52
N ALA D 770 -33.28 41.21 4.05
CA ALA D 770 -32.49 40.91 2.84
C ALA D 770 -31.56 39.73 3.09
N VAL D 771 -30.94 39.70 4.27
CA VAL D 771 -30.01 38.59 4.64
C VAL D 771 -30.79 37.28 4.62
N LEU D 772 -32.01 37.31 5.16
CA LEU D 772 -32.87 36.09 5.14
C LEU D 772 -33.23 35.71 3.71
N LYS D 773 -33.54 36.70 2.85
CA LYS D 773 -33.85 36.42 1.42
C LYS D 773 -32.63 35.79 0.74
N LEU D 774 -31.44 36.37 0.96
CA LEU D 774 -30.18 35.87 0.33
C LEU D 774 -29.87 34.48 0.90
N SER D 775 -30.11 34.30 2.20
CA SER D 775 -29.97 32.96 2.81
C SER D 775 -30.91 31.98 2.12
N GLU D 776 -32.22 32.27 2.14
CA GLU D 776 -33.22 31.31 1.60
C GLU D 776 -33.03 31.05 0.09
N GLN D 777 -32.45 31.98 -0.66
CA GLN D 777 -32.31 31.67 -2.10
C GLN D 777 -30.96 31.00 -2.40
N GLY D 778 -30.17 30.69 -1.37
CA GLY D 778 -28.89 29.98 -1.61
C GLY D 778 -27.74 30.89 -2.04
N VAL D 779 -27.93 32.21 -2.01
CA VAL D 779 -26.87 33.16 -2.47
C VAL D 779 -25.66 33.05 -1.55
N LEU D 780 -25.90 32.88 -0.26
CA LEU D 780 -24.78 32.88 0.70
C LEU D 780 -23.90 31.64 0.49
N ASP D 781 -24.49 30.51 0.13
CA ASP D 781 -23.65 29.31 -0.15
C ASP D 781 -22.87 29.50 -1.45
N LYS D 782 -23.50 30.10 -2.47
CA LYS D 782 -22.79 30.29 -3.75
C LYS D 782 -21.58 31.19 -3.52
N LEU D 783 -21.76 32.24 -2.71
CA LEU D 783 -20.68 33.22 -2.48
C LEU D 783 -19.56 32.59 -1.63
N LYS D 784 -19.91 31.70 -0.70
CA LYS D 784 -18.81 31.07 0.08
C LYS D 784 -18.03 30.16 -0.87
N ASN D 785 -18.75 29.40 -1.68
CA ASN D 785 -18.05 28.48 -2.60
C ASN D 785 -17.19 29.27 -3.58
N LYS D 786 -17.75 30.37 -4.08
CA LYS D 786 -17.01 31.19 -5.06
C LYS D 786 -15.69 31.64 -4.46
N TRP D 787 -15.72 32.18 -3.24
CA TRP D 787 -14.49 32.78 -2.65
C TRP D 787 -13.64 31.80 -1.82
N TRP D 788 -14.15 30.62 -1.50
CA TRP D 788 -13.26 29.70 -0.74
C TRP D 788 -12.68 28.62 -1.65
N TYR D 789 -13.58 27.91 -2.35
CA TYR D 789 -13.18 26.66 -3.06
C TYR D 789 -13.02 26.84 -4.57
N ASP D 790 -13.83 27.69 -5.23
CA ASP D 790 -13.69 27.77 -6.71
C ASP D 790 -12.25 28.17 -7.07
N LYS D 791 -11.64 29.05 -6.28
CA LYS D 791 -10.24 29.51 -6.56
C LYS D 791 -9.22 28.91 -5.56
N GLY D 792 -9.46 27.70 -5.03
CA GLY D 792 -8.52 27.05 -4.08
C GLY D 792 -7.20 26.62 -4.73
N GLU D 793 -6.05 26.91 -4.10
CA GLU D 793 -4.72 26.63 -4.70
C GLU D 793 -4.09 25.35 -4.13
N CYS D 794 -4.81 24.66 -3.26
CA CYS D 794 -4.32 23.37 -2.70
C CYS D 794 -5.36 22.31 -3.04
N THR D 805 8.00 6.09 -4.31
CA THR D 805 8.92 5.73 -3.21
C THR D 805 10.38 6.02 -3.58
N SER D 806 11.14 6.44 -2.57
CA SER D 806 12.55 6.83 -2.79
C SER D 806 13.50 5.82 -2.18
N ALA D 807 14.68 5.69 -2.79
CA ALA D 807 15.70 4.78 -2.29
C ALA D 807 16.10 5.15 -0.87
N LEU D 808 16.33 4.16 -0.02
CA LEU D 808 16.84 4.48 1.32
C LEU D 808 18.15 5.22 1.19
N SER D 809 18.29 6.27 1.99
CA SER D 809 19.53 7.06 1.98
C SER D 809 20.44 6.54 3.07
N LEU D 810 21.69 6.93 3.03
CA LEU D 810 22.62 6.50 4.10
C LEU D 810 22.11 6.99 5.45
N SER D 811 21.33 8.05 5.48
CA SER D 811 20.80 8.57 6.77
C SER D 811 19.88 7.54 7.40
N ASN D 812 19.26 6.68 6.60
CA ASN D 812 18.28 5.73 7.15
C ASN D 812 18.97 4.55 7.80
N VAL D 813 20.24 4.31 7.51
CA VAL D 813 20.93 3.13 8.07
C VAL D 813 22.29 3.55 8.61
N ALA D 814 22.51 4.84 8.84
CA ALA D 814 23.83 5.27 9.31
C ALA D 814 24.14 4.61 10.65
N GLY D 815 23.13 4.39 11.46
CA GLY D 815 23.37 3.83 12.79
C GLY D 815 24.01 2.47 12.72
N VAL D 816 23.58 1.66 11.77
CA VAL D 816 24.14 0.29 11.68
C VAL D 816 25.59 0.36 11.26
N PHE D 817 25.97 1.36 10.48
CA PHE D 817 27.40 1.54 10.14
C PHE D 817 28.18 1.98 11.38
N TYR D 818 27.63 2.87 12.18
CA TYR D 818 28.32 3.29 13.41
C TYR D 818 28.52 2.09 14.31
N ILE D 819 27.50 1.26 14.47
CA ILE D 819 27.63 0.06 15.32
C ILE D 819 28.70 -0.85 14.72
N LEU D 820 28.72 -1.01 13.40
CA LEU D 820 29.70 -1.95 12.79
C LEU D 820 31.11 -1.45 13.07
N VAL D 821 31.38 -0.18 12.84
CA VAL D 821 32.78 0.29 13.01
C VAL D 821 33.13 0.31 14.49
N GLY D 822 32.17 0.59 15.35
CA GLY D 822 32.47 0.53 16.79
C GLY D 822 32.83 -0.88 17.20
N GLY D 823 32.12 -1.85 16.68
CA GLY D 823 32.42 -3.26 16.99
C GLY D 823 33.76 -3.68 16.45
N LEU D 824 34.14 -3.19 15.29
CA LEU D 824 35.46 -3.52 14.73
C LEU D 824 36.55 -2.92 15.64
N GLY D 825 36.36 -1.71 16.11
CA GLY D 825 37.34 -1.12 17.03
C GLY D 825 37.41 -1.88 18.33
N LEU D 826 36.27 -2.27 18.87
CA LEU D 826 36.26 -3.06 20.11
C LEU D 826 36.97 -4.38 19.88
N ALA D 827 36.79 -5.02 18.75
CA ALA D 827 37.42 -6.32 18.50
C ALA D 827 38.93 -6.14 18.45
N MET D 828 39.40 -5.08 17.81
CA MET D 828 40.85 -4.83 17.76
C MET D 828 41.36 -4.59 19.19
N LEU D 829 40.61 -3.85 19.99
CA LEU D 829 41.06 -3.55 21.36
C LEU D 829 41.17 -4.84 22.17
N VAL D 830 40.18 -5.71 22.06
CA VAL D 830 40.18 -6.98 22.83
C VAL D 830 41.38 -7.82 22.38
N ALA D 831 41.62 -7.89 21.09
CA ALA D 831 42.74 -8.71 20.59
C ALA D 831 44.05 -8.15 21.15
N LEU D 832 44.19 -6.84 21.15
CA LEU D 832 45.47 -6.26 21.60
C LEU D 832 45.62 -6.47 23.11
N ILE D 833 44.53 -6.37 23.86
CA ILE D 833 44.64 -6.64 25.32
C ILE D 833 45.06 -8.08 25.55
N GLU D 834 44.45 -9.02 24.85
CA GLU D 834 44.80 -10.44 25.03
C GLU D 834 46.28 -10.64 24.68
N PHE D 835 46.73 -10.00 23.63
CA PHE D 835 48.12 -10.20 23.18
C PHE D 835 49.08 -9.58 24.20
N CYS D 836 48.79 -8.39 24.70
CA CYS D 836 49.67 -7.76 25.70
C CYS D 836 49.69 -8.62 26.98
N TYR D 837 48.54 -9.12 27.38
CA TYR D 837 48.49 -9.96 28.61
C TYR D 837 49.33 -11.22 28.40
N LYS D 838 49.06 -11.95 27.32
CA LYS D 838 49.77 -13.23 27.07
C LYS D 838 51.25 -12.95 26.82
N SER D 839 51.62 -11.71 26.50
CA SER D 839 53.04 -11.37 26.30
C SER D 839 53.71 -11.18 27.66
N ARG D 840 53.00 -10.55 28.59
CA ARG D 840 53.56 -10.38 29.95
C ARG D 840 53.69 -11.76 30.61
N ALA D 841 52.71 -12.63 30.43
CA ALA D 841 52.82 -14.00 30.97
C ALA D 841 54.02 -14.73 30.37
N GLU D 842 54.42 -14.34 29.16
CA GLU D 842 55.62 -14.95 28.55
C GLU D 842 56.88 -14.39 29.21
N ALA D 843 56.86 -13.14 29.68
CA ALA D 843 58.03 -12.57 30.36
C ALA D 843 58.36 -13.39 31.61
N LYS D 844 57.36 -13.64 32.45
CA LYS D 844 57.62 -14.35 33.74
C LYS D 844 57.26 -15.83 33.60
N ASP E 5 39.12 -21.32 39.54
CA ASP E 5 39.69 -21.10 40.90
C ASP E 5 38.62 -21.37 41.95
N ARG E 6 38.44 -22.63 42.32
CA ARG E 6 37.42 -23.00 43.33
C ARG E 6 37.66 -22.22 44.62
N GLY E 7 36.63 -22.10 45.44
CA GLY E 7 36.75 -21.33 46.69
C GLY E 7 36.25 -19.92 46.48
N VAL E 8 36.88 -19.19 45.57
CA VAL E 8 36.34 -17.84 45.23
C VAL E 8 35.07 -18.04 44.41
N GLN E 9 34.98 -19.12 43.65
CA GLN E 9 33.72 -19.40 42.90
C GLN E 9 32.55 -19.54 43.89
N MET E 10 32.78 -20.16 45.03
CA MET E 10 31.66 -20.35 45.97
C MET E 10 31.21 -18.99 46.51
N LEU E 11 32.17 -18.11 46.80
CA LEU E 11 31.79 -16.79 47.35
C LEU E 11 31.04 -16.04 46.26
N LEU E 12 31.53 -16.11 45.02
CA LEU E 12 30.89 -15.32 43.95
C LEU E 12 29.47 -15.83 43.70
N THR E 13 29.27 -17.13 43.72
CA THR E 13 27.92 -17.68 43.50
C THR E 13 27.01 -17.35 44.68
N THR E 14 27.51 -17.38 45.90
CA THR E 14 26.66 -17.02 47.05
C THR E 14 26.30 -15.54 47.02
N VAL E 15 27.26 -14.68 46.72
CA VAL E 15 26.96 -13.23 46.60
C VAL E 15 25.93 -13.03 45.50
N GLY E 16 26.12 -13.69 44.37
CA GLY E 16 25.19 -13.53 43.25
C GLY E 16 23.80 -14.01 43.61
N ALA E 17 23.68 -15.14 44.28
CA ALA E 17 22.36 -15.66 44.68
C ALA E 17 21.69 -14.63 45.61
N PHE E 18 22.45 -14.09 46.55
CA PHE E 18 21.81 -13.16 47.51
C PHE E 18 21.41 -11.89 46.77
N ALA E 19 22.26 -11.41 45.88
CA ALA E 19 21.95 -10.19 45.11
C ALA E 19 20.70 -10.40 44.27
N ALA E 20 20.61 -11.55 43.59
CA ALA E 20 19.46 -11.78 42.71
C ALA E 20 18.19 -11.85 43.56
N PHE E 21 18.28 -12.53 44.68
CA PHE E 21 17.07 -12.71 45.52
C PHE E 21 16.64 -11.36 46.04
N SER E 22 17.58 -10.56 46.52
CA SER E 22 17.23 -9.25 47.10
C SER E 22 16.63 -8.37 46.01
N LEU E 23 17.24 -8.36 44.83
CA LEU E 23 16.74 -7.47 43.77
C LEU E 23 15.34 -7.88 43.38
N MET E 24 15.09 -9.17 43.22
CA MET E 24 13.76 -9.59 42.77
C MET E 24 12.72 -9.31 43.85
N THR E 25 13.07 -9.51 45.11
CA THR E 25 12.11 -9.23 46.19
C THR E 25 11.82 -7.73 46.29
N ILE E 26 12.85 -6.90 46.20
CA ILE E 26 12.61 -5.44 46.22
C ILE E 26 11.73 -5.06 45.02
N ALA E 27 12.00 -5.64 43.86
CA ALA E 27 11.22 -5.29 42.66
C ALA E 27 9.75 -5.64 42.88
N VAL E 28 9.49 -6.80 43.45
CA VAL E 28 8.07 -7.21 43.62
C VAL E 28 7.43 -6.32 44.66
N GLY E 29 8.10 -6.11 45.77
CA GLY E 29 7.47 -5.33 46.86
C GLY E 29 7.31 -3.87 46.50
N THR E 30 8.32 -3.28 45.88
CA THR E 30 8.26 -1.86 45.51
C THR E 30 7.25 -1.67 44.39
N ASP E 31 6.86 -0.43 44.15
CA ASP E 31 5.77 -0.18 43.18
C ASP E 31 6.17 0.84 42.10
N TYR E 32 7.46 1.06 41.88
CA TYR E 32 7.87 1.97 40.79
C TYR E 32 8.16 1.20 39.50
N TRP E 33 7.19 0.48 39.00
CA TRP E 33 7.37 -0.31 37.76
C TRP E 33 7.02 0.50 36.54
N LEU E 34 6.07 1.43 36.65
CA LEU E 34 5.60 2.14 35.44
C LEU E 34 5.23 3.57 35.80
N TYR E 35 5.87 4.52 35.13
CA TYR E 35 5.51 5.94 35.34
C TYR E 35 4.44 6.32 34.33
N SER E 36 3.21 5.97 34.65
CA SER E 36 2.08 6.26 33.74
C SER E 36 1.53 7.66 34.02
N ARG E 37 0.36 7.98 33.49
CA ARG E 37 -0.31 9.26 33.81
C ARG E 37 -1.79 8.92 33.99
N GLY E 38 -2.17 8.69 35.23
CA GLY E 38 -3.55 8.25 35.48
C GLY E 38 -4.11 8.79 36.77
N VAL E 39 -5.21 8.17 37.20
CA VAL E 39 -5.92 8.68 38.40
C VAL E 39 -5.33 8.07 39.66
N CYS E 40 -5.18 8.90 40.68
CA CYS E 40 -4.71 8.39 41.99
C CYS E 40 -5.94 7.80 42.70
N LYS E 41 -5.87 7.65 44.00
CA LYS E 41 -7.01 7.08 44.75
C LYS E 41 -8.33 7.72 44.33
N THR E 42 -9.35 6.89 44.16
CA THR E 42 -10.69 7.40 43.80
C THR E 42 -11.46 7.78 45.07
N GLU E 55 -9.17 14.55 37.34
CA GLU E 55 -7.78 15.06 37.17
C GLU E 55 -6.84 13.90 36.88
N GLU E 56 -6.00 14.04 35.86
CA GLU E 56 -5.00 12.99 35.55
C GLU E 56 -3.62 13.52 35.88
N VAL E 57 -2.95 12.83 36.79
CA VAL E 57 -1.56 13.22 37.14
C VAL E 57 -0.66 12.00 37.01
N MET E 58 0.64 12.22 37.01
CA MET E 58 1.60 11.11 36.89
C MET E 58 1.36 10.11 38.03
N THR E 59 1.98 8.94 37.93
CA THR E 59 1.81 7.94 39.01
C THR E 59 3.00 6.98 38.94
N HIS E 60 3.44 6.49 40.10
CA HIS E 60 4.48 5.43 40.11
C HIS E 60 3.68 4.18 40.38
N SER E 61 3.06 3.65 39.34
CA SER E 61 2.28 2.40 39.47
C SER E 61 3.27 1.26 39.68
N GLY E 62 2.79 0.15 40.24
CA GLY E 62 3.67 -0.98 40.55
C GLY E 62 3.00 -2.29 40.21
N LEU E 63 3.41 -3.37 40.86
CA LEU E 63 2.75 -4.68 40.61
C LEU E 63 1.43 -4.71 41.35
N TRP E 64 1.30 -3.98 42.47
CA TRP E 64 0.07 -4.09 43.30
C TRP E 64 -0.66 -2.76 43.46
N ARG E 65 0.07 -1.67 43.73
CA ARG E 65 -0.59 -0.39 44.05
C ARG E 65 -0.25 0.69 43.03
N THR E 66 -1.26 1.24 42.38
CA THR E 66 -1.06 2.35 41.42
C THR E 66 -0.97 3.62 42.26
N CYS E 67 0.24 4.09 42.47
CA CYS E 67 0.41 5.14 43.51
C CYS E 67 0.74 6.50 42.93
N CYS E 68 0.22 7.53 43.58
CA CYS E 68 0.20 8.88 42.98
C CYS E 68 1.39 9.77 43.29
N LEU E 69 1.59 10.77 42.44
CA LEU E 69 2.62 11.78 42.72
C LEU E 69 2.29 13.06 41.96
N GLU E 70 3.02 14.13 42.25
CA GLU E 70 2.77 15.45 41.59
C GLU E 70 1.27 15.66 41.40
N GLY E 71 0.53 15.56 42.51
CA GLY E 71 -0.92 15.77 42.44
C GLY E 71 -1.41 16.62 43.59
N ASN E 72 -2.73 16.81 43.65
CA ASN E 72 -3.32 17.59 44.77
C ASN E 72 -3.01 16.89 46.09
N PHE E 73 -3.17 15.56 46.09
CA PHE E 73 -2.95 14.79 47.35
C PHE E 73 -1.97 13.66 47.05
N LYS E 74 -0.82 14.02 46.47
CA LYS E 74 0.23 13.03 46.17
C LYS E 74 0.58 12.19 47.39
N GLY E 75 1.05 10.98 47.15
CA GLY E 75 1.46 10.11 48.26
C GLY E 75 0.34 9.27 48.81
N LEU E 76 -0.90 9.57 48.44
CA LEU E 76 -2.04 8.75 48.88
C LEU E 76 -2.41 7.85 47.73
N CYS E 77 -2.42 6.54 47.98
CA CYS E 77 -2.61 5.65 46.81
C CYS E 77 -3.33 4.36 47.14
N LYS E 78 -3.72 3.65 46.08
CA LYS E 78 -4.64 2.52 46.28
C LYS E 78 -4.15 1.22 45.66
N GLN E 79 -5.01 0.21 45.68
CA GLN E 79 -4.65 -1.09 45.09
C GLN E 79 -5.15 -1.09 43.65
N ILE E 80 -4.28 -1.49 42.73
CA ILE E 80 -4.67 -1.51 41.30
C ILE E 80 -5.91 -2.38 41.18
N ASP E 81 -6.79 -1.99 40.28
CA ASP E 81 -8.01 -2.79 40.05
C ASP E 81 -7.72 -3.62 38.82
N HIS E 82 -7.35 -4.88 39.04
CA HIS E 82 -6.94 -5.71 37.89
C HIS E 82 -8.09 -5.90 36.94
N PHE E 83 -9.23 -6.35 37.45
CA PHE E 83 -10.34 -6.67 36.52
C PHE E 83 -11.13 -5.42 36.19
N PRO E 84 -11.84 -5.39 35.05
CA PRO E 84 -12.67 -4.23 34.70
C PRO E 84 -13.58 -3.80 35.88
N ASP E 92 -14.52 -14.49 26.50
CA ASP E 92 -13.15 -14.43 25.95
C ASP E 92 -12.19 -14.95 27.02
N THR E 93 -12.13 -16.26 27.20
CA THR E 93 -11.33 -16.85 28.30
C THR E 93 -9.85 -16.47 28.21
N ALA E 94 -9.34 -16.12 27.03
CA ALA E 94 -7.89 -15.83 26.93
C ALA E 94 -7.57 -14.58 27.75
N GLU E 95 -8.37 -13.53 27.59
CA GLU E 95 -8.18 -12.30 28.37
C GLU E 95 -8.39 -12.62 29.84
N TYR E 96 -9.34 -13.49 30.17
CA TYR E 96 -9.59 -13.75 31.60
C TYR E 96 -8.36 -14.45 32.20
N PHE E 97 -7.81 -15.41 31.46
CA PHE E 97 -6.62 -16.13 31.96
C PHE E 97 -5.44 -15.17 32.11
N LEU E 98 -5.24 -14.30 31.13
CA LEU E 98 -4.08 -13.39 31.22
C LEU E 98 -4.28 -12.42 32.38
N ARG E 99 -5.51 -11.95 32.56
CA ARG E 99 -5.76 -10.98 33.65
C ARG E 99 -5.58 -11.68 34.99
N ALA E 100 -5.99 -12.95 35.09
CA ALA E 100 -5.77 -13.70 36.34
C ALA E 100 -4.28 -13.88 36.58
N VAL E 101 -3.52 -14.25 35.56
CA VAL E 101 -2.07 -14.52 35.77
C VAL E 101 -1.36 -13.22 36.11
N ARG E 102 -1.88 -12.07 35.67
CA ARG E 102 -1.17 -10.80 35.93
C ARG E 102 -1.67 -10.20 37.23
N ALA E 103 -2.86 -10.58 37.67
CA ALA E 103 -3.40 -10.08 38.95
C ALA E 103 -2.60 -10.70 40.08
N SER E 104 -2.51 -12.02 40.10
CA SER E 104 -1.69 -12.71 41.12
C SER E 104 -0.32 -12.88 40.51
N SER E 105 0.64 -12.03 40.86
CA SER E 105 1.96 -12.04 40.20
C SER E 105 2.60 -13.40 40.41
N ILE E 106 2.00 -14.44 39.85
CA ILE E 106 2.45 -15.81 40.13
C ILE E 106 3.84 -16.00 39.58
N PHE E 107 4.17 -15.35 38.47
CA PHE E 107 5.47 -15.61 37.84
C PHE E 107 6.58 -14.82 38.53
N PRO E 108 6.44 -13.52 38.81
CA PRO E 108 7.44 -12.87 39.63
C PRO E 108 7.59 -13.53 41.02
N ILE E 109 6.48 -13.95 41.62
CA ILE E 109 6.56 -14.55 42.97
C ILE E 109 7.24 -15.92 42.87
N LEU E 110 6.96 -16.65 41.81
CA LEU E 110 7.61 -17.96 41.62
C LEU E 110 9.10 -17.77 41.40
N SER E 111 9.48 -16.70 40.71
CA SER E 111 10.90 -16.39 40.54
C SER E 111 11.52 -16.16 41.92
N VAL E 112 10.83 -15.45 42.79
CA VAL E 112 11.38 -15.17 44.13
C VAL E 112 11.55 -16.49 44.89
N ILE E 113 10.55 -17.35 44.83
CA ILE E 113 10.62 -18.63 45.58
C ILE E 113 11.76 -19.48 45.05
N LEU E 114 11.90 -19.56 43.73
CA LEU E 114 12.94 -20.43 43.14
C LEU E 114 14.32 -19.88 43.47
N LEU E 115 14.50 -18.56 43.45
CA LEU E 115 15.81 -18.01 43.85
C LEU E 115 16.06 -18.36 45.31
N PHE E 116 15.04 -18.30 46.15
CA PHE E 116 15.22 -18.63 47.58
C PHE E 116 15.67 -20.09 47.72
N MET E 117 15.01 -20.99 47.02
CA MET E 117 15.36 -22.42 47.14
C MET E 117 16.75 -22.67 46.56
N GLY E 118 17.11 -21.99 45.48
CA GLY E 118 18.47 -22.12 44.94
C GLY E 118 19.51 -21.68 45.95
N GLY E 119 19.26 -20.57 46.59
CA GLY E 119 20.20 -20.09 47.61
C GLY E 119 20.29 -21.07 48.76
N LEU E 120 19.15 -21.66 49.11
CA LEU E 120 19.12 -22.62 50.22
C LEU E 120 19.98 -23.83 49.84
N CYS E 121 19.84 -24.32 48.62
CA CYS E 121 20.67 -25.46 48.17
C CYS E 121 22.15 -25.08 48.20
N ILE E 122 22.49 -23.89 47.73
CA ILE E 122 23.91 -23.48 47.71
C ILE E 122 24.42 -23.46 49.15
N ALA E 123 23.62 -22.95 50.08
CA ALA E 123 24.06 -22.88 51.47
C ALA E 123 24.24 -24.31 52.00
N ALA E 124 23.29 -25.19 51.72
CA ALA E 124 23.39 -26.58 52.20
C ALA E 124 24.50 -27.33 51.49
N SER E 125 25.15 -26.71 50.51
CA SER E 125 26.26 -27.38 49.80
C SER E 125 27.50 -27.43 50.68
N GLU E 126 27.50 -26.75 51.81
CA GLU E 126 28.65 -26.86 52.74
C GLU E 126 28.38 -28.02 53.70
N PHE E 127 27.19 -28.05 54.28
CA PHE E 127 26.80 -29.20 55.13
C PHE E 127 26.44 -30.36 54.20
N TYR E 128 26.52 -31.58 54.67
CA TYR E 128 26.15 -32.74 53.80
C TYR E 128 26.90 -32.62 52.47
N LYS E 129 28.17 -32.20 52.52
CA LYS E 129 29.01 -32.10 51.30
C LYS E 129 29.23 -33.46 50.66
N THR E 130 29.97 -33.48 49.55
CA THR E 130 30.33 -34.75 48.86
C THR E 130 29.14 -35.29 48.08
N ARG E 131 27.95 -34.74 48.26
CA ARG E 131 26.82 -35.17 47.40
C ARG E 131 27.06 -34.66 45.97
N HIS E 132 27.57 -33.45 45.85
CA HIS E 132 27.81 -32.82 44.52
C HIS E 132 26.66 -33.16 43.60
N ASN E 133 25.45 -33.19 44.12
CA ASN E 133 24.25 -33.40 43.28
C ASN E 133 23.18 -32.41 43.71
N ILE E 134 23.42 -31.68 44.81
CA ILE E 134 22.49 -30.61 45.21
C ILE E 134 22.94 -29.29 44.57
N ILE E 135 24.24 -29.12 44.34
CA ILE E 135 24.67 -27.90 43.63
C ILE E 135 24.12 -27.89 42.21
N LEU E 136 23.95 -29.06 41.62
CA LEU E 136 23.25 -29.11 40.32
C LEU E 136 21.82 -28.61 40.52
N SER E 137 21.19 -29.00 41.62
CA SER E 137 19.81 -28.53 41.88
C SER E 137 19.82 -27.02 42.03
N ALA E 138 20.89 -26.48 42.58
CA ALA E 138 20.98 -25.01 42.71
C ALA E 138 21.04 -24.38 41.32
N GLY E 139 21.82 -24.95 40.43
CA GLY E 139 21.87 -24.41 39.06
C GLY E 139 20.52 -24.49 38.39
N ILE E 140 19.83 -25.61 38.56
CA ILE E 140 18.52 -25.78 37.89
C ILE E 140 17.55 -24.75 38.46
N PHE E 141 17.59 -24.52 39.77
CA PHE E 141 16.67 -23.55 40.39
C PHE E 141 16.95 -22.15 39.86
N PHE E 142 18.20 -21.78 39.73
CA PHE E 142 18.51 -20.41 39.26
C PHE E 142 18.07 -20.26 37.80
N VAL E 143 18.35 -21.23 36.96
CA VAL E 143 17.91 -21.14 35.55
C VAL E 143 16.37 -21.04 35.50
N SER E 144 15.68 -21.87 36.28
CA SER E 144 14.20 -21.85 36.23
C SER E 144 13.69 -20.52 36.77
N ALA E 145 14.38 -19.95 37.75
CA ALA E 145 13.96 -18.64 38.27
C ALA E 145 14.06 -17.60 37.15
N GLY E 146 15.14 -17.63 36.40
CA GLY E 146 15.25 -16.70 35.27
C GLY E 146 14.13 -16.88 34.27
N LEU E 147 13.78 -18.12 33.96
CA LEU E 147 12.73 -18.33 32.95
C LEU E 147 11.41 -17.80 33.48
N SER E 148 11.12 -18.07 34.74
CA SER E 148 9.86 -17.56 35.33
C SER E 148 9.86 -16.04 35.32
N ASN E 149 11.00 -15.43 35.59
CA ASN E 149 11.10 -13.98 35.60
C ASN E 149 10.78 -13.43 34.21
N ILE E 150 11.32 -14.04 33.17
CA ILE E 150 11.07 -13.48 31.82
C ILE E 150 9.59 -13.64 31.46
N ILE E 151 8.99 -14.77 31.82
CA ILE E 151 7.53 -14.91 31.56
C ILE E 151 6.76 -13.83 32.31
N GLY E 152 7.17 -13.51 33.51
CA GLY E 152 6.48 -12.48 34.30
C GLY E 152 6.57 -11.14 33.62
N ILE E 153 7.74 -10.80 33.10
CA ILE E 153 7.92 -9.50 32.40
C ILE E 153 7.02 -9.47 31.18
N ILE E 154 6.94 -10.57 30.46
CA ILE E 154 6.14 -10.58 29.22
C ILE E 154 4.67 -10.38 29.57
N VAL E 155 4.18 -11.07 30.58
CA VAL E 155 2.74 -10.94 30.93
C VAL E 155 2.50 -9.53 31.45
N TYR E 156 3.42 -8.97 32.20
CA TYR E 156 3.23 -7.62 32.75
C TYR E 156 3.10 -6.64 31.61
N ILE E 157 4.01 -6.69 30.67
CA ILE E 157 3.99 -5.72 29.55
C ILE E 157 2.77 -5.96 28.69
N SER E 158 2.39 -7.22 28.47
CA SER E 158 1.24 -7.52 27.62
C SER E 158 -0.03 -6.99 28.28
N ALA E 159 -0.16 -7.15 29.59
CA ALA E 159 -1.38 -6.71 30.30
C ALA E 159 -1.44 -5.19 30.38
N ASN E 160 -0.30 -4.54 30.43
CA ASN E 160 -0.29 -3.07 30.44
C ASN E 160 -0.87 -2.53 29.14
N ALA E 161 -0.89 -3.32 28.07
CA ALA E 161 -1.41 -2.86 26.78
C ALA E 161 -2.94 -3.03 26.69
N GLY E 162 -3.57 -3.32 27.81
CA GLY E 162 -5.04 -3.41 27.83
C GLY E 162 -5.66 -2.16 28.42
N SER E 173 1.58 8.44 26.90
CA SER E 173 3.02 8.12 27.07
C SER E 173 3.23 7.44 28.42
N TYR E 174 4.31 6.67 28.52
CA TYR E 174 4.60 5.93 29.76
C TYR E 174 6.10 5.70 29.82
N SER E 175 6.54 5.03 30.88
CA SER E 175 7.97 4.72 31.02
C SER E 175 8.09 3.61 32.06
N TYR E 176 9.30 3.09 32.22
CA TYR E 176 9.53 1.99 33.15
C TYR E 176 10.43 2.48 34.28
N GLY E 177 10.10 2.09 35.49
CA GLY E 177 10.85 2.56 36.66
C GLY E 177 11.94 1.62 37.10
N TRP E 178 12.60 1.99 38.18
CA TRP E 178 13.78 1.21 38.57
C TRP E 178 13.37 -0.12 39.18
N SER E 179 12.11 -0.29 39.54
CA SER E 179 11.67 -1.63 39.98
C SER E 179 11.69 -2.58 38.78
N PHE E 180 11.25 -2.12 37.62
CA PHE E 180 11.27 -2.97 36.42
C PHE E 180 12.69 -3.41 36.14
N TYR E 181 13.62 -2.48 36.20
CA TYR E 181 15.01 -2.83 35.87
C TYR E 181 15.66 -3.63 36.99
N PHE E 182 15.15 -3.54 38.21
CA PHE E 182 15.66 -4.41 39.28
C PHE E 182 15.24 -5.85 38.96
N GLY E 183 14.02 -6.03 38.49
CA GLY E 183 13.60 -7.37 38.08
C GLY E 183 14.46 -7.89 36.94
N ALA E 184 14.72 -7.06 35.95
CA ALA E 184 15.52 -7.50 34.79
C ALA E 184 16.94 -7.86 35.24
N LEU E 185 17.51 -7.05 36.11
CA LEU E 185 18.91 -7.31 36.54
C LEU E 185 18.94 -8.56 37.40
N SER E 186 17.88 -8.82 38.14
CA SER E 186 17.81 -10.09 38.90
C SER E 186 17.80 -11.25 37.92
N PHE E 187 17.10 -11.13 36.81
CA PHE E 187 17.12 -12.20 35.79
C PHE E 187 18.54 -12.46 35.32
N ILE E 188 19.25 -11.41 34.95
CA ILE E 188 20.62 -11.58 34.40
C ILE E 188 21.51 -12.22 35.46
N ILE E 189 21.47 -11.73 36.68
CA ILE E 189 22.38 -12.28 37.71
C ILE E 189 21.99 -13.72 38.00
N ALA E 190 20.70 -14.03 38.01
CA ALA E 190 20.27 -15.42 38.26
C ALA E 190 20.81 -16.35 37.17
N GLU E 191 20.78 -15.93 35.93
CA GLU E 191 21.28 -16.80 34.85
C GLU E 191 22.80 -16.99 35.00
N MET E 192 23.54 -15.93 35.32
CA MET E 192 24.99 -16.10 35.53
C MET E 192 25.24 -17.05 36.69
N VAL E 193 24.52 -16.89 37.79
CA VAL E 193 24.79 -17.74 38.97
C VAL E 193 24.44 -19.19 38.62
N GLY E 194 23.42 -19.40 37.81
CA GLY E 194 23.11 -20.77 37.37
C GLY E 194 24.25 -21.34 36.54
N VAL E 195 24.84 -20.55 35.68
CA VAL E 195 25.95 -21.04 34.83
C VAL E 195 27.12 -21.40 35.75
N LEU E 196 27.40 -20.56 36.73
CA LEU E 196 28.49 -20.89 37.69
C LEU E 196 28.15 -22.18 38.44
N ALA E 197 26.92 -22.34 38.89
CA ALA E 197 26.59 -23.55 39.68
C ALA E 197 26.79 -24.79 38.82
N VAL E 198 26.38 -24.73 37.57
CA VAL E 198 26.50 -25.92 36.70
C VAL E 198 27.99 -26.15 36.43
N HIS E 199 28.76 -25.09 36.28
CA HIS E 199 30.21 -25.26 36.06
C HIS E 199 30.83 -25.95 37.25
N MET E 200 30.42 -25.56 38.45
CA MET E 200 31.01 -26.17 39.67
C MET E 200 30.58 -27.63 39.76
N PHE E 201 29.34 -27.95 39.41
CA PHE E 201 28.93 -29.37 39.41
C PHE E 201 29.75 -30.18 38.43
N ILE E 202 29.98 -29.63 37.24
CA ILE E 202 30.79 -30.32 36.23
C ILE E 202 32.20 -30.52 36.79
N ASP E 203 32.76 -29.50 37.42
CA ASP E 203 34.12 -29.61 37.95
C ASP E 203 34.17 -30.67 39.05
N ARG E 204 33.14 -30.73 39.88
CA ARG E 204 33.13 -31.71 40.97
C ARG E 204 33.08 -33.12 40.41
N HIS E 205 32.22 -33.39 39.44
CA HIS E 205 32.24 -34.76 38.86
C HIS E 205 33.55 -35.01 38.10
N LYS E 206 34.17 -33.97 37.57
CA LYS E 206 35.48 -34.18 36.93
C LYS E 206 36.50 -34.59 37.98
N GLN E 207 36.51 -33.93 39.13
CA GLN E 207 37.44 -34.32 40.20
C GLN E 207 37.13 -35.73 40.65
N LEU E 208 35.85 -36.06 40.80
CA LEU E 208 35.48 -37.41 41.28
C LEU E 208 35.96 -38.46 40.28
N ARG E 209 35.86 -38.18 38.98
CA ARG E 209 36.23 -39.19 37.96
C ARG E 209 37.75 -39.42 37.98
N ALA E 210 38.52 -38.48 38.52
CA ALA E 210 39.99 -38.67 38.59
C ALA E 210 40.40 -39.73 39.58
N ASP F 5 11.75 -55.81 20.88
CA ASP F 5 11.84 -57.25 20.49
C ASP F 5 11.11 -57.50 19.17
N ARG F 6 11.45 -58.58 18.48
CA ARG F 6 10.87 -58.81 17.14
C ARG F 6 9.36 -59.09 17.26
N GLY F 7 8.98 -59.90 18.24
CA GLY F 7 7.55 -60.22 18.42
C GLY F 7 6.73 -58.99 18.75
N VAL F 8 7.21 -58.16 19.67
CA VAL F 8 6.46 -56.95 20.04
C VAL F 8 6.42 -56.02 18.82
N GLN F 9 7.53 -55.89 18.11
CA GLN F 9 7.58 -54.99 16.93
C GLN F 9 6.55 -55.48 15.91
N MET F 10 6.48 -56.79 15.68
CA MET F 10 5.56 -57.31 14.65
C MET F 10 4.13 -57.07 15.10
N LEU F 11 3.85 -57.29 16.38
CA LEU F 11 2.46 -57.14 16.85
C LEU F 11 2.08 -55.66 16.73
N LEU F 12 3.00 -54.76 17.09
CA LEU F 12 2.66 -53.32 17.05
C LEU F 12 2.48 -52.90 15.59
N THR F 13 3.29 -53.42 14.67
CA THR F 13 3.09 -53.11 13.24
C THR F 13 1.73 -53.63 12.77
N THR F 14 1.36 -54.84 13.15
CA THR F 14 0.08 -55.40 12.66
C THR F 14 -1.11 -54.61 13.22
N VAL F 15 -1.05 -54.30 14.51
CA VAL F 15 -2.16 -53.53 15.11
C VAL F 15 -2.23 -52.15 14.47
N GLY F 16 -1.09 -51.53 14.23
CA GLY F 16 -1.08 -50.20 13.60
C GLY F 16 -1.64 -50.25 12.20
N ALA F 17 -1.26 -51.25 11.43
CA ALA F 17 -1.81 -51.39 10.06
C ALA F 17 -3.32 -51.53 10.11
N PHE F 18 -3.81 -52.38 10.99
CA PHE F 18 -5.26 -52.62 11.05
C PHE F 18 -5.96 -51.32 11.46
N ALA F 19 -5.38 -50.62 12.43
CA ALA F 19 -6.02 -49.38 12.91
C ALA F 19 -6.06 -48.35 11.78
N ALA F 20 -4.96 -48.22 11.05
CA ALA F 20 -4.92 -47.21 9.97
C ALA F 20 -5.95 -47.56 8.91
N PHE F 21 -6.02 -48.82 8.51
CA PHE F 21 -6.98 -49.23 7.47
C PHE F 21 -8.39 -48.98 7.96
N SER F 22 -8.68 -49.31 9.21
CA SER F 22 -10.05 -49.14 9.74
C SER F 22 -10.39 -47.66 9.78
N LEU F 23 -9.48 -46.85 10.27
CA LEU F 23 -9.75 -45.39 10.36
C LEU F 23 -9.99 -44.83 8.97
N MET F 24 -9.17 -45.19 8.00
CA MET F 24 -9.34 -44.58 6.67
C MET F 24 -10.64 -45.09 6.04
N THR F 25 -10.99 -46.36 6.25
CA THR F 25 -12.22 -46.90 5.64
C THR F 25 -13.45 -46.25 6.28
N ILE F 26 -13.44 -46.07 7.59
CA ILE F 26 -14.55 -45.35 8.24
C ILE F 26 -14.62 -43.92 7.68
N ALA F 27 -13.49 -43.22 7.60
CA ALA F 27 -13.52 -41.82 7.15
C ALA F 27 -14.03 -41.70 5.72
N VAL F 28 -13.61 -42.62 4.85
CA VAL F 28 -13.97 -42.48 3.42
C VAL F 28 -15.41 -42.92 3.19
N GLY F 29 -16.08 -43.42 4.20
CA GLY F 29 -17.46 -43.90 4.06
C GLY F 29 -18.43 -43.10 4.89
N THR F 30 -17.94 -42.44 5.93
CA THR F 30 -18.82 -41.66 6.82
C THR F 30 -19.02 -40.27 6.24
N ASP F 31 -19.93 -39.49 6.83
CA ASP F 31 -20.34 -38.22 6.19
C ASP F 31 -19.97 -36.96 6.96
N TYR F 32 -19.32 -37.05 8.12
CA TYR F 32 -19.09 -35.84 8.93
C TYR F 32 -17.73 -35.22 8.64
N TRP F 33 -17.51 -34.81 7.41
CA TRP F 33 -16.22 -34.17 7.06
C TRP F 33 -16.30 -32.67 7.27
N LEU F 34 -17.40 -32.03 6.88
CA LEU F 34 -17.46 -30.56 6.85
C LEU F 34 -18.79 -30.07 7.38
N TYR F 35 -18.77 -29.47 8.56
CA TYR F 35 -19.99 -28.85 9.12
C TYR F 35 -20.18 -27.47 8.48
N SER F 36 -20.71 -27.47 7.27
CA SER F 36 -21.01 -26.18 6.59
C SER F 36 -22.48 -25.85 6.76
N ARG F 37 -22.97 -24.81 6.07
CA ARG F 37 -24.39 -24.42 6.11
C ARG F 37 -24.97 -24.47 4.70
N GLY F 38 -25.43 -25.64 4.27
CA GLY F 38 -25.89 -25.81 2.89
C GLY F 38 -27.36 -26.12 2.76
N VAL F 39 -27.76 -26.88 1.73
CA VAL F 39 -29.20 -27.18 1.49
C VAL F 39 -29.42 -28.69 1.64
N CYS F 40 -30.37 -29.08 2.46
CA CYS F 40 -30.62 -30.51 2.75
C CYS F 40 -31.00 -31.26 1.48
N LYS F 41 -32.01 -30.78 0.78
CA LYS F 41 -32.51 -31.44 -0.44
C LYS F 41 -33.30 -30.41 -1.22
N THR F 42 -32.94 -30.22 -2.49
CA THR F 42 -33.60 -29.17 -3.29
C THR F 42 -34.07 -29.71 -4.63
N LYS F 43 -35.12 -29.08 -5.14
CA LYS F 43 -35.73 -29.49 -6.43
C LYS F 43 -35.79 -31.02 -6.54
N GLU F 55 -34.08 -21.86 1.65
CA GLU F 55 -33.98 -22.19 3.09
C GLU F 55 -32.67 -22.93 3.35
N GLU F 56 -31.70 -22.26 3.96
CA GLU F 56 -30.37 -22.87 4.18
C GLU F 56 -30.19 -23.24 5.64
N VAL F 57 -29.66 -24.43 5.91
CA VAL F 57 -29.43 -24.88 7.30
C VAL F 57 -28.12 -25.63 7.41
N MET F 58 -27.71 -25.94 8.63
CA MET F 58 -26.47 -26.71 8.88
C MET F 58 -26.49 -28.04 8.12
N THR F 59 -25.32 -28.61 7.88
CA THR F 59 -25.25 -29.87 7.11
C THR F 59 -24.10 -30.75 7.59
N HIS F 60 -24.02 -31.95 7.07
CA HIS F 60 -22.94 -32.89 7.39
C HIS F 60 -21.89 -32.77 6.29
N SER F 61 -22.30 -32.94 5.04
CA SER F 61 -21.39 -32.73 3.89
C SER F 61 -20.17 -33.62 4.00
N GLY F 62 -20.37 -34.91 3.86
CA GLY F 62 -19.23 -35.83 3.83
C GLY F 62 -18.53 -35.85 2.48
N LEU F 63 -17.92 -36.97 2.14
CA LEU F 63 -17.19 -37.08 0.86
C LEU F 63 -18.17 -37.37 -0.27
N TRP F 64 -19.30 -38.02 -0.01
CA TRP F 64 -20.21 -38.47 -1.09
C TRP F 64 -21.61 -37.87 -0.94
N ARG F 65 -22.16 -37.85 0.27
CA ARG F 65 -23.55 -37.40 0.46
C ARG F 65 -23.57 -36.27 1.49
N THR F 66 -24.33 -35.22 1.20
CA THR F 66 -24.48 -34.09 2.14
C THR F 66 -25.79 -34.22 2.92
N CYS F 67 -25.77 -35.01 3.99
CA CYS F 67 -26.97 -35.10 4.84
C CYS F 67 -27.22 -33.77 5.53
N CYS F 68 -28.45 -33.61 6.01
CA CYS F 68 -28.87 -32.33 6.62
C CYS F 68 -29.12 -32.50 8.11
N LEU F 69 -29.03 -31.39 8.83
CA LEU F 69 -29.17 -31.47 10.30
C LEU F 69 -29.76 -30.16 10.80
N GLU F 70 -30.48 -30.24 11.92
CA GLU F 70 -31.01 -29.03 12.60
C GLU F 70 -32.05 -28.32 11.74
N GLY F 71 -32.40 -28.87 10.58
CA GLY F 71 -33.44 -28.28 9.73
C GLY F 71 -34.83 -28.78 10.02
N ASN F 72 -35.82 -28.25 9.30
CA ASN F 72 -37.21 -28.75 9.47
C ASN F 72 -37.24 -30.27 9.26
N PHE F 73 -36.45 -30.78 8.32
CA PHE F 73 -36.33 -32.24 8.15
C PHE F 73 -34.84 -32.60 8.21
N LYS F 74 -34.50 -33.51 9.11
CA LYS F 74 -33.08 -33.91 9.28
C LYS F 74 -32.85 -35.28 8.65
N GLY F 75 -31.60 -35.73 8.66
CA GLY F 75 -31.29 -37.08 8.16
C GLY F 75 -31.35 -37.19 6.65
N LEU F 76 -31.99 -36.25 5.95
CA LEU F 76 -32.10 -36.42 4.48
C LEU F 76 -30.73 -36.16 3.85
N CYS F 77 -30.39 -36.96 2.84
CA CYS F 77 -29.05 -36.82 2.21
C CYS F 77 -29.18 -36.81 0.70
N LYS F 78 -28.41 -35.94 0.04
CA LYS F 78 -28.36 -35.99 -1.44
C LYS F 78 -26.92 -36.01 -1.90
N GLN F 79 -26.67 -36.71 -2.98
CA GLN F 79 -25.29 -36.80 -3.51
C GLN F 79 -24.81 -35.39 -3.84
N ILE F 80 -23.64 -35.05 -3.35
CA ILE F 80 -23.10 -33.71 -3.63
C ILE F 80 -23.04 -33.50 -5.13
N ASP F 81 -23.38 -32.30 -5.57
CA ASP F 81 -23.47 -31.99 -7.00
C ASP F 81 -22.09 -31.71 -7.59
N HIS F 82 -21.33 -32.77 -7.77
CA HIS F 82 -20.05 -32.58 -8.47
C HIS F 82 -20.39 -32.17 -9.91
N PHE F 83 -19.61 -31.25 -10.47
CA PHE F 83 -19.90 -30.77 -11.83
C PHE F 83 -21.27 -30.11 -11.86
N PRO F 84 -21.50 -28.97 -11.19
CA PRO F 84 -22.79 -28.28 -11.28
C PRO F 84 -23.18 -27.96 -12.74
N ASP F 92 -12.31 -25.15 -18.73
CA ASP F 92 -11.20 -24.93 -17.76
C ASP F 92 -10.60 -26.29 -17.38
N THR F 93 -9.80 -26.86 -18.27
CA THR F 93 -9.27 -28.21 -18.01
C THR F 93 -8.52 -28.28 -16.68
N ALA F 94 -7.83 -27.21 -16.30
CA ALA F 94 -7.15 -27.19 -14.98
C ALA F 94 -8.17 -27.42 -13.87
N GLU F 95 -9.31 -26.76 -13.98
CA GLU F 95 -10.36 -26.93 -12.96
C GLU F 95 -11.14 -28.21 -13.23
N TYR F 96 -11.22 -28.62 -14.49
CA TYR F 96 -11.95 -29.86 -14.82
C TYR F 96 -11.26 -31.05 -14.15
N PHE F 97 -9.93 -31.08 -14.21
CA PHE F 97 -9.21 -32.24 -13.64
C PHE F 97 -9.35 -32.21 -12.12
N LEU F 98 -9.30 -31.04 -11.47
CA LEU F 98 -9.51 -31.04 -10.01
C LEU F 98 -10.93 -31.48 -9.68
N ARG F 99 -11.88 -31.04 -10.47
CA ARG F 99 -13.28 -31.44 -10.23
C ARG F 99 -13.41 -32.96 -10.38
N ALA F 100 -12.76 -33.53 -11.38
CA ALA F 100 -12.85 -34.99 -11.60
C ALA F 100 -12.20 -35.72 -10.44
N VAL F 101 -11.03 -35.25 -10.01
CA VAL F 101 -10.30 -35.98 -8.96
C VAL F 101 -11.05 -35.86 -7.63
N ARG F 102 -11.76 -34.76 -7.41
CA ARG F 102 -12.57 -34.67 -6.17
C ARG F 102 -13.85 -35.47 -6.34
N ALA F 103 -14.41 -35.52 -7.55
CA ALA F 103 -15.68 -36.23 -7.79
C ALA F 103 -15.53 -37.65 -7.28
N SER F 104 -14.62 -38.37 -7.91
CA SER F 104 -14.26 -39.67 -7.32
C SER F 104 -13.35 -39.31 -6.16
N SER F 105 -13.02 -40.30 -5.35
CA SER F 105 -12.06 -40.04 -4.27
C SER F 105 -10.86 -40.93 -4.60
N ILE F 106 -10.38 -40.81 -5.83
CA ILE F 106 -9.29 -41.71 -6.28
C ILE F 106 -8.18 -41.67 -5.26
N PHE F 107 -7.96 -40.54 -4.62
CA PHE F 107 -6.80 -40.46 -3.70
C PHE F 107 -7.15 -41.07 -2.35
N PRO F 108 -8.24 -40.69 -1.67
CA PRO F 108 -8.63 -41.40 -0.46
C PRO F 108 -8.89 -42.90 -0.70
N ILE F 109 -9.52 -43.25 -1.80
CA ILE F 109 -9.78 -44.68 -2.10
C ILE F 109 -8.45 -45.39 -2.36
N LEU F 110 -7.53 -44.74 -3.04
CA LEU F 110 -6.24 -45.39 -3.35
C LEU F 110 -5.45 -45.53 -2.05
N SER F 111 -5.62 -44.58 -1.13
CA SER F 111 -4.97 -44.73 0.19
C SER F 111 -5.51 -45.98 0.88
N VAL F 112 -6.81 -46.19 0.80
CA VAL F 112 -7.43 -47.37 1.47
C VAL F 112 -6.88 -48.65 0.82
N ILE F 113 -6.79 -48.65 -0.50
CA ILE F 113 -6.33 -49.89 -1.19
C ILE F 113 -4.88 -50.16 -0.81
N LEU F 114 -4.04 -49.14 -0.82
CA LEU F 114 -2.61 -49.34 -0.51
C LEU F 114 -2.47 -49.84 0.92
N LEU F 115 -3.25 -49.32 1.85
CA LEU F 115 -3.20 -49.83 3.24
C LEU F 115 -3.60 -51.30 3.28
N PHE F 116 -4.61 -51.68 2.52
CA PHE F 116 -5.05 -53.09 2.52
C PHE F 116 -3.94 -53.98 1.97
N MET F 117 -3.27 -53.53 0.92
CA MET F 117 -2.21 -54.36 0.30
C MET F 117 -1.02 -54.47 1.27
N GLY F 118 -0.72 -53.39 1.98
CA GLY F 118 0.34 -53.46 3.00
C GLY F 118 -0.02 -54.44 4.09
N GLY F 119 -1.29 -54.51 4.44
CA GLY F 119 -1.73 -55.48 5.44
C GLY F 119 -1.53 -56.89 4.93
N LEU F 120 -1.86 -57.13 3.67
CA LEU F 120 -1.65 -58.47 3.10
C LEU F 120 -0.16 -58.82 3.14
N CYS F 121 0.71 -57.87 2.81
CA CYS F 121 2.16 -58.13 2.83
C CYS F 121 2.57 -58.49 4.27
N ILE F 122 2.12 -57.74 5.25
CA ILE F 122 2.58 -58.02 6.63
C ILE F 122 2.05 -59.38 7.07
N ALA F 123 0.85 -59.73 6.63
CA ALA F 123 0.29 -61.05 6.99
C ALA F 123 1.13 -62.14 6.33
N ALA F 124 1.48 -61.95 5.05
CA ALA F 124 2.35 -62.94 4.37
C ALA F 124 3.76 -62.90 4.95
N SER F 125 4.07 -61.94 5.82
CA SER F 125 5.40 -61.93 6.48
C SER F 125 5.55 -63.20 7.31
N GLU F 126 4.57 -63.51 8.15
CA GLU F 126 4.74 -64.67 9.06
C GLU F 126 4.79 -65.96 8.26
N PHE F 127 3.84 -66.16 7.34
CA PHE F 127 3.92 -67.37 6.48
C PHE F 127 4.87 -67.08 5.32
N TYR F 128 5.21 -68.10 4.53
CA TYR F 128 6.03 -67.85 3.31
C TYR F 128 7.17 -66.90 3.66
N LYS F 129 7.76 -67.03 4.84
CA LYS F 129 8.75 -66.05 5.30
C LYS F 129 10.14 -66.33 4.73
N THR F 130 11.16 -65.65 5.27
CA THR F 130 12.55 -65.77 4.77
C THR F 130 12.69 -65.06 3.42
N ARG F 131 11.64 -64.45 2.90
CA ARG F 131 11.78 -63.67 1.64
C ARG F 131 12.40 -62.32 1.94
N HIS F 132 12.03 -61.69 3.06
CA HIS F 132 12.68 -60.43 3.51
C HIS F 132 12.37 -59.24 2.60
N ASN F 133 11.72 -59.48 1.47
CA ASN F 133 11.35 -58.35 0.59
C ASN F 133 9.86 -58.09 0.65
N ILE F 134 9.10 -58.91 1.37
CA ILE F 134 7.65 -58.60 1.54
C ILE F 134 7.48 -57.63 2.70
N ILE F 135 8.41 -57.63 3.64
CA ILE F 135 8.34 -56.61 4.72
C ILE F 135 8.69 -55.27 4.11
N LEU F 136 9.67 -55.23 3.22
CA LEU F 136 9.97 -53.94 2.53
C LEU F 136 8.76 -53.52 1.73
N SER F 137 8.06 -54.47 1.14
CA SER F 137 6.86 -54.14 0.35
C SER F 137 5.81 -53.50 1.26
N ALA F 138 5.63 -54.04 2.45
CA ALA F 138 4.67 -53.47 3.39
C ALA F 138 5.08 -52.05 3.75
N GLY F 139 6.36 -51.83 4.02
CA GLY F 139 6.79 -50.45 4.31
C GLY F 139 6.49 -49.50 3.16
N ILE F 140 6.77 -49.92 1.93
CA ILE F 140 6.57 -49.02 0.78
C ILE F 140 5.09 -48.74 0.61
N PHE F 141 4.26 -49.75 0.82
CA PHE F 141 2.81 -49.57 0.67
C PHE F 141 2.28 -48.60 1.71
N PHE F 142 2.74 -48.70 2.94
CA PHE F 142 2.24 -47.81 4.00
C PHE F 142 2.68 -46.38 3.75
N VAL F 143 3.93 -46.18 3.36
CA VAL F 143 4.38 -44.79 3.06
C VAL F 143 3.61 -44.23 1.87
N SER F 144 3.41 -45.03 0.83
CA SER F 144 2.66 -44.55 -0.34
C SER F 144 1.20 -44.26 0.02
N ALA F 145 0.65 -45.03 0.95
CA ALA F 145 -0.73 -44.77 1.39
C ALA F 145 -0.79 -43.42 2.09
N GLY F 146 0.20 -43.12 2.90
CA GLY F 146 0.23 -41.81 3.55
C GLY F 146 0.30 -40.69 2.54
N LEU F 147 1.11 -40.85 1.51
CA LEU F 147 1.26 -39.77 0.53
C LEU F 147 -0.05 -39.61 -0.24
N SER F 148 -0.70 -40.70 -0.59
CA SER F 148 -2.00 -40.64 -1.27
C SER F 148 -3.01 -39.91 -0.38
N ASN F 149 -3.02 -40.21 0.89
CA ASN F 149 -3.96 -39.59 1.84
C ASN F 149 -3.72 -38.08 1.91
N ILE F 150 -2.47 -37.65 1.94
CA ILE F 150 -2.20 -36.20 2.05
C ILE F 150 -2.62 -35.50 0.75
N ILE F 151 -2.39 -36.12 -0.38
CA ILE F 151 -2.86 -35.51 -1.64
C ILE F 151 -4.38 -35.39 -1.60
N GLY F 152 -5.05 -36.41 -1.11
CA GLY F 152 -6.52 -36.40 -1.05
C GLY F 152 -7.02 -35.27 -0.17
N ILE F 153 -6.37 -35.04 0.94
CA ILE F 153 -6.77 -33.96 1.87
C ILE F 153 -6.57 -32.62 1.17
N ILE F 154 -5.47 -32.43 0.48
CA ILE F 154 -5.24 -31.11 -0.14
C ILE F 154 -6.28 -30.91 -1.24
N VAL F 155 -6.57 -31.94 -1.99
CA VAL F 155 -7.53 -31.82 -3.12
C VAL F 155 -8.90 -31.49 -2.55
N TYR F 156 -9.31 -32.17 -1.50
CA TYR F 156 -10.61 -31.92 -0.88
C TYR F 156 -10.69 -30.48 -0.40
N ILE F 157 -9.71 -30.04 0.36
CA ILE F 157 -9.75 -28.68 0.93
C ILE F 157 -9.77 -27.66 -0.22
N SER F 158 -9.10 -27.95 -1.32
CA SER F 158 -9.03 -26.99 -2.44
C SER F 158 -10.36 -26.99 -3.20
N ALA F 159 -11.02 -28.13 -3.32
CA ALA F 159 -12.30 -28.21 -4.05
C ALA F 159 -13.39 -27.45 -3.30
N ASN F 160 -13.25 -27.27 -2.00
CA ASN F 160 -14.30 -26.58 -1.20
C ASN F 160 -14.04 -25.08 -1.17
N ALA F 161 -13.11 -24.60 -1.99
CA ALA F 161 -12.92 -23.13 -2.10
C ALA F 161 -13.70 -22.66 -3.34
N GLY F 162 -14.97 -23.04 -3.44
CA GLY F 162 -15.81 -22.61 -4.58
C GLY F 162 -17.02 -23.51 -4.78
N SER F 173 -19.42 -19.53 7.40
CA SER F 173 -18.21 -20.20 7.96
C SER F 173 -18.38 -21.72 7.86
N TYR F 174 -17.42 -22.46 8.40
CA TYR F 174 -17.47 -23.92 8.30
C TYR F 174 -16.60 -24.52 9.40
N SER F 175 -16.57 -25.84 9.46
CA SER F 175 -15.69 -26.53 10.43
C SER F 175 -15.47 -27.94 9.90
N TYR F 176 -14.45 -28.61 10.42
CA TYR F 176 -14.13 -29.97 9.96
C TYR F 176 -14.60 -30.96 11.01
N GLY F 177 -15.22 -32.03 10.55
CA GLY F 177 -15.78 -33.01 11.47
C GLY F 177 -14.84 -34.10 11.86
N TRP F 178 -15.35 -35.09 12.55
CA TRP F 178 -14.47 -36.12 13.10
C TRP F 178 -14.05 -37.10 12.02
N SER F 179 -14.74 -37.17 10.89
CA SER F 179 -14.26 -38.10 9.84
C SER F 179 -13.01 -37.53 9.17
N PHE F 180 -12.96 -36.22 9.02
CA PHE F 180 -11.75 -35.59 8.44
C PHE F 180 -10.56 -35.88 9.34
N TYR F 181 -10.75 -35.75 10.64
CA TYR F 181 -9.64 -35.99 11.57
C TYR F 181 -9.33 -37.48 11.65
N PHE F 182 -10.30 -38.33 11.38
CA PHE F 182 -10.00 -39.77 11.28
C PHE F 182 -9.05 -40.00 10.12
N GLY F 183 -9.32 -39.37 8.99
CA GLY F 183 -8.38 -39.47 7.87
C GLY F 183 -6.99 -38.99 8.24
N ALA F 184 -6.90 -37.89 8.95
CA ALA F 184 -5.58 -37.35 9.32
C ALA F 184 -4.85 -38.33 10.25
N LEU F 185 -5.56 -38.86 11.22
CA LEU F 185 -4.92 -39.80 12.17
C LEU F 185 -4.50 -41.06 11.41
N SER F 186 -5.26 -41.44 10.41
CA SER F 186 -4.88 -42.57 9.55
C SER F 186 -3.54 -42.26 8.89
N PHE F 187 -3.37 -41.06 8.39
CA PHE F 187 -2.09 -40.70 7.73
C PHE F 187 -0.94 -40.85 8.71
N ILE F 188 -1.10 -40.32 9.92
CA ILE F 188 0.02 -40.36 10.89
C ILE F 188 0.33 -41.80 11.27
N ILE F 189 -0.67 -42.61 11.53
CA ILE F 189 -0.43 -44.00 11.95
C ILE F 189 0.19 -44.77 10.79
N ALA F 190 -0.24 -44.51 9.57
CA ALA F 190 0.33 -45.21 8.41
C ALA F 190 1.82 -44.87 8.28
N GLU F 191 2.19 -43.63 8.50
CA GLU F 191 3.62 -43.26 8.40
C GLU F 191 4.41 -43.95 9.51
N MET F 192 3.88 -44.00 10.73
CA MET F 192 4.60 -44.69 11.82
C MET F 192 4.77 -46.18 11.49
N VAL F 193 3.74 -46.82 10.98
CA VAL F 193 3.84 -48.26 10.69
C VAL F 193 4.83 -48.47 9.54
N GLY F 194 4.88 -47.56 8.59
CA GLY F 194 5.89 -47.67 7.52
C GLY F 194 7.29 -47.55 8.09
N VAL F 195 7.50 -46.66 9.03
CA VAL F 195 8.84 -46.55 9.67
C VAL F 195 9.14 -47.87 10.37
N LEU F 196 8.19 -48.43 11.09
CA LEU F 196 8.43 -49.70 11.80
C LEU F 196 8.78 -50.80 10.80
N ALA F 197 8.08 -50.88 9.69
CA ALA F 197 8.36 -51.94 8.69
C ALA F 197 9.77 -51.76 8.13
N VAL F 198 10.14 -50.55 7.80
CA VAL F 198 11.47 -50.36 7.18
C VAL F 198 12.53 -50.72 8.21
N HIS F 199 12.35 -50.30 9.46
CA HIS F 199 13.36 -50.61 10.49
C HIS F 199 13.45 -52.11 10.70
N MET F 200 12.31 -52.77 10.65
CA MET F 200 12.27 -54.22 10.88
C MET F 200 12.95 -54.96 9.72
N PHE F 201 12.76 -54.48 8.51
CA PHE F 201 13.46 -55.08 7.35
C PHE F 201 14.96 -54.86 7.45
N ILE F 202 15.36 -53.69 7.89
CA ILE F 202 16.81 -53.42 8.08
C ILE F 202 17.36 -54.36 9.13
N ASP F 203 16.65 -54.56 10.22
CA ASP F 203 17.16 -55.45 11.28
C ASP F 203 17.27 -56.87 10.75
N ARG F 204 16.30 -57.29 9.94
CA ARG F 204 16.34 -58.64 9.36
C ARG F 204 17.60 -58.78 8.51
N HIS F 205 17.87 -57.83 7.63
CA HIS F 205 19.06 -57.93 6.75
C HIS F 205 20.35 -57.74 7.56
N LYS F 206 20.30 -57.09 8.71
CA LYS F 206 21.51 -56.97 9.54
C LYS F 206 21.78 -58.30 10.22
N GLN F 207 20.72 -58.97 10.67
CA GLN F 207 20.89 -60.29 11.30
C GLN F 207 21.37 -61.29 10.24
N LEU F 208 20.80 -61.23 9.05
CA LEU F 208 21.18 -62.20 8.00
C LEU F 208 22.67 -62.07 7.67
N ARG F 209 23.18 -60.84 7.62
CA ARG F 209 24.60 -60.64 7.25
C ARG F 209 25.50 -60.90 8.47
N ALA F 210 24.97 -61.50 9.53
CA ALA F 210 25.81 -61.83 10.70
C ALA F 210 25.43 -63.17 11.31
N ASP G 5 31.53 -46.07 -19.37
CA ASP G 5 32.40 -46.80 -20.34
C ASP G 5 33.15 -45.82 -21.23
N ARG G 6 34.02 -46.31 -22.10
CA ARG G 6 34.87 -45.40 -22.93
C ARG G 6 34.79 -45.84 -24.38
N GLY G 7 35.15 -44.96 -25.30
CA GLY G 7 35.01 -45.25 -26.74
C GLY G 7 33.63 -44.82 -27.21
N VAL G 8 32.61 -45.18 -26.44
CA VAL G 8 31.24 -44.68 -26.75
C VAL G 8 31.21 -43.18 -26.46
N GLN G 9 31.95 -42.73 -25.46
CA GLN G 9 31.94 -41.32 -25.07
C GLN G 9 32.35 -40.47 -26.26
N MET G 10 33.34 -40.90 -27.05
CA MET G 10 33.78 -40.02 -28.16
C MET G 10 32.65 -39.89 -29.18
N LEU G 11 31.96 -40.99 -29.45
CA LEU G 11 30.84 -40.94 -30.41
C LEU G 11 29.73 -40.07 -29.85
N LEU G 12 29.47 -40.20 -28.55
CA LEU G 12 28.36 -39.43 -27.96
C LEU G 12 28.68 -37.94 -27.98
N THR G 13 29.91 -37.56 -27.66
CA THR G 13 30.27 -36.13 -27.71
C THR G 13 30.25 -35.64 -29.15
N THR G 14 30.66 -36.46 -30.10
CA THR G 14 30.61 -36.03 -31.52
C THR G 14 29.17 -35.80 -31.96
N VAL G 15 28.30 -36.76 -31.64
CA VAL G 15 26.88 -36.64 -32.04
C VAL G 15 26.27 -35.40 -31.37
N GLY G 16 26.57 -35.20 -30.10
CA GLY G 16 26.03 -34.04 -29.39
C GLY G 16 26.54 -32.74 -29.99
N ALA G 17 27.82 -32.67 -30.33
CA ALA G 17 28.36 -31.45 -30.95
C ALA G 17 27.60 -31.17 -32.24
N PHE G 18 27.38 -32.19 -33.05
CA PHE G 18 26.71 -31.95 -34.34
C PHE G 18 25.27 -31.51 -34.08
N ALA G 19 24.62 -32.13 -33.13
CA ALA G 19 23.21 -31.80 -32.85
C ALA G 19 23.11 -30.36 -32.36
N ALA G 20 23.97 -29.97 -31.44
CA ALA G 20 23.93 -28.60 -30.91
C ALA G 20 24.21 -27.63 -32.06
N PHE G 21 25.17 -27.94 -32.91
CA PHE G 21 25.53 -26.98 -33.98
C PHE G 21 24.36 -26.85 -34.94
N SER G 22 23.77 -27.97 -35.31
CA SER G 22 22.65 -27.93 -36.28
C SER G 22 21.47 -27.17 -35.67
N LEU G 23 21.16 -27.44 -34.41
CA LEU G 23 19.98 -26.79 -33.79
C LEU G 23 20.22 -25.29 -33.72
N MET G 24 21.39 -24.88 -33.30
CA MET G 24 21.63 -23.43 -33.12
C MET G 24 21.69 -22.75 -34.48
N THR G 25 22.25 -23.39 -35.49
CA THR G 25 22.31 -22.77 -36.82
C THR G 25 20.89 -22.65 -37.39
N ILE G 26 20.09 -23.69 -37.26
CA ILE G 26 18.67 -23.62 -37.72
C ILE G 26 17.97 -22.50 -36.95
N ALA G 27 18.14 -22.46 -35.64
CA ALA G 27 17.45 -21.44 -34.82
C ALA G 27 17.80 -20.04 -35.31
N VAL G 28 19.08 -19.80 -35.58
CA VAL G 28 19.48 -18.45 -36.04
C VAL G 28 18.91 -18.22 -37.43
N GLY G 29 18.83 -19.27 -38.23
CA GLY G 29 18.33 -19.09 -39.60
C GLY G 29 16.82 -18.91 -39.66
N THR G 30 16.07 -19.78 -39.02
CA THR G 30 14.60 -19.72 -39.15
C THR G 30 14.04 -18.47 -38.50
N ASP G 31 12.73 -18.34 -38.57
CA ASP G 31 12.09 -17.09 -38.10
C ASP G 31 10.91 -17.35 -37.15
N TYR G 32 10.70 -18.59 -36.72
CA TYR G 32 9.61 -18.86 -35.77
C TYR G 32 10.07 -18.64 -34.33
N TRP G 33 10.64 -17.49 -34.04
CA TRP G 33 11.03 -17.20 -32.65
C TRP G 33 9.83 -16.68 -31.87
N LEU G 34 9.07 -15.76 -32.45
CA LEU G 34 7.98 -15.12 -31.69
C LEU G 34 6.70 -15.03 -32.52
N TYR G 35 5.60 -15.47 -31.92
CA TYR G 35 4.27 -15.33 -32.55
C TYR G 35 3.61 -14.11 -31.91
N SER G 36 3.55 -13.00 -32.65
CA SER G 36 2.97 -11.77 -32.10
C SER G 36 1.98 -11.17 -33.10
N ARG G 37 1.16 -10.24 -32.62
CA ARG G 37 0.19 -9.55 -33.49
C ARG G 37 0.81 -8.24 -33.96
N GLY G 38 1.62 -8.33 -35.01
CA GLY G 38 2.31 -7.15 -35.53
C GLY G 38 1.74 -6.71 -36.86
N VAL G 39 2.57 -6.06 -37.69
CA VAL G 39 2.11 -5.58 -39.01
C VAL G 39 2.96 -6.28 -40.08
N CYS G 40 2.31 -6.73 -41.14
CA CYS G 40 3.03 -7.48 -42.20
C CYS G 40 3.82 -6.48 -43.03
N LYS G 41 4.37 -6.93 -44.15
CA LYS G 41 5.18 -6.04 -45.03
C LYS G 41 4.51 -4.67 -45.19
N THR G 42 5.32 -3.62 -45.01
CA THR G 42 4.80 -2.24 -45.11
C THR G 42 5.59 -1.50 -46.20
N GLU G 55 -3.61 -2.31 -39.80
CA GLU G 55 -4.35 -3.45 -39.17
C GLU G 55 -3.37 -4.35 -38.41
N GLU G 56 -3.87 -5.43 -37.82
CA GLU G 56 -3.02 -6.33 -37.02
C GLU G 56 -3.30 -7.78 -37.43
N VAL G 57 -2.27 -8.60 -37.38
CA VAL G 57 -2.47 -10.04 -37.70
C VAL G 57 -1.25 -10.82 -37.19
N MET G 58 -1.44 -12.10 -36.92
CA MET G 58 -0.34 -12.89 -36.32
C MET G 58 0.88 -12.86 -37.23
N THR G 59 2.04 -12.67 -36.61
CA THR G 59 3.28 -12.52 -37.38
C THR G 59 4.37 -13.34 -36.72
N HIS G 60 4.85 -14.39 -37.39
CA HIS G 60 6.00 -15.15 -36.85
C HIS G 60 7.21 -14.25 -37.05
N SER G 61 7.71 -13.63 -35.99
CA SER G 61 8.91 -12.79 -36.07
C SER G 61 10.12 -13.64 -35.75
N GLY G 62 11.27 -13.32 -36.29
CA GLY G 62 12.50 -14.07 -36.00
C GLY G 62 13.64 -13.17 -35.58
N LEU G 63 14.88 -13.61 -35.75
CA LEU G 63 16.00 -12.72 -35.42
C LEU G 63 16.11 -11.60 -36.47
N TRP G 64 15.71 -11.85 -37.71
CA TRP G 64 15.90 -10.84 -38.78
C TRP G 64 14.59 -10.49 -39.48
N ARG G 65 13.77 -11.48 -39.81
CA ARG G 65 12.59 -11.22 -40.66
C ARG G 65 11.29 -11.43 -39.91
N THR G 66 10.46 -10.39 -39.87
CA THR G 66 9.10 -10.55 -39.31
C THR G 66 8.21 -10.86 -40.51
N CYS G 67 7.47 -11.95 -40.41
CA CYS G 67 6.72 -12.37 -41.60
C CYS G 67 5.26 -12.63 -41.25
N CYS G 68 4.41 -12.53 -42.25
CA CYS G 68 2.95 -12.51 -42.00
C CYS G 68 2.32 -13.88 -42.19
N LEU G 69 1.37 -14.20 -41.32
CA LEU G 69 0.65 -15.48 -41.44
C LEU G 69 -0.82 -15.26 -41.15
N GLU G 70 -1.65 -16.15 -41.66
CA GLU G 70 -3.13 -16.02 -41.48
C GLU G 70 -3.56 -14.59 -41.78
N GLY G 71 -3.29 -14.13 -42.99
CA GLY G 71 -3.74 -12.80 -43.42
C GLY G 71 -4.11 -12.78 -44.89
N ASN G 72 -4.52 -11.62 -45.38
CA ASN G 72 -4.86 -11.51 -46.81
C ASN G 72 -3.60 -11.76 -47.65
N PHE G 73 -2.45 -11.28 -47.18
CA PHE G 73 -1.19 -11.57 -47.92
C PHE G 73 -0.21 -12.27 -46.98
N LYS G 74 -0.64 -13.40 -46.42
CA LYS G 74 0.31 -14.20 -45.62
C LYS G 74 1.50 -14.58 -46.51
N GLY G 75 2.62 -14.89 -45.87
CA GLY G 75 3.81 -15.32 -46.62
C GLY G 75 4.67 -14.16 -47.07
N LEU G 76 4.30 -12.94 -46.70
CA LEU G 76 5.14 -11.77 -47.04
C LEU G 76 6.05 -11.46 -45.85
N CYS G 77 7.35 -11.52 -46.10
CA CYS G 77 8.31 -11.40 -44.99
C CYS G 77 9.10 -10.10 -45.13
N LYS G 78 9.28 -9.40 -44.03
CA LYS G 78 9.94 -8.07 -44.08
C LYS G 78 11.08 -8.03 -43.07
N GLN G 79 12.14 -7.32 -43.43
CA GLN G 79 13.29 -7.17 -42.51
C GLN G 79 12.85 -6.30 -41.33
N ILE G 80 13.16 -6.76 -40.13
CA ILE G 80 12.76 -6.01 -38.92
C ILE G 80 13.65 -4.80 -38.77
N ASP G 81 13.04 -3.68 -38.44
CA ASP G 81 13.80 -2.43 -38.24
C ASP G 81 14.10 -2.32 -36.75
N HIS G 82 15.38 -2.40 -36.41
CA HIS G 82 15.71 -2.42 -34.95
C HIS G 82 15.89 -1.02 -34.40
N PHE G 83 15.66 0.00 -35.24
CA PHE G 83 15.77 1.40 -34.77
C PHE G 83 14.51 2.15 -35.19
N PRO G 84 14.00 3.09 -34.37
CA PRO G 84 12.72 3.75 -34.69
C PRO G 84 12.60 4.25 -36.13
N ASP G 92 19.26 6.90 -24.71
CA ASP G 92 20.39 6.69 -23.76
C ASP G 92 21.36 5.68 -24.36
N THR G 93 22.63 5.77 -23.97
CA THR G 93 23.65 4.88 -24.56
C THR G 93 23.28 3.41 -24.37
N ALA G 94 22.64 3.08 -23.25
CA ALA G 94 22.25 1.69 -23.00
C ALA G 94 21.23 1.25 -24.05
N GLU G 95 20.31 2.13 -24.40
CA GLU G 95 19.28 1.77 -25.40
C GLU G 95 19.96 1.55 -26.75
N TYR G 96 20.89 2.42 -27.10
CA TYR G 96 21.56 2.26 -28.42
C TYR G 96 22.37 0.98 -28.41
N PHE G 97 23.08 0.72 -27.32
CA PHE G 97 23.96 -0.47 -27.29
C PHE G 97 23.11 -1.75 -27.28
N LEU G 98 21.98 -1.74 -26.58
CA LEU G 98 21.10 -2.94 -26.61
C LEU G 98 20.54 -3.10 -28.02
N ARG G 99 20.14 -2.01 -28.64
CA ARG G 99 19.58 -2.11 -29.99
C ARG G 99 20.64 -2.63 -30.94
N ALA G 100 21.89 -2.19 -30.77
CA ALA G 100 22.97 -2.72 -31.63
C ALA G 100 23.18 -4.20 -31.36
N VAL G 101 23.35 -4.57 -30.09
CA VAL G 101 23.67 -5.98 -29.75
C VAL G 101 22.53 -6.91 -30.18
N ARG G 102 21.33 -6.38 -30.28
CA ARG G 102 20.18 -7.25 -30.63
C ARG G 102 19.96 -7.22 -32.14
N ALA G 103 20.23 -6.10 -32.78
CA ALA G 103 20.10 -6.02 -34.25
C ALA G 103 21.09 -6.96 -34.88
N SER G 104 22.36 -6.82 -34.53
CA SER G 104 23.36 -7.81 -34.95
C SER G 104 23.29 -8.92 -33.91
N SER G 105 22.71 -10.06 -34.26
CA SER G 105 22.61 -11.17 -33.31
C SER G 105 24.03 -11.65 -33.02
N ILE G 106 24.82 -10.80 -32.39
CA ILE G 106 26.25 -11.13 -32.19
C ILE G 106 26.37 -12.30 -31.25
N PHE G 107 25.49 -12.41 -30.27
CA PHE G 107 25.66 -13.46 -29.25
C PHE G 107 25.19 -14.80 -29.79
N PRO G 108 24.02 -14.91 -30.43
CA PRO G 108 23.69 -16.17 -31.08
C PRO G 108 24.71 -16.58 -32.16
N ILE G 109 25.22 -15.60 -32.91
CA ILE G 109 26.21 -15.94 -33.97
C ILE G 109 27.50 -16.39 -33.31
N LEU G 110 27.91 -15.73 -32.23
CA LEU G 110 29.14 -16.14 -31.53
C LEU G 110 28.94 -17.54 -30.97
N SER G 111 27.72 -17.85 -30.55
CA SER G 111 27.43 -19.20 -30.05
C SER G 111 27.65 -20.21 -31.18
N VAL G 112 27.16 -19.89 -32.36
CA VAL G 112 27.31 -20.82 -33.51
C VAL G 112 28.79 -20.99 -33.83
N ILE G 113 29.55 -19.91 -33.81
CA ILE G 113 30.98 -20.00 -34.19
C ILE G 113 31.74 -20.82 -33.16
N LEU G 114 31.46 -20.61 -31.89
CA LEU G 114 32.17 -21.37 -30.84
C LEU G 114 31.79 -22.84 -30.92
N LEU G 115 30.55 -23.14 -31.21
CA LEU G 115 30.15 -24.56 -31.40
C LEU G 115 30.91 -25.15 -32.58
N PHE G 116 31.08 -24.40 -33.65
CA PHE G 116 31.84 -24.93 -34.81
C PHE G 116 33.29 -25.20 -34.40
N MET G 117 33.89 -24.28 -33.66
CA MET G 117 35.31 -24.46 -33.29
C MET G 117 35.43 -25.65 -32.36
N GLY G 118 34.46 -25.85 -31.48
CA GLY G 118 34.48 -27.04 -30.62
C GLY G 118 34.37 -28.30 -31.44
N GLY G 119 33.55 -28.25 -32.49
CA GLY G 119 33.44 -29.42 -33.37
C GLY G 119 34.77 -29.72 -34.05
N LEU G 120 35.45 -28.68 -34.49
CA LEU G 120 36.78 -28.88 -35.12
C LEU G 120 37.74 -29.51 -34.10
N CYS G 121 37.72 -29.03 -32.87
CA CYS G 121 38.63 -29.57 -31.84
C CYS G 121 38.32 -31.05 -31.58
N ILE G 122 37.05 -31.40 -31.51
CA ILE G 122 36.69 -32.82 -31.31
C ILE G 122 37.18 -33.63 -32.51
N ALA G 123 36.99 -33.10 -33.71
CA ALA G 123 37.38 -33.86 -34.91
C ALA G 123 38.89 -34.06 -34.91
N ALA G 124 39.65 -33.01 -34.61
CA ALA G 124 41.13 -33.11 -34.63
C ALA G 124 41.63 -33.99 -33.48
N SER G 125 40.77 -34.37 -32.55
CA SER G 125 41.20 -35.23 -31.43
C SER G 125 41.67 -36.57 -31.97
N GLU G 126 40.96 -37.13 -32.93
CA GLU G 126 41.32 -38.47 -33.46
C GLU G 126 42.77 -38.44 -33.96
N PHE G 127 43.12 -37.39 -34.69
CA PHE G 127 44.53 -37.21 -35.05
C PHE G 127 45.21 -36.50 -33.89
N TYR G 128 46.53 -36.37 -33.93
CA TYR G 128 47.28 -35.62 -32.88
C TYR G 128 46.83 -36.09 -31.48
N LYS G 129 46.38 -37.33 -31.36
CA LYS G 129 45.79 -37.78 -30.07
C LYS G 129 46.78 -37.72 -28.90
N THR G 130 48.07 -37.60 -29.19
CA THR G 130 49.06 -37.64 -28.09
C THR G 130 48.97 -36.37 -27.23
N ARG G 131 48.40 -35.29 -27.77
CA ARG G 131 48.43 -34.02 -27.02
C ARG G 131 47.41 -34.06 -25.87
N HIS G 132 46.24 -34.66 -26.10
CA HIS G 132 45.18 -34.74 -25.07
C HIS G 132 45.05 -33.39 -24.38
N ASN G 133 45.23 -32.31 -25.13
CA ASN G 133 45.09 -30.95 -24.57
C ASN G 133 44.27 -30.09 -25.51
N ILE G 134 43.91 -30.63 -26.67
CA ILE G 134 42.99 -29.89 -27.57
C ILE G 134 41.57 -30.31 -27.25
N ILE G 135 41.40 -31.44 -26.58
CA ILE G 135 40.05 -31.85 -26.14
C ILE G 135 39.59 -30.93 -25.01
N LEU G 136 40.50 -30.48 -24.17
CA LEU G 136 40.10 -29.47 -23.16
C LEU G 136 39.65 -28.21 -23.89
N SER G 137 40.30 -27.88 -24.99
CA SER G 137 39.87 -26.71 -25.78
C SER G 137 38.44 -26.94 -26.30
N ALA G 138 38.14 -28.18 -26.67
CA ALA G 138 36.77 -28.49 -27.12
C ALA G 138 35.79 -28.24 -25.98
N GLY G 139 36.13 -28.66 -24.78
CA GLY G 139 35.25 -28.42 -23.65
C GLY G 139 35.04 -26.94 -23.40
N ILE G 140 36.11 -26.18 -23.40
CA ILE G 140 35.99 -24.73 -23.12
C ILE G 140 35.13 -24.08 -24.21
N PHE G 141 35.30 -24.48 -25.45
CA PHE G 141 34.49 -23.91 -26.55
C PHE G 141 33.01 -24.22 -26.35
N PHE G 142 32.69 -25.46 -26.01
CA PHE G 142 31.27 -25.83 -25.85
C PHE G 142 30.64 -25.06 -24.68
N VAL G 143 31.36 -24.95 -23.59
CA VAL G 143 30.79 -24.26 -22.41
C VAL G 143 30.62 -22.77 -22.76
N SER G 144 31.60 -22.19 -23.43
CA SER G 144 31.49 -20.77 -23.82
C SER G 144 30.32 -20.59 -24.78
N ALA G 145 30.07 -21.57 -25.64
CA ALA G 145 28.93 -21.49 -26.55
C ALA G 145 27.64 -21.42 -25.73
N GLY G 146 27.54 -22.22 -24.71
CA GLY G 146 26.35 -22.14 -23.85
C GLY G 146 26.19 -20.77 -23.22
N LEU G 147 27.28 -20.19 -22.75
CA LEU G 147 27.15 -18.89 -22.06
C LEU G 147 26.71 -17.84 -23.09
N SER G 148 27.24 -17.90 -24.30
CA SER G 148 26.86 -16.92 -25.35
C SER G 148 25.39 -17.09 -25.67
N ASN G 149 24.93 -18.31 -25.71
CA ASN G 149 23.51 -18.58 -25.98
C ASN G 149 22.65 -17.94 -24.89
N ILE G 150 23.03 -18.07 -23.63
CA ILE G 150 22.23 -17.46 -22.54
C ILE G 150 22.17 -15.95 -22.77
N ILE G 151 23.30 -15.32 -23.05
CA ILE G 151 23.26 -13.85 -23.18
C ILE G 151 22.38 -13.49 -24.37
N GLY G 152 22.42 -14.29 -25.42
CA GLY G 152 21.58 -14.04 -26.59
C GLY G 152 20.11 -14.07 -26.23
N ILE G 153 19.70 -15.08 -25.48
CA ILE G 153 18.28 -15.21 -25.13
C ILE G 153 17.90 -14.02 -24.25
N ILE G 154 18.77 -13.65 -23.31
CA ILE G 154 18.41 -12.53 -22.40
C ILE G 154 18.26 -11.26 -23.23
N VAL G 155 19.16 -11.00 -24.17
CA VAL G 155 19.06 -9.71 -24.90
C VAL G 155 17.84 -9.76 -25.82
N TYR G 156 17.54 -10.93 -26.37
CA TYR G 156 16.41 -11.02 -27.30
C TYR G 156 15.14 -10.70 -26.54
N ILE G 157 14.93 -11.37 -25.43
CA ILE G 157 13.68 -11.15 -24.66
C ILE G 157 13.63 -9.70 -24.18
N SER G 158 14.75 -9.19 -23.68
CA SER G 158 14.73 -7.81 -23.15
C SER G 158 14.37 -6.82 -24.26
N ALA G 159 14.99 -6.97 -25.42
CA ALA G 159 14.74 -6.02 -26.52
C ALA G 159 13.29 -6.13 -26.96
N ASN G 160 12.75 -7.33 -27.00
CA ASN G 160 11.33 -7.49 -27.35
C ASN G 160 10.47 -6.75 -26.36
N ALA G 161 10.79 -6.83 -25.07
CA ALA G 161 9.96 -6.18 -24.04
C ALA G 161 10.00 -4.66 -24.17
N GLY G 162 10.91 -4.13 -24.99
CA GLY G 162 11.04 -2.69 -25.15
C GLY G 162 11.14 -2.31 -26.62
N SER G 173 -0.61 -9.89 -26.19
CA SER G 173 -0.28 -11.31 -25.95
C SER G 173 0.73 -11.79 -27.00
N TYR G 174 1.58 -12.75 -26.63
CA TYR G 174 2.60 -13.25 -27.57
C TYR G 174 2.96 -14.67 -27.16
N SER G 175 3.97 -15.23 -27.82
CA SER G 175 4.36 -16.63 -27.55
C SER G 175 5.67 -16.90 -28.25
N TYR G 176 6.28 -18.03 -27.94
CA TYR G 176 7.60 -18.38 -28.49
C TYR G 176 7.44 -19.60 -29.39
N GLY G 177 8.13 -19.57 -30.51
CA GLY G 177 8.02 -20.67 -31.47
C GLY G 177 9.16 -21.65 -31.37
N TRP G 178 9.11 -22.68 -32.18
CA TRP G 178 10.11 -23.74 -32.11
C TRP G 178 11.51 -23.23 -32.38
N SER G 179 11.71 -22.08 -33.01
CA SER G 179 13.09 -21.60 -33.19
C SER G 179 13.69 -21.25 -31.84
N PHE G 180 12.91 -20.59 -31.00
CA PHE G 180 13.41 -20.19 -29.68
C PHE G 180 13.78 -21.43 -28.89
N TYR G 181 12.93 -22.44 -28.93
CA TYR G 181 13.20 -23.66 -28.13
C TYR G 181 14.32 -24.47 -28.76
N PHE G 182 14.55 -24.34 -30.04
CA PHE G 182 15.73 -24.97 -30.64
C PHE G 182 16.98 -24.28 -30.12
N GLY G 183 16.95 -22.97 -29.96
CA GLY G 183 18.09 -22.28 -29.34
C GLY G 183 18.29 -22.75 -27.91
N ALA G 184 17.23 -22.85 -27.15
CA ALA G 184 17.34 -23.33 -25.76
C ALA G 184 17.89 -24.75 -25.71
N LEU G 185 17.42 -25.62 -26.59
CA LEU G 185 17.89 -27.02 -26.54
C LEU G 185 19.34 -27.08 -26.99
N SER G 186 19.73 -26.19 -27.89
CA SER G 186 21.14 -26.15 -28.30
C SER G 186 22.00 -25.76 -27.09
N PHE G 187 21.52 -24.85 -26.28
CA PHE G 187 22.27 -24.49 -25.06
C PHE G 187 22.42 -25.69 -24.15
N ILE G 188 21.33 -26.41 -23.89
CA ILE G 188 21.39 -27.55 -22.96
C ILE G 188 22.36 -28.60 -23.50
N ILE G 189 22.26 -28.91 -24.77
CA ILE G 189 23.12 -29.98 -25.33
C ILE G 189 24.57 -29.51 -25.33
N ALA G 190 24.78 -28.23 -25.60
CA ALA G 190 26.16 -27.72 -25.61
C ALA G 190 26.80 -27.87 -24.24
N GLU G 191 26.06 -27.57 -23.19
CA GLU G 191 26.60 -27.69 -21.83
C GLU G 191 26.85 -29.16 -21.49
N MET G 192 25.95 -30.05 -21.86
CA MET G 192 26.18 -31.48 -21.58
C MET G 192 27.43 -31.96 -22.33
N VAL G 193 27.59 -31.57 -23.58
CA VAL G 193 28.73 -32.04 -24.38
C VAL G 193 30.02 -31.46 -23.80
N GLY G 194 29.97 -30.24 -23.30
CA GLY G 194 31.16 -29.68 -22.64
C GLY G 194 31.52 -30.45 -21.39
N VAL G 195 30.52 -30.86 -20.63
CA VAL G 195 30.80 -31.68 -19.42
C VAL G 195 31.48 -32.98 -19.84
N LEU G 196 30.99 -33.60 -20.89
CA LEU G 196 31.57 -34.89 -21.34
C LEU G 196 32.98 -34.67 -21.87
N ALA G 197 33.22 -33.59 -22.60
CA ALA G 197 34.57 -33.30 -23.10
C ALA G 197 35.54 -33.14 -21.93
N VAL G 198 35.17 -32.38 -20.93
CA VAL G 198 36.08 -32.17 -19.78
C VAL G 198 36.25 -33.50 -19.06
N HIS G 199 35.20 -34.29 -18.99
CA HIS G 199 35.29 -35.59 -18.29
C HIS G 199 36.31 -36.48 -19.00
N MET G 200 36.28 -36.48 -20.32
CA MET G 200 37.20 -37.39 -21.02
C MET G 200 38.61 -36.80 -21.00
N PHE G 201 38.75 -35.49 -20.93
CA PHE G 201 40.11 -34.93 -20.74
C PHE G 201 40.67 -35.36 -19.39
N ILE G 202 39.83 -35.33 -18.36
CA ILE G 202 40.30 -35.73 -17.01
C ILE G 202 40.66 -37.22 -17.05
N ASP G 203 39.86 -38.04 -17.69
CA ASP G 203 40.20 -39.47 -17.79
C ASP G 203 41.52 -39.67 -18.52
N ARG G 204 41.74 -38.93 -19.60
CA ARG G 204 42.97 -39.17 -20.37
C ARG G 204 44.18 -38.77 -19.55
N HIS G 205 44.14 -37.64 -18.84
CA HIS G 205 45.31 -37.31 -18.00
C HIS G 205 45.44 -38.30 -16.85
N LYS G 206 44.33 -38.83 -16.36
CA LYS G 206 44.40 -39.81 -15.26
C LYS G 206 45.08 -41.08 -15.78
N GLN G 207 44.73 -41.51 -16.98
CA GLN G 207 45.39 -42.70 -17.57
C GLN G 207 46.87 -42.39 -17.79
N LEU G 208 47.17 -41.21 -18.33
CA LEU G 208 48.58 -40.88 -18.65
C LEU G 208 49.41 -40.91 -17.37
N ARG G 209 48.90 -40.34 -16.29
CA ARG G 209 49.67 -40.32 -15.02
C ARG G 209 49.68 -41.73 -14.42
N ALA G 210 48.58 -42.45 -14.58
CA ALA G 210 48.48 -43.81 -13.99
C ALA G 210 49.41 -44.78 -14.68
N ASP H 5 59.40 -11.08 -3.21
CA ASP H 5 60.63 -11.10 -2.38
C ASP H 5 60.44 -10.25 -1.14
N ARG H 6 61.31 -10.43 -0.16
CA ARG H 6 61.12 -9.71 1.13
C ARG H 6 61.54 -8.25 0.98
N GLY H 7 62.54 -8.00 0.14
CA GLY H 7 63.04 -6.63 -0.02
C GLY H 7 62.00 -5.71 -0.63
N VAL H 8 61.11 -6.24 -1.48
CA VAL H 8 60.15 -5.35 -2.18
C VAL H 8 58.97 -5.05 -1.26
N GLN H 9 58.73 -5.89 -0.26
CA GLN H 9 57.55 -5.68 0.60
C GLN H 9 57.69 -4.36 1.35
N MET H 10 58.89 -4.04 1.79
CA MET H 10 59.08 -2.78 2.51
C MET H 10 58.85 -1.60 1.56
N LEU H 11 59.32 -1.71 0.33
CA LEU H 11 59.07 -0.60 -0.64
C LEU H 11 57.58 -0.45 -0.85
N LEU H 12 56.87 -1.55 -1.04
CA LEU H 12 55.43 -1.42 -1.33
C LEU H 12 54.73 -0.82 -0.12
N THR H 13 55.07 -1.28 1.08
CA THR H 13 54.41 -0.75 2.28
C THR H 13 54.71 0.74 2.42
N THR H 14 55.95 1.13 2.23
CA THR H 14 56.30 2.55 2.47
C THR H 14 55.67 3.44 1.40
N VAL H 15 55.75 3.02 0.15
CA VAL H 15 55.22 3.90 -0.92
C VAL H 15 53.70 3.95 -0.79
N GLY H 16 53.08 2.85 -0.41
CA GLY H 16 51.62 2.88 -0.18
C GLY H 16 51.27 3.79 0.99
N ALA H 17 52.03 3.73 2.06
CA ALA H 17 51.76 4.62 3.21
C ALA H 17 51.86 6.09 2.77
N PHE H 18 52.87 6.40 1.99
CA PHE H 18 53.05 7.80 1.55
C PHE H 18 51.90 8.19 0.62
N ALA H 19 51.51 7.31 -0.28
CA ALA H 19 50.41 7.62 -1.19
C ALA H 19 49.12 7.85 -0.40
N ALA H 20 48.86 7.02 0.59
CA ALA H 20 47.62 7.18 1.39
C ALA H 20 47.64 8.52 2.13
N PHE H 21 48.76 8.85 2.73
CA PHE H 21 48.85 10.10 3.50
C PHE H 21 48.67 11.29 2.58
N SER H 22 49.32 11.25 1.42
CA SER H 22 49.23 12.40 0.48
C SER H 22 47.79 12.54 -0.02
N LEU H 23 47.17 11.43 -0.39
CA LEU H 23 45.79 11.49 -0.91
C LEU H 23 44.87 12.04 0.18
N MET H 24 45.01 11.57 1.41
CA MET H 24 44.07 12.02 2.45
C MET H 24 44.31 13.49 2.77
N THR H 25 45.55 13.94 2.77
CA THR H 25 45.84 15.36 3.04
C THR H 25 45.27 16.23 1.93
N ILE H 26 45.48 15.84 0.69
CA ILE H 26 44.93 16.60 -0.46
C ILE H 26 43.42 16.66 -0.31
N ALA H 27 42.79 15.54 -0.01
CA ALA H 27 41.32 15.52 0.09
C ALA H 27 40.86 16.44 1.20
N VAL H 28 41.53 16.43 2.34
CA VAL H 28 41.07 17.28 3.47
C VAL H 28 41.32 18.73 3.10
N GLY H 29 42.26 19.00 2.21
CA GLY H 29 42.59 20.39 1.87
C GLY H 29 41.76 20.91 0.72
N THR H 30 41.68 20.18 -0.37
CA THR H 30 40.99 20.68 -1.57
C THR H 30 39.51 20.87 -1.32
N ASP H 31 38.81 21.47 -2.27
CA ASP H 31 37.40 21.85 -2.04
C ASP H 31 36.42 21.13 -2.95
N TYR H 32 36.84 20.17 -3.74
CA TYR H 32 35.92 19.52 -4.71
C TYR H 32 35.36 18.25 -4.10
N TRP H 33 34.55 18.40 -3.06
CA TRP H 33 33.88 17.23 -2.48
C TRP H 33 32.48 17.08 -3.06
N LEU H 34 31.77 18.18 -3.30
CA LEU H 34 30.35 18.08 -3.69
C LEU H 34 29.98 19.17 -4.66
N TYR H 35 29.74 18.83 -5.91
CA TYR H 35 29.30 19.80 -6.92
C TYR H 35 27.81 20.07 -6.73
N SER H 36 27.50 20.99 -5.82
CA SER H 36 26.09 21.28 -5.50
C SER H 36 25.59 22.50 -6.24
N ARG H 37 24.30 22.81 -6.10
CA ARG H 37 23.72 24.03 -6.70
C ARG H 37 23.44 24.99 -5.56
N GLY H 38 24.43 25.79 -5.20
CA GLY H 38 24.29 26.60 -3.98
C GLY H 38 24.48 28.09 -4.15
N VAL H 39 24.62 28.77 -3.01
CA VAL H 39 24.75 30.24 -3.00
C VAL H 39 26.21 30.60 -2.80
N CYS H 40 26.71 31.51 -3.63
CA CYS H 40 28.15 31.82 -3.59
C CYS H 40 28.46 32.62 -2.34
N LYS H 41 27.59 33.56 -1.97
CA LYS H 41 27.76 34.28 -0.69
C LYS H 41 26.43 34.92 -0.32
N THR H 42 26.07 34.82 0.96
CA THR H 42 24.75 35.35 1.39
C THR H 42 24.91 36.71 2.06
N LYS H 43 24.01 37.64 1.73
CA LYS H 43 24.02 38.99 2.37
C LYS H 43 25.45 39.47 2.59
N GLU H 55 22.40 34.12 -6.99
CA GLU H 55 21.14 33.44 -6.60
C GLU H 55 21.42 31.95 -6.39
N GLU H 56 21.71 31.23 -7.47
CA GLU H 56 22.02 29.79 -7.38
C GLU H 56 22.96 29.44 -8.51
N VAL H 57 24.10 28.82 -8.20
CA VAL H 57 25.00 28.34 -9.26
C VAL H 57 25.79 27.13 -8.77
N MET H 58 26.48 26.47 -9.68
CA MET H 58 27.29 25.30 -9.29
C MET H 58 28.35 25.72 -8.28
N THR H 59 28.58 24.86 -7.28
CA THR H 59 29.53 25.20 -6.21
C THR H 59 30.37 23.98 -5.82
N HIS H 60 31.64 24.22 -5.51
CA HIS H 60 32.55 23.15 -5.07
C HIS H 60 32.08 22.56 -3.75
N SER H 61 31.87 23.40 -2.74
CA SER H 61 31.41 22.91 -1.41
C SER H 61 32.34 21.82 -0.91
N GLY H 62 33.58 22.16 -0.68
CA GLY H 62 34.52 21.20 -0.09
C GLY H 62 34.20 20.87 1.35
N LEU H 63 35.20 20.46 2.10
CA LEU H 63 34.96 20.09 3.51
C LEU H 63 34.81 21.35 4.36
N TRP H 64 35.60 22.38 4.12
CA TRP H 64 35.56 23.60 4.95
C TRP H 64 34.89 24.76 4.21
N ARG H 65 35.37 25.09 3.02
CA ARG H 65 34.86 26.28 2.32
C ARG H 65 34.07 25.89 1.07
N THR H 66 32.90 26.49 0.90
CA THR H 66 32.12 26.30 -0.34
C THR H 66 32.48 27.45 -1.27
N CYS H 67 32.89 27.12 -2.48
CA CYS H 67 33.43 28.16 -3.37
C CYS H 67 32.64 28.24 -4.65
N CYS H 68 32.31 29.47 -5.01
CA CYS H 68 31.45 29.73 -6.18
C CYS H 68 32.12 29.38 -7.49
N LEU H 69 31.35 28.89 -8.44
CA LEU H 69 31.89 28.73 -9.82
C LEU H 69 30.74 28.92 -10.79
N GLU H 70 31.06 29.33 -12.02
CA GLU H 70 30.02 29.60 -13.04
C GLU H 70 28.97 30.50 -12.39
N GLY H 71 29.33 31.77 -12.23
CA GLY H 71 28.39 32.68 -11.53
C GLY H 71 28.66 34.13 -11.84
N ASN H 72 27.93 35.01 -11.18
CA ASN H 72 28.13 36.47 -11.36
C ASN H 72 29.58 36.82 -11.06
N PHE H 73 30.09 36.32 -9.94
CA PHE H 73 31.54 36.47 -9.64
C PHE H 73 32.08 35.08 -9.35
N LYS H 74 32.47 34.39 -10.41
CA LYS H 74 33.06 33.04 -10.27
C LYS H 74 34.33 33.12 -9.44
N GLY H 75 34.52 32.14 -8.57
CA GLY H 75 35.80 32.05 -7.82
C GLY H 75 35.69 32.52 -6.38
N LEU H 76 34.61 33.20 -6.02
CA LEU H 76 34.49 33.59 -4.60
C LEU H 76 34.31 32.33 -3.74
N CYS H 77 35.15 32.22 -2.72
CA CYS H 77 35.07 31.06 -1.80
C CYS H 77 34.70 31.57 -0.41
N LYS H 78 33.68 30.98 0.20
CA LYS H 78 33.31 31.36 1.58
C LYS H 78 33.35 30.16 2.50
N GLN H 79 33.31 30.44 3.80
CA GLN H 79 33.31 29.34 4.78
C GLN H 79 31.89 28.81 4.90
N ILE H 80 31.76 27.50 4.97
CA ILE H 80 30.43 26.89 5.15
C ILE H 80 29.90 27.26 6.53
N ASP H 81 28.64 27.62 6.59
CA ASP H 81 27.97 27.89 7.88
C ASP H 81 27.41 26.57 8.36
N HIS H 82 28.21 25.81 9.08
CA HIS H 82 27.77 24.47 9.52
C HIS H 82 26.53 24.56 10.37
N PHE H 83 26.53 25.50 11.30
CA PHE H 83 25.35 25.68 12.17
C PHE H 83 24.40 26.67 11.50
N PRO H 84 23.10 26.66 11.83
CA PRO H 84 22.14 27.49 11.12
C PRO H 84 22.14 28.94 11.64
N THR H 93 19.22 17.06 19.80
CA THR H 93 20.63 17.15 20.30
C THR H 93 21.51 16.15 19.54
N ALA H 94 20.94 15.05 19.06
CA ALA H 94 21.74 14.14 18.20
C ALA H 94 22.13 14.88 16.92
N GLU H 95 21.22 15.69 16.40
CA GLU H 95 21.55 16.49 15.21
C GLU H 95 22.64 17.50 15.56
N TYR H 96 22.56 18.07 16.75
CA TYR H 96 23.62 19.02 17.17
C TYR H 96 24.96 18.32 17.25
N PHE H 97 24.98 17.12 17.84
CA PHE H 97 26.26 16.39 17.96
C PHE H 97 26.79 16.02 16.59
N LEU H 98 25.90 15.65 15.67
CA LEU H 98 26.36 15.35 14.29
C LEU H 98 26.94 16.62 13.67
N ARG H 99 26.30 17.76 13.90
CA ARG H 99 26.83 19.03 13.35
C ARG H 99 28.20 19.31 13.97
N ALA H 100 28.36 19.02 15.26
CA ALA H 100 29.67 19.25 15.90
C ALA H 100 30.72 18.35 15.27
N VAL H 101 30.39 17.09 15.00
CA VAL H 101 31.38 16.13 14.47
C VAL H 101 31.64 16.41 13.00
N ARG H 102 30.73 17.10 12.33
CA ARG H 102 30.87 17.34 10.88
C ARG H 102 31.55 18.68 10.62
N ALA H 103 31.16 19.71 11.37
CA ALA H 103 31.80 21.04 11.23
C ALA H 103 33.27 20.88 11.51
N SER H 104 33.57 20.29 12.66
CA SER H 104 34.96 19.85 12.86
C SER H 104 35.07 18.61 11.97
N SER H 105 36.28 18.35 11.48
CA SER H 105 36.47 17.15 10.65
C SER H 105 37.31 16.19 11.48
N ILE H 106 36.86 15.94 12.69
CA ILE H 106 37.69 15.15 13.63
C ILE H 106 38.05 13.82 12.99
N PHE H 107 37.16 13.28 12.18
CA PHE H 107 37.42 11.91 11.67
C PHE H 107 38.36 11.96 10.49
N PRO H 108 38.15 12.77 9.45
CA PRO H 108 39.15 12.89 8.39
C PRO H 108 40.51 13.37 8.90
N ILE H 109 40.51 14.33 9.82
CA ILE H 109 41.79 14.81 10.38
C ILE H 109 42.46 13.70 11.18
N LEU H 110 41.66 12.93 11.92
CA LEU H 110 42.24 11.82 12.70
C LEU H 110 42.80 10.76 11.74
N SER H 111 42.14 10.56 10.61
CA SER H 111 42.68 9.63 9.60
C SER H 111 44.05 10.10 9.15
N VAL H 112 44.19 11.38 8.91
CA VAL H 112 45.48 11.89 8.42
C VAL H 112 46.52 11.70 9.53
N ILE H 113 46.16 11.96 10.77
CA ILE H 113 47.12 11.84 11.87
C ILE H 113 47.57 10.39 11.98
N LEU H 114 46.64 9.45 11.96
CA LEU H 114 47.00 8.03 12.14
C LEU H 114 47.85 7.55 10.96
N LEU H 115 47.55 8.00 9.75
CA LEU H 115 48.40 7.63 8.61
C LEU H 115 49.81 8.18 8.82
N PHE H 116 49.93 9.38 9.35
CA PHE H 116 51.26 9.95 9.59
C PHE H 116 52.02 9.11 10.61
N MET H 117 51.36 8.72 11.69
CA MET H 117 52.05 7.91 12.73
C MET H 117 52.40 6.54 12.16
N GLY H 118 51.56 5.98 11.31
CA GLY H 118 51.90 4.70 10.67
C GLY H 118 53.13 4.83 9.81
N GLY H 119 53.23 5.91 9.08
CA GLY H 119 54.44 6.13 8.28
C GLY H 119 55.66 6.25 9.15
N LEU H 120 55.50 6.89 10.31
CA LEU H 120 56.64 7.05 11.22
C LEU H 120 57.10 5.66 11.71
N CYS H 121 56.14 4.79 12.02
CA CYS H 121 56.49 3.45 12.51
C CYS H 121 57.22 2.68 11.40
N ILE H 122 56.74 2.78 10.17
CA ILE H 122 57.41 2.09 9.04
C ILE H 122 58.84 2.63 8.94
N ALA H 123 59.00 3.94 9.04
CA ALA H 123 60.35 4.52 8.90
C ALA H 123 61.25 3.99 10.01
N ALA H 124 60.72 3.93 11.23
CA ALA H 124 61.54 3.46 12.37
C ALA H 124 61.67 1.94 12.34
N SER H 125 61.08 1.27 11.37
CA SER H 125 61.24 -0.20 11.26
C SER H 125 62.71 -0.56 11.06
N GLU H 126 63.43 0.23 10.28
CA GLU H 126 64.86 -0.08 10.02
C GLU H 126 65.72 0.49 11.15
N PHE H 127 65.73 1.81 11.29
CA PHE H 127 66.47 2.42 12.40
C PHE H 127 65.86 1.89 13.69
N TYR H 128 66.72 1.48 14.62
CA TYR H 128 66.21 0.88 15.87
C TYR H 128 65.39 -0.36 15.51
N LYS H 129 66.02 -1.29 14.79
CA LYS H 129 65.36 -2.49 14.26
C LYS H 129 65.11 -3.56 15.32
N THR H 130 64.75 -4.76 14.88
CA THR H 130 64.60 -5.96 15.74
C THR H 130 63.59 -5.79 16.87
N ARG H 131 62.83 -4.69 16.89
CA ARG H 131 61.79 -4.58 17.93
C ARG H 131 60.58 -5.41 17.52
N HIS H 132 60.23 -5.42 16.24
CA HIS H 132 59.18 -6.33 15.70
C HIS H 132 57.78 -5.95 16.18
N ASN H 133 57.65 -5.02 17.11
CA ASN H 133 56.29 -4.56 17.48
C ASN H 133 56.02 -3.21 16.84
N ILE H 134 57.05 -2.59 16.29
CA ILE H 134 56.85 -1.30 15.59
C ILE H 134 56.13 -1.58 14.28
N ILE H 135 56.42 -2.70 13.64
CA ILE H 135 55.70 -3.06 12.40
C ILE H 135 54.24 -3.37 12.74
N LEU H 136 54.00 -4.04 13.86
CA LEU H 136 52.59 -4.28 14.24
C LEU H 136 51.91 -2.93 14.50
N SER H 137 52.60 -2.00 15.12
CA SER H 137 51.99 -0.69 15.38
C SER H 137 51.67 0.00 14.05
N ALA H 138 52.51 -0.20 13.05
CA ALA H 138 52.25 0.38 11.73
C ALA H 138 50.97 -0.21 11.15
N GLY H 139 50.83 -1.51 11.24
CA GLY H 139 49.62 -2.16 10.72
C GLY H 139 48.40 -1.67 11.46
N ILE H 140 48.48 -1.56 12.78
CA ILE H 140 47.28 -1.15 13.55
C ILE H 140 46.93 0.29 13.18
N PHE H 141 47.93 1.14 13.02
CA PHE H 141 47.68 2.56 12.68
C PHE H 141 47.02 2.66 11.31
N PHE H 142 47.48 1.88 10.35
CA PHE H 142 46.90 1.96 8.99
C PHE H 142 45.46 1.44 8.99
N VAL H 143 45.22 0.32 9.63
CA VAL H 143 43.83 -0.19 9.70
C VAL H 143 42.93 0.83 10.42
N SER H 144 43.41 1.44 11.48
CA SER H 144 42.58 2.40 12.23
C SER H 144 42.35 3.66 11.39
N ALA H 145 43.33 4.07 10.59
CA ALA H 145 43.14 5.23 9.71
C ALA H 145 42.03 4.91 8.72
N GLY H 146 41.98 3.69 8.23
CA GLY H 146 40.89 3.28 7.33
C GLY H 146 39.55 3.40 8.01
N LEU H 147 39.46 2.91 9.24
CA LEU H 147 38.15 2.92 9.93
C LEU H 147 37.73 4.36 10.20
N SER H 148 38.66 5.20 10.60
CA SER H 148 38.33 6.62 10.84
C SER H 148 37.87 7.28 9.55
N ASN H 149 38.52 6.96 8.45
CA ASN H 149 38.15 7.52 7.14
C ASN H 149 36.70 7.15 6.82
N ILE H 150 36.33 5.90 7.04
CA ILE H 150 34.96 5.50 6.64
C ILE H 150 33.95 6.18 7.56
N ILE H 151 34.26 6.29 8.84
CA ILE H 151 33.30 7.00 9.73
C ILE H 151 33.16 8.45 9.26
N GLY H 152 34.25 9.07 8.87
CA GLY H 152 34.18 10.45 8.37
C GLY H 152 33.33 10.56 7.12
N ILE H 153 33.48 9.62 6.20
CA ILE H 153 32.68 9.64 4.95
C ILE H 153 31.21 9.53 5.32
N ILE H 154 30.88 8.63 6.23
CA ILE H 154 29.45 8.44 6.56
C ILE H 154 28.91 9.70 7.23
N VAL H 155 29.68 10.31 8.11
CA VAL H 155 29.24 11.55 8.76
C VAL H 155 29.03 12.62 7.70
N TYR H 156 29.92 12.70 6.73
CA TYR H 156 29.81 13.76 5.70
C TYR H 156 28.53 13.55 4.92
N ILE H 157 28.33 12.36 4.39
CA ILE H 157 27.17 12.11 3.52
C ILE H 157 25.88 12.26 4.31
N SER H 158 25.89 11.87 5.57
CA SER H 158 24.67 11.99 6.40
C SER H 158 24.40 13.46 6.66
N ALA H 159 25.44 14.24 6.91
CA ALA H 159 25.24 15.66 7.25
C ALA H 159 24.73 16.41 6.03
N ASN H 160 25.25 16.11 4.85
CA ASN H 160 24.84 16.88 3.66
C ASN H 160 23.34 16.73 3.44
N ALA H 161 22.88 15.52 3.14
CA ALA H 161 21.45 15.37 2.79
C ALA H 161 20.58 15.64 4.02
N GLY H 162 19.66 16.58 3.90
CA GLY H 162 18.76 16.89 5.03
C GLY H 162 19.45 17.72 6.09
N SER H 173 19.77 18.43 -7.40
CA SER H 173 20.68 17.27 -7.56
C SER H 173 22.04 17.57 -6.95
N TYR H 174 23.01 16.65 -7.11
CA TYR H 174 24.38 16.92 -6.65
C TYR H 174 25.31 15.90 -7.27
N SER H 175 26.58 15.92 -6.86
CA SER H 175 27.56 14.96 -7.38
C SER H 175 28.80 15.06 -6.51
N TYR H 176 29.66 14.05 -6.59
CA TYR H 176 30.84 14.05 -5.70
C TYR H 176 32.08 14.40 -6.50
N GLY H 177 32.85 15.34 -5.99
CA GLY H 177 34.03 15.80 -6.72
C GLY H 177 35.13 14.78 -6.71
N TRP H 178 36.35 15.24 -6.93
CA TRP H 178 37.49 14.31 -6.98
C TRP H 178 38.19 14.24 -5.64
N SER H 179 37.98 15.20 -4.76
CA SER H 179 38.60 15.08 -3.43
C SER H 179 37.89 13.97 -2.63
N PHE H 180 36.59 13.83 -2.84
CA PHE H 180 35.87 12.75 -2.16
C PHE H 180 36.45 11.40 -2.57
N TYR H 181 36.68 11.22 -3.85
CA TYR H 181 37.23 9.94 -4.32
C TYR H 181 38.70 9.81 -3.95
N PHE H 182 39.39 10.91 -3.72
CA PHE H 182 40.77 10.80 -3.20
C PHE H 182 40.70 10.25 -1.78
N GLY H 183 39.73 10.67 -1.00
CA GLY H 183 39.52 10.09 0.32
C GLY H 183 39.21 8.62 0.24
N ALA H 184 38.34 8.23 -0.67
CA ALA H 184 37.97 6.81 -0.80
C ALA H 184 39.19 5.98 -1.20
N LEU H 185 39.97 6.47 -2.14
CA LEU H 185 41.17 5.72 -2.59
C LEU H 185 42.17 5.66 -1.44
N SER H 186 42.22 6.70 -0.62
CA SER H 186 43.10 6.70 0.56
C SER H 186 42.69 5.56 1.49
N PHE H 187 41.40 5.37 1.69
CA PHE H 187 40.93 4.29 2.57
C PHE H 187 41.39 2.95 2.01
N ILE H 188 41.20 2.74 0.73
CA ILE H 188 41.53 1.41 0.15
C ILE H 188 43.03 1.17 0.27
N ILE H 189 43.84 2.16 -0.06
CA ILE H 189 45.31 1.96 -0.05
C ILE H 189 45.77 1.75 1.38
N ALA H 190 45.20 2.47 2.33
CA ALA H 190 45.58 2.32 3.75
C ALA H 190 45.28 0.89 4.22
N GLU H 191 44.14 0.36 3.86
CA GLU H 191 43.80 -1.02 4.26
C GLU H 191 44.78 -2.00 3.62
N MET H 192 45.11 -1.82 2.35
CA MET H 192 46.08 -2.73 1.70
C MET H 192 47.42 -2.65 2.42
N VAL H 193 47.87 -1.46 2.75
CA VAL H 193 49.20 -1.31 3.38
C VAL H 193 49.14 -1.93 4.78
N GLY H 194 48.01 -1.85 5.44
CA GLY H 194 47.87 -2.50 6.76
C GLY H 194 48.02 -4.00 6.63
N VAL H 195 47.41 -4.58 5.61
CA VAL H 195 47.51 -6.03 5.42
C VAL H 195 48.97 -6.40 5.13
N LEU H 196 49.67 -5.59 4.35
CA LEU H 196 51.11 -5.86 4.10
C LEU H 196 51.92 -5.75 5.38
N ALA H 197 51.67 -4.74 6.19
CA ALA H 197 52.40 -4.60 7.46
C ALA H 197 52.18 -5.82 8.34
N VAL H 198 50.95 -6.27 8.48
CA VAL H 198 50.69 -7.43 9.37
C VAL H 198 51.36 -8.66 8.77
N HIS H 199 51.39 -8.77 7.46
CA HIS H 199 52.02 -9.94 6.82
C HIS H 199 53.51 -9.93 7.13
N MET H 200 54.13 -8.76 7.07
CA MET H 200 55.57 -8.66 7.36
C MET H 200 55.83 -9.01 8.82
N PHE H 201 54.99 -8.57 9.72
CA PHE H 201 55.18 -8.89 11.14
C PHE H 201 55.09 -10.40 11.34
N ILE H 202 54.12 -11.02 10.70
CA ILE H 202 53.93 -12.49 10.85
C ILE H 202 55.18 -13.18 10.33
N ASP H 203 55.70 -12.73 9.20
CA ASP H 203 56.87 -13.43 8.63
C ASP H 203 58.08 -13.22 9.53
N ARG H 204 58.21 -12.05 10.13
CA ARG H 204 59.36 -11.80 11.02
C ARG H 204 59.29 -12.74 12.24
N HIS H 205 58.12 -12.94 12.83
CA HIS H 205 58.09 -13.91 13.95
C HIS H 205 58.24 -15.34 13.45
N LYS H 206 57.79 -15.67 12.25
CA LYS H 206 58.03 -17.05 11.78
C LYS H 206 59.55 -17.27 11.67
N GLN H 207 60.26 -16.30 11.12
CA GLN H 207 61.72 -16.44 11.00
C GLN H 207 62.34 -16.49 12.39
N LEU H 208 61.90 -15.61 13.29
CA LEU H 208 62.45 -15.63 14.67
C LEU H 208 62.23 -17.00 15.31
N ARG H 209 61.13 -17.67 14.97
CA ARG H 209 60.80 -18.97 15.61
C ARG H 209 61.32 -20.14 14.77
N ALA H 210 61.96 -19.86 13.63
CA ALA H 210 62.47 -20.93 12.77
C ALA H 210 63.77 -21.51 13.30
C1 PLM I . -8.20 -19.92 13.54
O1 PLM I . -8.91 -19.44 14.46
O2 PLM I . -8.28 -19.57 12.35
C2 PLM I . -7.19 -21.02 13.90
C3 PLM I . -5.72 -20.72 13.65
C4 PLM I . -4.89 -21.95 13.24
C5 PLM I . -3.57 -22.11 13.97
C6 PLM I . -3.40 -23.45 14.69
C7 PLM I . -3.12 -24.65 13.78
C8 PLM I . -1.88 -25.46 14.13
C9 PLM I . -0.57 -24.69 14.04
CA PLM I . 0.67 -25.55 13.90
CB PLM I . 1.95 -24.79 13.75
CC PLM I . 3.17 -25.60 13.40
CD PLM I . 4.18 -24.85 12.56
CE PLM I . 5.65 -25.20 12.83
CF PLM I . 6.47 -25.59 11.62
CG PLM I . 6.62 -27.07 11.37
C18 OLC J . 13.64 -33.36 16.83
C10 OLC J . 8.46 -25.91 17.44
C9 OLC J . 7.59 -25.18 16.81
C17 OLC J . 13.07 -31.95 16.93
C11 OLC J . 9.58 -26.64 16.78
C8 OLC J . 6.43 -24.47 17.44
C24 OLC J . -5.62 -21.61 17.11
C16 OLC J . 12.84 -31.49 18.35
C12 OLC J . 10.72 -26.97 17.69
C7 OLC J . 5.40 -25.43 17.91
C15 OLC J . 11.61 -30.64 18.51
C13 OLC J . 10.62 -28.34 18.34
C6 OLC J . 4.22 -24.77 18.59
C14 OLC J . 11.77 -29.25 17.99
C5 OLC J . 3.24 -24.14 17.64
C4 OLC J . 2.24 -23.27 18.34
C3 OLC J . 0.87 -23.90 18.50
C2 OLC J . -0.14 -22.93 19.02
C21 OLC J . -3.79 -22.55 18.55
C1 OLC J . -1.52 -23.18 18.46
C22 OLC J . -4.58 -21.32 18.16
O19 OLC J . -1.77 -24.18 17.85
O25 OLC J . -6.25 -22.86 17.39
O23 OLC J . -5.20 -20.77 19.33
O20 OLC J . -2.40 -22.20 18.70
C1 PLM K . 16.80 -44.24 15.46
O1 PLM K . 17.10 -44.22 14.25
O2 PLM K . 17.16 -43.35 16.26
C2 PLM K . 15.98 -45.40 15.98
C3 PLM K . 14.84 -45.15 16.99
C4 PLM K . 13.71 -46.20 16.91
C5 PLM K . 12.73 -46.02 15.75
C6 PLM K . 11.41 -46.77 15.87
C7 PLM K . 10.25 -46.19 15.07
C8 PLM K . 9.33 -45.27 15.87
C9 PLM K . 8.52 -44.26 15.08
CA PLM K . 9.04 -42.83 15.11
CB PLM K . 8.05 -41.78 14.60
CC PLM K . 7.75 -41.82 13.13
CD PLM K . 7.35 -40.50 12.52
CE PLM K . 5.95 -40.05 12.85
C1 PLM L . 4.01 -19.79 -16.18
O1 PLM L . 3.65 -20.71 -16.94
O2 PLM L . 3.29 -18.81 -15.92
C2 PLM L . 5.40 -19.84 -15.58
C3 PLM L . 5.84 -21.12 -14.94
C4 PLM L . 6.69 -22.02 -15.83
C5 PLM L . 8.18 -21.73 -15.80
C6 PLM L . 9.04 -22.92 -15.46
C7 PLM L . 9.01 -23.31 -14.00
C8 PLM L . 10.36 -23.39 -13.33
C9 PLM L . 10.33 -23.24 -11.82
CA PLM L . 11.41 -24.02 -11.12
CB PLM L . 12.56 -23.21 -10.58
CC PLM L . 13.33 -23.83 -9.45
CD PLM L . 14.77 -23.35 -9.33
CE PLM L . 15.79 -24.26 -9.99
CF PLM L . 17.20 -23.72 -10.08
CG PLM L . 17.94 -23.68 -8.77
C18 OLC M . 21.01 -32.55 -8.03
C10 OLC M . 13.60 -28.25 -6.84
C9 OLC M . 12.42 -27.86 -7.21
C17 OLC M . 19.74 -33.25 -7.61
C11 OLC M . 14.46 -29.25 -7.53
C8 OLC M . 11.75 -28.33 -8.46
C24 OLC M . 1.77 -23.22 -15.63
C16 OLC M . 18.58 -32.33 -7.32
C12 OLC M . 14.17 -30.64 -7.09
C7 OLC M . 10.57 -27.49 -8.79
C15 OLC M . 17.23 -32.93 -7.61
C13 OLC M . 15.43 -31.43 -6.75
C6 OLC M . 9.73 -28.03 -9.94
C14 OLC M . 16.16 -31.93 -7.95
C5 OLC M . 8.88 -26.98 -10.58
C4 OLC M . 7.72 -27.51 -11.32
C3 OLC M . 6.99 -26.40 -12.04
C2 OLC M . 5.63 -26.78 -12.56
C21 OLC M . 3.29 -24.55 -14.17
C1 OLC M . 5.20 -25.83 -13.65
C22 OLC M . 2.66 -24.43 -15.53
O19 OLC M . 5.99 -25.11 -14.15
O25 OLC M . 0.89 -23.32 -16.74
O23 OLC M . 3.69 -24.36 -16.51
O20 OLC M . 3.91 -25.85 -14.01
N POV N . -3.09 -23.56 -13.96
P POV N . -3.37 -28.25 -14.54
C1 POV N . -4.33 -28.90 -12.11
C2 POV N . -4.30 -30.35 -11.68
C3 POV N . -4.43 -30.51 -10.18
C210 POV N . 7.90 -33.96 -9.66
C11 POV N . -2.45 -25.81 -15.13
O11 POV N . -4.53 -28.78 -13.56
C211 POV N . 8.37 -32.60 -9.26
C12 POV N . -2.02 -24.53 -14.43
O12 POV N . -3.12 -26.70 -14.19
C212 POV N . 9.82 -32.38 -9.44
C13 POV N . -4.00 -23.19 -15.07
O13 POV N . -2.09 -29.00 -14.29
C213 POV N . 10.70 -33.25 -8.55
C14 POV N . -3.88 -24.13 -12.83
O14 POV N . -3.91 -28.30 -15.94
C214 POV N . 11.94 -33.74 -9.24
C15 POV N . -2.43 -22.33 -13.48
C215 POV N . 12.84 -32.68 -9.80
C21 POV N . -1.89 -30.69 -11.78
O21 POV N . -3.12 -31.04 -12.19
C22 POV N . -1.00 -31.75 -11.17
O22 POV N . -1.48 -29.58 -11.96
C23 POV N . 0.41 -31.72 -11.70
C24 POV N . 1.42 -31.29 -10.65
C25 POV N . 2.08 -32.41 -9.94
C26 POV N . 3.17 -33.06 -10.72
C27 POV N . 4.15 -33.85 -9.87
C28 POV N . 5.52 -33.25 -9.82
C29 POV N . 6.65 -34.24 -9.89
C31 POV N . -4.14 -32.60 -9.05
O31 POV N . -3.59 -31.61 -9.76
C32 POV N . -3.27 -33.86 -9.00
O32 POV N . -5.18 -32.50 -8.48
C33 POV N . -2.69 -34.14 -7.67
C34 POV N . -1.58 -35.16 -7.73
C35 POV N . -0.27 -34.61 -8.18
C36 POV N . 0.84 -35.66 -8.35
C37 POV N . 0.99 -36.70 -7.25
C38 POV N . 2.06 -37.74 -7.52
C39 POV N . 2.21 -38.78 -6.44
C18 OLC O . 37.35 -13.54 -2.75
C10 OLC O . 29.54 -10.23 -6.19
C9 OLC O . 28.82 -9.28 -6.69
C17 OLC O . 36.31 -14.07 -3.69
C11 OLC O . 30.77 -10.79 -6.84
C8 OLC O . 29.17 -8.52 -7.93
C24 OLC O . 25.30 3.13 -12.74
C16 OLC O . 35.83 -13.05 -4.69
C12 OLC O . 31.53 -11.70 -5.95
C7 OLC O . 28.23 -7.41 -8.19
C15 OLC O . 34.44 -13.31 -5.20
C13 OLC O . 32.59 -12.50 -6.69
C6 OLC O . 28.71 -6.44 -9.26
C14 OLC O . 33.98 -12.29 -6.20
C5 OLC O . 28.07 -5.09 -9.17
C4 OLC O . 28.10 -4.34 -10.47
C3 OLC O . 27.22 -3.11 -10.52
C2 OLC O . 27.90 -1.95 -11.18
C21 OLC O . 26.97 1.29 -12.45
C1 OLC O . 26.97 -0.99 -11.85
C22 OLC O . 25.52 1.67 -12.45
O19 OLC O . 26.14 -1.29 -12.66
O25 OLC O . 23.90 3.43 -12.72
O23 OLC O . 24.81 0.88 -13.40
O20 OLC O . 27.18 0.26 -11.46
C1 PLM P . 23.79 5.50 -9.65
O1 PLM P . 22.60 5.73 -9.35
O2 PLM P . 24.59 6.39 -10.01
C2 PLM P . 24.30 4.06 -9.60
C3 PLM P . 24.14 3.31 -8.30
C4 PLM P . 24.83 1.95 -8.31
C5 PLM P . 26.21 1.92 -7.65
C6 PLM P . 26.87 0.56 -7.63
C7 PLM P . 27.97 0.38 -6.62
C8 PLM P . 28.48 -1.04 -6.50
C9 PLM P . 27.62 -1.96 -5.65
CA PLM P . 27.77 -3.42 -5.95
CB PLM P . 27.11 -4.35 -4.97
CC PLM P . 27.96 -4.77 -3.80
CD PLM P . 27.48 -6.03 -3.10
CE PLM P . 28.14 -6.30 -1.76
CF PLM P . 29.54 -6.89 -1.79
CG PLM P . 30.15 -7.13 -0.42
C1 PLM Q . 14.16 3.15 21.01
O1 PLM Q . 14.72 3.50 19.96
O2 PLM Q . 13.69 3.96 21.85
C2 PLM Q . 14.04 1.67 21.30
C3 PLM Q . 15.10 0.76 20.72
C4 PLM Q . 16.16 0.34 21.74
C5 PLM Q . 16.74 -1.05 21.49
C6 PLM Q . 17.75 -1.52 22.51
C7 PLM Q . 18.17 -2.97 22.34
C8 PLM Q . 18.70 -3.32 20.97
C9 PLM Q . 19.11 -4.77 20.83
CA PLM Q . 19.46 -5.22 19.43
CB PLM Q . 19.28 -6.69 19.21
CC PLM Q . 20.41 -7.44 18.56
CD PLM Q . 20.36 -8.94 18.76
CE PLM Q . 21.02 -9.41 20.03
CF PLM Q . 20.70 -10.80 20.54
CG PLM Q . 20.38 -11.84 19.49
C18 OLC R . 29.84 -14.30 21.65
C10 OLC R . 24.88 -7.33 18.09
C9 OLC R . 25.07 -6.08 17.74
C17 OLC R . 30.37 -13.08 20.91
C11 OLC R . 25.86 -8.41 17.84
C8 OLC R . 24.11 -4.94 17.90
C24 OLC R . 17.29 4.96 20.69
C16 OLC R . 29.44 -11.91 20.92
C12 OLC R . 27.18 -8.18 18.50
C7 OLC R . 24.05 -4.44 19.29
C15 OLC R . 29.44 -11.11 19.63
C13 OLC R . 28.15 -9.34 18.41
C6 OLC R . 24.02 -2.93 19.42
C14 OLC R . 28.74 -9.78 19.71
C5 OLC R . 22.64 -2.35 19.48
C4 OLC R . 22.62 -0.88 19.76
C3 OLC R . 21.22 -0.32 19.85
C2 OLC R . 21.17 1.19 19.79
C21 OLC R . 19.61 3.96 20.92
C1 OLC R . 20.48 1.77 20.99
C22 OLC R . 18.39 4.52 21.63
O19 OLC R . 20.83 1.51 22.11
O25 OLC R . 17.33 6.37 20.51
O23 OLC R . 17.89 3.55 22.55
O20 OLC R . 19.44 2.54 20.69
N POV S . 18.22 9.62 17.93
P POV S . 22.41 9.75 20.09
C1 POV S . 23.43 10.06 17.63
C2 POV S . 24.94 10.08 17.66
C3 POV S . 25.51 9.89 16.27
C210 POV S . 29.16 -1.65 20.37
C11 POV S . 20.29 8.55 18.98
O11 POV S . 22.87 10.65 18.84
C211 POV S . 29.36 -2.59 19.23
C12 POV S . 19.69 9.33 17.83
O12 POV S . 20.82 9.50 19.96
C212 POV S . 28.88 -3.97 19.51
C13 POV S . 17.42 8.42 17.56
O13 POV S . 22.61 10.66 21.27
C213 POV S . 29.94 -4.88 20.10
C14 POV S . 17.85 10.04 19.30
O14 POV S . 23.15 8.43 20.11
C214 POV S . 29.54 -6.34 20.18
C15 POV S . 17.88 10.73 17.00
C21 POV S . 25.52 7.80 18.24
O21 POV S . 25.46 9.09 18.61
C22 POV S . 26.57 6.88 18.82
O22 POV S . 24.75 7.35 17.45
C23 POV S . 27.15 5.94 17.79
C24 POV S . 27.42 4.54 18.34
C25 POV S . 28.86 4.31 18.72
C26 POV S . 29.37 2.92 18.42
C27 POV S . 28.57 1.83 19.10
C28 POV S . 29.23 0.48 19.06
C29 POV S . 28.99 -0.35 20.28
C31 POV S . 27.77 10.28 15.64
O31 POV S . 26.91 9.50 16.31
C32 POV S . 29.21 10.04 16.03
O32 POV S . 27.43 11.10 14.83
C33 POV S . 30.06 9.53 14.91
C34 POV S . 31.03 8.46 15.39
C35 POV S . 30.40 7.26 16.07
C36 POV S . 31.12 5.91 15.82
C37 POV S . 32.34 5.56 16.67
C38 POV S . 33.31 4.57 16.00
N POV T . -6.40 -16.35 21.61
P POV T . -5.39 -19.40 24.23
C1 POV T . -4.19 -17.65 25.85
C2 POV T . -3.18 -17.77 26.97
C3 POV T . -2.82 -16.44 27.58
C210 POV T . 6.63 -26.36 23.56
C11 POV T . -6.68 -18.89 21.94
O11 POV T . -4.07 -18.77 24.91
C211 POV T . 7.27 -26.78 22.28
C12 POV T . -7.32 -17.52 21.92
O12 POV T . -5.43 -18.84 22.72
C212 POV T . 8.12 -28.00 22.43
C13 POV T . -5.56 -16.01 22.78
O13 POV T . -5.11 -20.88 24.06
C213 POV T . 8.64 -28.57 21.13
C14 POV T . -5.54 -16.68 20.44
O14 POV T . -6.61 -18.98 24.98
C214 POV T . 8.17 -29.99 20.84
C15 POV T . -7.22 -15.16 21.25
C21 POV T . -1.79 -19.72 26.68
O21 POV T . -1.94 -18.39 26.52
C22 POV T . -0.39 -20.15 27.08
O22 POV T . -2.71 -20.46 26.50
C23 POV T . 0.13 -21.24 26.20
C24 POV T . 1.57 -21.61 26.47
C25 POV T . 2.23 -22.39 25.35
C26 POV T . 3.27 -23.38 25.80
C27 POV T . 3.62 -24.44 24.76
C28 POV T . 4.96 -25.07 24.94
C29 POV T . 5.52 -25.67 23.68
C31 POV T . -1.20 -16.29 29.34
O31 POV T . -2.45 -16.59 28.97
C32 POV T . -0.20 -17.43 29.31
O32 POV T . -0.87 -15.18 29.69
C33 POV T . 0.58 -17.65 30.59
C34 POV T . 2.04 -17.90 30.34
C35 POV T . 2.38 -19.26 29.71
C36 POV T . 3.69 -19.86 30.26
C37 POV T . 4.33 -21.00 29.48
C1 PLM U . -11.16 -26.00 13.96
O1 PLM U . -11.14 -26.85 13.04
O2 PLM U . -12.22 -25.51 14.40
C2 PLM U . -9.84 -25.51 14.54
C3 PLM U . -9.14 -26.42 15.53
C4 PLM U . -7.78 -25.91 16.03
C5 PLM U . -6.71 -27.00 16.11
C6 PLM U . -5.49 -26.69 16.98
C7 PLM U . -4.48 -27.82 17.10
C8 PLM U . -3.10 -27.45 17.62
C9 PLM U . -2.08 -28.57 17.58
CA PLM U . -0.64 -28.13 17.75
CB PLM U . 0.40 -29.14 17.21
CC PLM U . 1.65 -28.53 16.62
CD PLM U . 2.78 -29.51 16.37
CE PLM U . 4.08 -28.86 15.93
CF PLM U . 5.26 -29.78 15.66
CG PLM U . 6.31 -29.24 14.70
C1 PLM V . 4.78 -20.33 -24.48
O1 PLM V . 5.80 -20.34 -25.19
O2 PLM V . 4.10 -19.30 -24.25
C2 PLM V . 4.35 -21.65 -23.86
C3 PLM V . 4.89 -21.97 -22.48
C4 PLM V . 5.30 -23.43 -22.27
C5 PLM V . 5.19 -23.94 -20.84
C6 PLM V . 6.41 -24.70 -20.33
C7 PLM V . 6.17 -25.54 -19.07
C8 PLM V . 7.42 -26.13 -18.44
C9 PLM V . 7.20 -26.80 -17.11
CA PLM V . 8.31 -27.73 -16.66
CB PLM V . 9.58 -27.04 -16.22
CC PLM V . 10.50 -27.88 -15.34
CD PLM V . 11.62 -27.11 -14.71
CE PLM V . 12.80 -27.96 -14.25
CF PLM V . 13.09 -27.93 -12.78
CG PLM V . 14.53 -28.18 -12.38
P POV W . 32.68 -39.58 -10.56
C1 POV W . 31.81 -37.71 -12.23
C2 POV W . 31.15 -38.62 -13.24
C3 POV W . 30.83 -37.88 -14.52
C210 POV W . 19.98 -33.95 -13.44
C310 POV W . 23.41 -30.45 -17.35
O11 POV W . 31.75 -38.32 -10.91
C311 POV W . 22.17 -31.29 -17.39
O12 POV W . 31.74 -40.61 -9.76
C312 POV W . 20.97 -30.58 -17.98
O13 POV W . 33.13 -40.29 -11.82
O14 POV W . 33.71 -39.10 -9.57
C21 POV W . 29.02 -38.37 -12.22
O21 POV W . 29.94 -39.21 -12.70
C22 POV W . 27.83 -38.06 -13.11
O22 POV W . 29.13 -37.87 -11.12
C23 POV W . 26.64 -37.48 -12.36
C24 POV W . 25.52 -36.99 -13.27
C25 POV W . 24.55 -36.10 -12.55
C26 POV W . 23.51 -36.85 -11.75
C27 POV W . 22.10 -36.71 -12.30
C28 POV W . 21.45 -35.39 -12.03
C29 POV W . 20.25 -35.10 -12.90
C31 POV W . 29.67 -38.04 -16.54
O31 POV W . 29.82 -38.54 -15.31
C32 POV W . 28.32 -37.39 -16.76
O32 POV W . 30.55 -38.08 -17.37
C33 POV W . 27.85 -37.40 -18.21
C34 POV W . 27.25 -36.07 -18.68
C35 POV W . 25.94 -35.69 -18.03
C36 POV W . 25.90 -34.25 -17.53
C37 POV W . 24.64 -33.76 -16.82
C38 POV W . 24.72 -32.33 -16.29
C39 POV W . 24.66 -31.28 -17.37
N POV X . 21.68 1.94 -17.57
P POV X . 25.80 0.48 -19.36
C1 POV X . 24.71 -1.95 -19.21
C2 POV X . 25.47 -2.62 -20.32
C3 POV X . 24.75 -2.46 -21.64
C210 POV X . 31.89 -9.17 -11.35
C310 POV X . 29.60 -10.17 -20.44
C11 POV X . 24.19 2.29 -18.15
O11 POV X . 24.59 -0.56 -19.63
C211 POV X . 32.62 -10.47 -11.28
C311 POV X . 30.59 -11.22 -20.89
C12 POV X . 22.99 1.38 -18.10
O12 POV X . 25.40 1.45 -18.14
C212 POV X . 32.95 -10.89 -9.87
C13 POV X . 21.60 1.59 -16.11
O13 POV X . 26.00 1.22 -20.66
C213 POV X . 34.14 -10.18 -9.26
C14 POV X . 21.61 3.42 -17.79
O14 POV X . 26.95 -0.33 -18.83
C15 POV X . 20.57 1.29 -18.31
C21 POV X . 26.68 -4.31 -19.15
O21 POV X . 25.68 -4.03 -20.02
C22 POV X . 26.97 -5.75 -18.80
O22 POV X . 27.30 -3.43 -18.62
C23 POV X . 27.88 -5.89 -17.59
C24 POV X . 28.63 -7.23 -17.50
C25 POV X . 29.95 -7.16 -16.74
C26 POV X . 29.97 -7.93 -15.44
C27 POV X . 31.37 -8.25 -14.92
C28 POV X . 31.40 -9.25 -13.80
C29 POV X . 31.44 -8.61 -12.45
C31 POV X . 22.71 -3.09 -22.62
O31 POV X . 23.38 -2.90 -21.47
C32 POV X . 22.17 -4.50 -22.80
O32 POV X . 22.59 -2.23 -23.45
C33 POV X . 23.05 -5.33 -23.68
C34 POV X . 23.77 -6.41 -22.87
C35 POV X . 25.00 -7.04 -23.48
C36 POV X . 26.16 -7.29 -22.51
C37 POV X . 26.52 -8.74 -22.23
C38 POV X . 27.49 -8.95 -21.08
C39 POV X . 28.27 -10.23 -21.14
#